data_2MG4
#
_entry.id   2MG4
#
_entity_poly.entity_id   1
_entity_poly.type   'polypeptide(L)'
_entity_poly.pdbx_seq_one_letter_code
;MEKRPRTEFSEEQKKALDLAFYFDRRLTPEWRRYLSQRLGLNEEQIERWFRRKEQQIGWSHPQFEK
;
_entity_poly.pdbx_strand_id   A,B
#
# COMPACT_ATOMS: atom_id res chain seq x y z
N MET A 1 -15.44 5.82 -8.35
CA MET A 1 -14.01 5.55 -8.38
C MET A 1 -13.73 4.30 -7.66
N GLU A 2 -13.32 3.21 -8.31
CA GLU A 2 -13.01 2.04 -7.58
C GLU A 2 -11.76 1.47 -8.08
N LYS A 3 -11.54 1.40 -9.40
CA LYS A 3 -10.30 0.93 -9.88
C LYS A 3 -9.62 2.04 -10.52
N ARG A 4 -8.33 1.94 -10.89
CA ARG A 4 -7.69 3.01 -11.55
C ARG A 4 -7.96 2.91 -12.98
N PRO A 5 -8.65 3.86 -13.62
CA PRO A 5 -8.98 3.76 -15.00
C PRO A 5 -7.95 4.19 -15.89
N ARG A 6 -7.28 5.30 -15.69
CA ARG A 6 -6.31 5.74 -16.61
C ARG A 6 -5.09 6.12 -15.92
N THR A 7 -4.43 5.18 -15.24
CA THR A 7 -3.21 5.43 -14.56
C THR A 7 -3.24 6.65 -13.76
N GLU A 8 -4.21 6.83 -12.85
CA GLU A 8 -4.25 8.00 -12.07
C GLU A 8 -4.34 7.68 -10.65
N PHE A 9 -4.09 6.44 -10.21
CA PHE A 9 -4.14 6.06 -8.84
C PHE A 9 -5.44 6.39 -8.24
N SER A 10 -6.45 5.52 -8.35
CA SER A 10 -7.72 5.79 -7.80
C SER A 10 -7.71 5.48 -6.36
N GLU A 11 -8.84 5.53 -5.65
CA GLU A 11 -8.87 5.30 -4.25
C GLU A 11 -8.28 4.02 -3.88
N GLU A 12 -8.48 2.95 -4.65
CA GLU A 12 -7.93 1.70 -4.31
C GLU A 12 -6.47 1.75 -4.27
N GLN A 13 -5.82 2.65 -5.02
CA GLN A 13 -4.42 2.72 -5.10
C GLN A 13 -3.92 3.67 -4.11
N LYS A 14 -4.60 4.82 -3.89
CA LYS A 14 -4.15 5.81 -2.98
C LYS A 14 -3.85 5.25 -1.67
N LYS A 15 -4.63 4.26 -1.21
CA LYS A 15 -4.38 3.65 0.04
C LYS A 15 -3.03 3.10 0.09
N ALA A 16 -2.62 2.31 -0.91
CA ALA A 16 -1.36 1.67 -0.89
C ALA A 16 -0.28 2.62 -0.74
N LEU A 17 -0.26 3.75 -1.47
CA LEU A 17 0.84 4.63 -1.34
C LEU A 17 0.86 5.23 -0.02
N ASP A 18 -0.26 5.36 0.72
CA ASP A 18 -0.20 5.93 2.00
C ASP A 18 0.41 5.00 2.95
N LEU A 19 0.52 3.70 2.66
CA LEU A 19 1.13 2.82 3.58
C LEU A 19 2.59 2.98 3.50
N ALA A 20 3.16 3.46 2.39
CA ALA A 20 4.56 3.57 2.31
C ALA A 20 5.02 4.83 2.88
N PHE A 21 4.61 5.97 2.29
CA PHE A 21 5.03 7.24 2.73
C PHE A 21 6.49 7.32 2.90
N TYR A 22 7.31 6.74 2.00
CA TYR A 22 8.72 6.83 2.09
C TYR A 22 9.32 6.02 3.16
N PHE A 23 8.60 5.29 4.02
CA PHE A 23 9.26 4.64 5.08
C PHE A 23 9.96 3.41 4.70
N ASP A 24 9.58 2.65 3.65
CA ASP A 24 10.30 1.48 3.37
C ASP A 24 11.12 1.68 2.18
N ARG A 25 11.87 2.79 2.12
CA ARG A 25 12.67 3.12 1.00
C ARG A 25 11.80 3.29 -0.16
N ARG A 26 10.54 3.72 0.01
CA ARG A 26 9.68 3.85 -1.09
C ARG A 26 9.80 5.20 -1.62
N LEU A 27 9.12 5.57 -2.71
CA LEU A 27 9.20 6.88 -3.23
C LEU A 27 10.58 7.24 -3.58
N THR A 28 11.46 6.32 -3.98
CA THR A 28 12.75 6.73 -4.40
C THR A 28 12.91 6.32 -5.80
N PRO A 29 13.93 6.75 -6.56
CA PRO A 29 14.06 6.37 -7.92
C PRO A 29 14.03 4.96 -8.18
N GLU A 30 14.20 4.06 -7.24
CA GLU A 30 14.14 2.69 -7.58
C GLU A 30 12.93 2.08 -7.03
N TRP A 31 12.13 2.77 -6.20
CA TRP A 31 10.94 2.19 -5.73
C TRP A 31 9.78 2.86 -6.31
N ARG A 32 9.92 3.94 -7.09
CA ARG A 32 8.81 4.50 -7.73
C ARG A 32 8.47 3.63 -8.85
N ARG A 33 9.48 3.23 -9.66
CA ARG A 33 9.24 2.34 -10.73
C ARG A 33 8.90 0.99 -10.24
N TYR A 34 9.27 0.63 -9.00
CA TYR A 34 8.92 -0.64 -8.46
C TYR A 34 7.48 -0.70 -8.30
N LEU A 35 6.86 0.33 -7.70
CA LEU A 35 5.47 0.32 -7.53
C LEU A 35 4.82 0.31 -8.83
N SER A 36 5.22 1.17 -9.79
CA SER A 36 4.59 1.26 -11.05
C SER A 36 4.34 -0.05 -11.66
N GLN A 37 5.29 -0.99 -11.63
CA GLN A 37 5.12 -2.27 -12.22
C GLN A 37 3.82 -2.89 -11.92
N ARG A 38 3.36 -2.98 -10.66
CA ARG A 38 2.13 -3.62 -10.41
C ARG A 38 1.17 -2.66 -9.86
N LEU A 39 1.49 -1.37 -9.78
CA LEU A 39 0.58 -0.41 -9.28
C LEU A 39 -0.26 0.03 -10.40
N GLY A 40 0.32 0.43 -11.53
CA GLY A 40 -0.47 0.80 -12.64
C GLY A 40 -0.16 2.15 -13.12
N LEU A 41 0.50 3.04 -12.38
CA LEU A 41 0.78 4.31 -12.93
C LEU A 41 2.22 4.57 -12.85
N ASN A 42 2.75 5.63 -13.47
CA ASN A 42 4.15 5.81 -13.48
C ASN A 42 4.66 6.61 -12.36
N GLU A 43 6.00 6.74 -12.29
CA GLU A 43 6.64 7.43 -11.25
C GLU A 43 6.17 8.81 -11.16
N GLU A 44 5.70 9.44 -12.25
CA GLU A 44 5.18 10.75 -12.17
C GLU A 44 4.03 10.78 -11.27
N GLN A 45 3.11 9.82 -11.33
CA GLN A 45 1.97 9.86 -10.48
C GLN A 45 2.34 9.48 -9.12
N ILE A 46 3.54 8.95 -8.86
CA ILE A 46 3.93 8.65 -7.52
C ILE A 46 4.33 9.90 -6.91
N GLU A 47 5.11 10.76 -7.60
CA GLU A 47 5.53 11.98 -7.03
C GLU A 47 4.42 12.93 -6.94
N ARG A 48 3.35 12.82 -7.75
CA ARG A 48 2.26 13.70 -7.59
C ARG A 48 1.49 13.29 -6.42
N TRP A 49 1.27 11.99 -6.17
CA TRP A 49 0.62 11.60 -4.99
C TRP A 49 1.39 12.04 -3.82
N PHE A 50 2.72 11.86 -3.83
CA PHE A 50 3.53 12.16 -2.72
C PHE A 50 3.41 13.56 -2.32
N ARG A 51 3.56 14.55 -3.20
CA ARG A 51 3.47 15.88 -2.72
C ARG A 51 2.08 16.24 -2.47
N ARG A 52 1.08 15.83 -3.27
CA ARG A 52 -0.26 16.18 -2.94
C ARG A 52 -0.72 15.57 -1.69
N LYS A 53 -0.01 14.62 -1.05
CA LYS A 53 -0.46 14.07 0.15
C LYS A 53 -0.19 15.00 1.25
N GLU A 54 0.97 15.66 1.29
CA GLU A 54 1.30 16.50 2.38
C GLU A 54 1.07 17.91 2.06
N GLN A 55 1.41 18.37 0.85
CA GLN A 55 1.29 19.74 0.52
C GLN A 55 -0.10 20.21 0.52
N GLN A 56 -1.13 19.35 0.64
CA GLN A 56 -2.46 19.82 0.63
C GLN A 56 -2.71 20.78 1.69
N ILE A 57 -2.09 20.70 2.87
CA ILE A 57 -2.40 21.63 3.88
C ILE A 57 -1.19 22.29 4.40
N GLY A 58 0.00 22.18 3.79
CA GLY A 58 1.11 22.81 4.42
C GLY A 58 2.18 21.84 4.68
N TRP A 59 2.13 20.61 4.15
CA TRP A 59 3.18 19.67 4.30
C TRP A 59 3.29 19.05 5.62
N SER A 60 2.32 19.06 6.54
CA SER A 60 2.54 18.37 7.75
C SER A 60 2.02 17.01 7.68
N HIS A 61 1.33 16.61 6.59
CA HIS A 61 0.85 15.29 6.42
C HIS A 61 -0.11 14.85 7.44
N PRO A 62 -1.20 15.58 7.76
CA PRO A 62 -2.13 15.10 8.70
C PRO A 62 -3.15 14.33 8.04
N GLN A 63 -3.08 14.10 6.75
CA GLN A 63 -4.11 13.40 6.10
C GLN A 63 -3.68 12.05 5.79
N PHE A 64 -4.45 11.02 6.19
CA PHE A 64 -4.07 9.68 5.90
C PHE A 64 -5.12 9.11 5.06
N GLU A 65 -6.40 9.16 5.48
CA GLU A 65 -7.45 8.66 4.68
C GLU A 65 -8.09 9.74 3.94
N LYS A 66 -7.64 11.00 4.09
CA LYS A 66 -8.27 12.05 3.38
C LYS A 66 -7.51 12.32 2.16
N MET B 1 -6.40 -13.32 -11.12
CA MET B 1 -6.46 -12.57 -9.87
C MET B 1 -6.21 -11.15 -10.14
N GLU B 2 -7.19 -10.25 -10.00
CA GLU B 2 -6.92 -8.88 -10.22
C GLU B 2 -7.53 -8.10 -9.13
N LYS B 3 -8.77 -8.37 -8.73
CA LYS B 3 -9.35 -7.68 -7.65
C LYS B 3 -9.50 -8.61 -6.55
N ARG B 4 -9.82 -8.17 -5.31
CA ARG B 4 -10.03 -9.09 -4.27
C ARG B 4 -11.41 -9.57 -4.31
N PRO B 5 -11.69 -10.86 -4.54
CA PRO B 5 -13.02 -11.33 -4.67
C PRO B 5 -13.67 -11.60 -3.42
N ARG B 6 -13.06 -12.28 -2.47
CA ARG B 6 -13.74 -12.59 -1.26
C ARG B 6 -12.90 -12.27 -0.12
N THR B 7 -12.55 -11.00 0.08
CA THR B 7 -11.78 -10.55 1.18
C THR B 7 -10.60 -11.37 1.42
N GLU B 8 -9.73 -11.61 0.43
CA GLU B 8 -8.58 -12.39 0.64
C GLU B 8 -7.37 -11.70 0.22
N PHE B 9 -7.39 -10.37 -0.03
CA PHE B 9 -6.26 -9.63 -0.44
C PHE B 9 -5.63 -10.19 -1.64
N SER B 10 -6.10 -9.83 -2.85
CA SER B 10 -5.53 -10.34 -4.04
C SER B 10 -4.31 -9.61 -4.37
N GLU B 11 -3.67 -9.84 -5.53
CA GLU B 11 -2.46 -9.20 -5.86
C GLU B 11 -2.54 -7.75 -5.79
N GLU B 12 -3.65 -7.12 -6.19
CA GLU B 12 -3.75 -5.70 -6.14
C GLU B 12 -3.64 -5.22 -4.77
N GLN B 13 -3.98 -6.02 -3.76
CA GLN B 13 -3.97 -5.59 -2.41
C GLN B 13 -2.69 -5.93 -1.79
N LYS B 14 -2.10 -7.11 -2.09
CA LYS B 14 -0.88 -7.54 -1.50
C LYS B 14 0.15 -6.52 -1.62
N LYS B 15 0.20 -5.78 -2.73
CA LYS B 15 1.16 -4.75 -2.91
C LYS B 15 1.06 -3.77 -1.83
N ALA B 16 -0.14 -3.25 -1.55
CA ALA B 16 -0.30 -2.24 -0.58
C ALA B 16 0.23 -2.63 0.71
N LEU B 17 -0.05 -3.85 1.21
CA LEU B 17 0.44 -4.18 2.50
C LEU B 17 1.89 -4.27 2.48
N ASP B 18 2.57 -4.57 1.36
CA ASP B 18 3.98 -4.62 1.38
C ASP B 18 4.55 -3.29 1.49
N LEU B 19 3.81 -2.20 1.23
CA LEU B 19 4.39 -0.91 1.36
C LEU B 19 4.44 -0.56 2.78
N ALA B 20 3.61 -1.12 3.65
CA ALA B 20 3.65 -0.75 5.01
C ALA B 20 4.65 -1.51 5.74
N PHE B 21 4.48 -2.84 5.83
CA PHE B 21 5.38 -3.66 6.54
C PHE B 21 5.63 -3.16 7.90
N TYR B 22 4.63 -2.64 8.63
CA TYR B 22 4.80 -2.18 9.96
C TYR B 22 5.53 -0.91 10.09
N PHE B 23 6.04 -0.26 9.04
CA PHE B 23 6.82 0.89 9.25
C PHE B 23 6.05 2.09 9.58
N ASP B 24 4.79 2.29 9.16
CA ASP B 24 4.14 3.49 9.50
C ASP B 24 3.14 3.23 10.54
N ARG B 25 3.52 2.50 11.60
CA ARG B 25 2.63 2.15 12.64
C ARG B 25 1.57 1.31 12.08
N ARG B 26 1.82 0.53 11.02
CA ARG B 26 0.80 -0.24 10.44
C ARG B 26 0.80 -1.55 11.07
N LEU B 27 -0.12 -2.47 10.74
CA LEU B 27 -0.11 -3.76 11.32
C LEU B 27 -0.26 -3.70 12.77
N THR B 28 -0.93 -2.69 13.38
CA THR B 28 -1.11 -2.72 14.78
C THR B 28 -2.55 -2.76 15.03
N PRO B 29 -3.07 -3.02 16.24
CA PRO B 29 -4.47 -3.07 16.48
C PRO B 29 -5.21 -1.93 16.04
N GLU B 30 -4.66 -0.78 15.75
CA GLU B 30 -5.46 0.29 15.32
C GLU B 30 -5.22 0.56 13.90
N TRP B 31 -4.24 -0.06 13.24
CA TRP B 31 -4.07 0.18 11.86
C TRP B 31 -4.42 -1.01 11.09
N ARG B 32 -4.75 -2.16 11.70
CA ARG B 32 -5.20 -3.27 10.95
C ARG B 32 -6.57 -2.97 10.56
N ARG B 33 -7.42 -2.52 11.49
CA ARG B 33 -8.74 -2.16 11.16
C ARG B 33 -8.78 -0.96 10.35
N TYR B 34 -7.74 -0.10 10.36
CA TYR B 34 -7.71 1.05 9.54
C TYR B 34 -7.65 0.64 8.15
N LEU B 35 -6.76 -0.29 7.80
CA LEU B 35 -6.66 -0.73 6.46
C LEU B 35 -7.92 -1.37 6.07
N SER B 36 -8.47 -2.29 6.88
CA SER B 36 -9.64 -3.00 6.55
C SER B 36 -10.70 -2.14 6.01
N GLN B 37 -10.96 -0.95 6.57
CA GLN B 37 -11.98 -0.08 6.12
C GLN B 37 -11.99 0.10 4.67
N ARG B 38 -10.87 0.40 3.99
CA ARG B 38 -10.92 0.60 2.59
C ARG B 38 -10.12 -0.41 1.90
N LEU B 39 -9.56 -1.40 2.61
CA LEU B 39 -8.79 -2.40 1.97
C LEU B 39 -9.70 -3.46 1.54
N GLY B 40 -10.60 -3.96 2.40
CA GLY B 40 -11.54 -4.92 1.98
C GLY B 40 -11.49 -6.15 2.77
N LEU B 41 -10.44 -6.46 3.55
CA LEU B 41 -10.48 -7.64 4.30
C LEU B 41 -10.24 -7.32 5.72
N ASN B 42 -10.41 -8.25 6.66
CA ASN B 42 -10.29 -7.91 8.03
C ASN B 42 -8.95 -8.08 8.56
N GLU B 43 -8.76 -7.69 9.84
CA GLU B 43 -7.51 -7.74 10.48
C GLU B 43 -6.95 -9.09 10.46
N GLU B 44 -7.77 -10.15 10.40
CA GLU B 44 -7.25 -11.46 10.32
C GLU B 44 -6.45 -11.61 9.11
N GLN B 45 -6.90 -11.11 7.95
CA GLN B 45 -6.14 -11.29 6.76
C GLN B 45 -4.99 -10.39 6.76
N ILE B 46 -4.88 -9.41 7.66
CA ILE B 46 -3.73 -8.58 7.69
C ILE B 46 -2.69 -9.34 8.37
N GLU B 47 -2.99 -10.03 9.49
CA GLU B 47 -2.00 -10.76 10.17
C GLU B 47 -1.63 -11.97 9.42
N ARG B 48 -2.46 -12.51 8.52
CA ARG B 48 -2.05 -13.64 7.77
C ARG B 48 -1.16 -13.17 6.72
N TRP B 49 -1.40 -12.04 6.06
CA TRP B 49 -0.46 -11.54 5.13
C TRP B 49 0.81 -11.27 5.78
N PHE B 50 0.80 -10.65 6.98
CA PHE B 50 1.99 -10.25 7.63
C PHE B 50 2.86 -11.39 7.91
N ARG B 51 2.40 -12.49 8.50
CA ARG B 51 3.31 -13.54 8.78
C ARG B 51 3.61 -14.28 7.55
N ARG B 52 2.69 -14.53 6.62
CA ARG B 52 3.05 -15.21 5.42
C ARG B 52 3.99 -14.44 4.60
N LYS B 53 4.26 -13.15 4.85
CA LYS B 53 5.18 -12.44 4.04
C LYS B 53 6.54 -12.80 4.41
N GLU B 54 6.87 -12.96 5.70
CA GLU B 54 8.20 -13.23 6.09
C GLU B 54 8.40 -14.64 6.38
N GLN B 55 7.45 -15.33 7.05
CA GLN B 55 7.63 -16.68 7.42
C GLN B 55 7.73 -17.58 6.28
N GLN B 56 7.49 -17.17 5.03
CA GLN B 56 7.59 -18.04 3.94
C GLN B 56 8.91 -18.65 3.84
N ILE B 57 10.02 -17.97 4.19
CA ILE B 57 11.27 -18.58 4.03
C ILE B 57 12.05 -18.55 5.28
N GLY B 58 11.51 -18.23 6.46
CA GLY B 58 12.35 -18.17 7.58
C GLY B 58 12.31 -16.86 8.22
N TRP B 59 11.36 -15.96 7.87
CA TRP B 59 11.21 -14.72 8.53
C TRP B 59 12.23 -13.71 8.21
N SER B 60 13.05 -13.78 7.15
CA SER B 60 13.94 -12.71 6.93
C SER B 60 13.35 -11.72 6.03
N HIS B 61 12.17 -11.96 5.44
CA HIS B 61 11.51 -11.04 4.60
C HIS B 61 12.25 -10.68 3.39
N PRO B 62 12.77 -11.59 2.56
CA PRO B 62 13.43 -11.22 1.37
C PRO B 62 12.50 -11.12 0.28
N GLN B 63 11.22 -11.30 0.49
CA GLN B 63 10.31 -11.27 -0.58
C GLN B 63 9.55 -10.02 -0.56
N PHE B 64 9.51 -9.27 -1.67
CA PHE B 64 8.78 -8.06 -1.70
C PHE B 64 7.75 -8.20 -2.72
N GLU B 65 8.09 -8.58 -3.96
CA GLU B 65 7.12 -8.76 -4.97
C GLU B 65 6.80 -10.18 -5.10
N LYS B 66 7.41 -11.08 -4.30
CA LYS B 66 7.10 -12.45 -4.43
C LYS B 66 6.09 -12.80 -3.43
N MET A 1 -16.01 5.57 -6.74
CA MET A 1 -14.56 5.52 -6.56
C MET A 1 -14.19 4.29 -5.87
N GLU A 2 -13.20 3.51 -6.35
CA GLU A 2 -12.88 2.29 -5.74
C GLU A 2 -11.68 1.73 -6.34
N LYS A 3 -11.69 1.36 -7.63
CA LYS A 3 -10.54 0.79 -8.22
C LYS A 3 -9.93 1.69 -9.18
N ARG A 4 -8.73 1.39 -9.67
CA ARG A 4 -8.03 2.15 -10.64
C ARG A 4 -8.79 2.23 -11.88
N PRO A 5 -9.37 3.36 -12.31
CA PRO A 5 -10.10 3.42 -13.52
C PRO A 5 -9.25 3.44 -14.68
N ARG A 6 -8.71 4.56 -15.10
CA ARG A 6 -7.83 4.58 -16.21
C ARG A 6 -6.50 4.86 -15.70
N THR A 7 -5.74 3.90 -15.14
CA THR A 7 -4.47 4.16 -14.58
C THR A 7 -4.48 5.35 -13.73
N GLU A 8 -5.44 5.50 -12.80
CA GLU A 8 -5.45 6.60 -11.92
C GLU A 8 -5.43 6.10 -10.56
N PHE A 9 -4.43 6.45 -9.74
CA PHE A 9 -4.42 6.01 -8.40
C PHE A 9 -5.67 6.40 -7.74
N SER A 10 -6.39 5.45 -7.13
CA SER A 10 -7.60 5.73 -6.48
C SER A 10 -7.49 5.25 -5.11
N GLU A 11 -8.50 5.35 -4.23
CA GLU A 11 -8.39 4.96 -2.87
C GLU A 11 -7.56 3.77 -2.66
N GLU A 12 -7.72 2.69 -3.44
CA GLU A 12 -6.92 1.53 -3.28
C GLU A 12 -5.50 1.81 -3.47
N GLN A 13 -5.09 2.54 -4.52
CA GLN A 13 -3.72 2.80 -4.74
C GLN A 13 -3.23 3.84 -3.84
N LYS A 14 -4.07 4.78 -3.37
CA LYS A 14 -3.63 5.83 -2.52
C LYS A 14 -3.09 5.31 -1.27
N LYS A 15 -3.73 4.34 -0.60
CA LYS A 15 -3.23 3.82 0.61
C LYS A 15 -1.84 3.43 0.52
N ALA A 16 -1.41 2.70 -0.53
CA ALA A 16 -0.08 2.27 -0.63
C ALA A 16 0.86 3.40 -0.55
N LEU A 17 0.60 4.57 -1.14
CA LEU A 17 1.57 5.60 -1.07
C LEU A 17 1.56 6.20 0.27
N ASP A 18 0.50 6.08 1.08
CA ASP A 18 0.54 6.59 2.40
C ASP A 18 1.41 5.73 3.19
N LEU A 19 1.30 4.40 3.03
CA LEU A 19 2.08 3.48 3.76
C LEU A 19 3.49 3.58 3.41
N ALA A 20 3.86 3.80 2.14
CA ALA A 20 5.22 3.89 1.79
C ALA A 20 5.78 5.18 2.20
N PHE A 21 5.19 6.31 1.77
CA PHE A 21 5.66 7.61 2.03
C PHE A 21 7.10 7.61 2.32
N TYR A 22 7.57 8.00 3.51
CA TYR A 22 8.95 7.97 3.79
C TYR A 22 9.19 6.92 4.79
N PHE A 23 8.20 6.07 5.08
CA PHE A 23 8.35 5.10 6.09
C PHE A 23 9.18 4.01 5.58
N ASP A 24 9.05 3.60 4.32
CA ASP A 24 9.91 2.60 3.82
C ASP A 24 10.87 3.24 2.92
N ARG A 25 10.80 4.56 2.69
CA ARG A 25 11.69 5.23 1.84
C ARG A 25 11.52 4.81 0.46
N ARG A 26 10.47 4.04 0.11
CA ARG A 26 10.31 3.54 -1.20
C ARG A 26 9.80 4.57 -2.11
N LEU A 27 10.53 5.69 -2.35
CA LEU A 27 10.06 6.67 -3.23
C LEU A 27 11.16 7.10 -4.09
N THR A 28 11.92 6.18 -4.71
CA THR A 28 12.99 6.59 -5.53
C THR A 28 12.76 6.05 -6.87
N PRO A 29 13.43 6.50 -7.94
CA PRO A 29 13.16 6.07 -9.27
C PRO A 29 13.06 4.65 -9.47
N GLU A 30 13.93 3.82 -8.95
CA GLU A 30 13.79 2.43 -9.23
C GLU A 30 12.76 1.83 -8.39
N TRP A 31 12.19 2.52 -7.39
CA TRP A 31 11.14 1.94 -6.65
C TRP A 31 9.88 2.58 -6.99
N ARG A 32 9.87 3.61 -7.85
CA ARG A 32 8.64 4.11 -8.33
C ARG A 32 8.24 3.14 -9.34
N ARG A 33 9.20 2.56 -10.07
CA ARG A 33 8.93 1.53 -10.99
C ARG A 33 8.45 0.36 -10.27
N TYR A 34 9.06 -0.02 -9.14
CA TYR A 34 8.66 -1.13 -8.37
C TYR A 34 7.24 -1.03 -8.04
N LEU A 35 6.75 0.09 -7.48
CA LEU A 35 5.38 0.18 -7.13
C LEU A 35 4.53 0.21 -8.31
N SER A 36 4.81 1.03 -9.34
CA SER A 36 3.96 1.09 -10.46
C SER A 36 3.92 -0.17 -11.20
N GLN A 37 4.82 -1.14 -10.97
CA GLN A 37 4.76 -2.39 -11.63
C GLN A 37 3.45 -3.00 -11.45
N ARG A 38 2.89 -3.03 -10.23
CA ARG A 38 1.62 -3.61 -10.05
C ARG A 38 0.68 -2.62 -9.56
N LEU A 39 1.05 -1.35 -9.36
CA LEU A 39 0.11 -0.41 -8.86
C LEU A 39 -0.76 -0.04 -9.98
N GLY A 40 -0.24 0.17 -11.20
CA GLY A 40 -1.09 0.39 -12.30
C GLY A 40 -1.02 1.74 -12.85
N LEU A 41 -0.31 2.72 -12.27
CA LEU A 41 -0.28 3.99 -12.87
C LEU A 41 1.09 4.46 -13.07
N ASN A 42 1.30 5.59 -13.76
CA ASN A 42 2.60 6.05 -14.07
C ASN A 42 3.33 6.48 -12.88
N GLU A 43 4.66 6.36 -12.88
CA GLU A 43 5.45 6.74 -11.76
C GLU A 43 5.25 8.14 -11.40
N GLU A 44 4.91 9.05 -12.32
CA GLU A 44 4.73 10.40 -11.93
C GLU A 44 3.54 10.55 -11.09
N GLN A 45 2.59 9.61 -11.04
CA GLN A 45 1.47 9.79 -10.19
C GLN A 45 1.82 9.30 -8.87
N ILE A 46 2.99 8.67 -8.68
CA ILE A 46 3.41 8.29 -7.39
C ILE A 46 3.94 9.51 -6.79
N GLU A 47 4.77 10.25 -7.53
CA GLU A 47 5.35 11.45 -7.04
C GLU A 47 4.33 12.47 -6.73
N ARG A 48 3.17 12.52 -7.40
CA ARG A 48 2.23 13.51 -7.07
C ARG A 48 1.53 13.20 -5.84
N TRP A 49 1.02 11.99 -5.59
CA TRP A 49 0.36 11.79 -4.36
C TRP A 49 1.33 11.83 -3.27
N PHE A 50 2.60 11.47 -3.49
CA PHE A 50 3.59 11.52 -2.49
C PHE A 50 3.77 12.88 -1.99
N ARG A 51 3.94 13.91 -2.84
CA ARG A 51 4.15 15.20 -2.34
C ARG A 51 2.89 15.78 -1.84
N ARG A 52 1.71 15.41 -2.37
CA ARG A 52 0.50 15.95 -1.85
C ARG A 52 0.36 15.53 -0.46
N LYS A 53 0.67 14.27 -0.12
CA LYS A 53 0.61 13.81 1.22
C LYS A 53 1.41 14.61 2.15
N GLU A 54 2.29 15.55 1.77
CA GLU A 54 3.01 16.26 2.74
C GLU A 54 3.01 17.69 2.45
N GLN A 55 2.36 18.22 1.41
CA GLN A 55 2.44 19.62 1.20
C GLN A 55 1.18 20.26 1.55
N GLN A 56 0.13 19.51 1.92
CA GLN A 56 -1.11 20.10 2.26
C GLN A 56 -0.99 21.04 3.38
N ILE A 57 -0.47 20.65 4.55
CA ILE A 57 -0.45 21.56 5.63
C ILE A 57 0.89 21.87 6.11
N GLY A 58 2.01 21.52 5.45
CA GLY A 58 3.25 21.94 5.98
C GLY A 58 4.18 20.85 6.29
N TRP A 59 4.28 19.77 5.48
CA TRP A 59 5.29 18.79 5.65
C TRP A 59 5.16 17.95 6.83
N SER A 60 4.11 17.94 7.65
CA SER A 60 4.12 17.05 8.75
C SER A 60 3.35 15.84 8.45
N HIS A 61 2.65 15.76 7.31
CA HIS A 61 1.99 14.57 6.91
C HIS A 61 0.98 14.05 7.84
N PRO A 62 0.02 14.82 8.40
CA PRO A 62 -0.95 14.28 9.27
C PRO A 62 -2.16 13.95 8.57
N GLN A 63 -2.24 14.13 7.27
CA GLN A 63 -3.46 13.91 6.58
C GLN A 63 -3.67 12.50 6.27
N PHE A 64 -3.85 11.61 7.26
CA PHE A 64 -4.05 10.24 6.99
C PHE A 64 -5.43 10.03 6.56
N GLU A 65 -6.44 10.62 7.20
CA GLU A 65 -7.77 10.47 6.75
C GLU A 65 -8.33 11.78 6.43
N LYS A 66 -7.59 12.87 6.60
CA LYS A 66 -8.12 14.14 6.31
C LYS A 66 -7.27 14.82 5.33
N MET B 1 -5.01 -12.77 -12.00
CA MET B 1 -4.80 -12.16 -10.70
C MET B 1 -4.59 -10.72 -10.87
N GLU B 2 -5.27 -9.85 -10.12
CA GLU B 2 -5.12 -8.45 -10.31
C GLU B 2 -5.83 -7.72 -9.27
N LYS B 3 -7.16 -7.82 -9.18
CA LYS B 3 -7.87 -7.10 -8.20
C LYS B 3 -8.41 -7.98 -7.18
N ARG B 4 -8.92 -7.43 -6.07
CA ARG B 4 -9.52 -8.16 -5.01
C ARG B 4 -10.68 -8.91 -5.48
N PRO B 5 -10.70 -10.25 -5.59
CA PRO B 5 -11.84 -10.95 -6.04
C PRO B 5 -12.88 -11.03 -5.05
N ARG B 6 -12.84 -11.96 -4.11
CA ARG B 6 -13.83 -12.01 -3.11
C ARG B 6 -13.20 -11.62 -1.86
N THR B 7 -12.99 -10.32 -1.56
CA THR B 7 -12.32 -9.91 -0.39
C THR B 7 -11.09 -10.68 -0.16
N GLU B 8 -10.22 -10.85 -1.16
CA GLU B 8 -9.01 -11.55 -0.96
C GLU B 8 -7.90 -10.67 -1.33
N PHE B 9 -6.97 -10.36 -0.43
CA PHE B 9 -5.88 -9.54 -0.78
C PHE B 9 -5.18 -10.11 -1.93
N SER B 10 -4.99 -9.34 -3.01
CA SER B 10 -4.33 -9.83 -4.16
C SER B 10 -3.22 -8.92 -4.43
N GLU B 11 -2.42 -9.08 -5.50
CA GLU B 11 -1.29 -8.27 -5.75
C GLU B 11 -1.47 -6.86 -5.39
N GLU B 12 -2.59 -6.22 -5.75
CA GLU B 12 -2.83 -4.87 -5.40
C GLU B 12 -2.85 -4.66 -3.96
N GLN B 13 -3.54 -5.49 -3.16
CA GLN B 13 -3.59 -5.30 -1.76
C GLN B 13 -2.35 -5.75 -1.12
N LYS B 14 -1.61 -6.71 -1.69
CA LYS B 14 -0.43 -7.21 -1.09
C LYS B 14 0.57 -6.16 -0.95
N LYS B 15 0.82 -5.33 -1.98
CA LYS B 15 1.78 -4.30 -1.89
C LYS B 15 1.61 -3.49 -0.69
N ALA B 16 0.39 -3.04 -0.36
CA ALA B 16 0.21 -2.21 0.78
C ALA B 16 0.73 -2.84 1.99
N LEU B 17 0.60 -4.15 2.22
CA LEU B 17 1.08 -4.69 3.44
C LEU B 17 2.54 -4.79 3.40
N ASP B 18 3.20 -4.80 2.24
CA ASP B 18 4.61 -4.81 2.21
C ASP B 18 5.08 -3.48 2.61
N LEU B 19 4.45 -2.41 2.12
CA LEU B 19 4.85 -1.09 2.42
C LEU B 19 4.60 -0.77 3.82
N ALA B 20 3.52 -1.25 4.45
CA ALA B 20 3.28 -0.96 5.81
C ALA B 20 4.15 -1.74 6.68
N PHE B 21 4.14 -3.09 6.55
CA PHE B 21 4.87 -3.98 7.37
C PHE B 21 5.21 -3.37 8.65
N TYR B 22 6.48 -3.16 9.02
CA TYR B 22 6.80 -2.54 10.25
C TYR B 22 7.36 -1.22 9.97
N PHE B 23 7.27 -0.73 8.73
CA PHE B 23 7.86 0.50 8.39
C PHE B 23 7.05 1.60 8.90
N ASP B 24 5.71 1.50 8.86
CA ASP B 24 4.93 2.52 9.43
C ASP B 24 4.37 2.02 10.68
N ARG B 25 4.63 0.76 11.07
CA ARG B 25 4.11 0.22 12.27
C ARG B 25 2.66 0.08 12.19
N ARG B 26 2.02 0.27 11.04
CA ARG B 26 0.61 0.22 10.94
C ARG B 26 0.11 -1.15 10.96
N LEU B 27 0.33 -1.94 12.03
CA LEU B 27 -0.16 -3.26 12.05
C LEU B 27 -0.76 -3.51 13.36
N THR B 28 -1.63 -2.64 13.89
CA THR B 28 -2.20 -2.88 15.16
C THR B 28 -3.66 -2.93 14.99
N PRO B 29 -4.46 -3.43 15.94
CA PRO B 29 -5.86 -3.58 15.78
C PRO B 29 -6.56 -2.43 15.25
N GLU B 30 -6.35 -1.22 15.72
CA GLU B 30 -7.10 -0.15 15.20
C GLU B 30 -6.59 0.28 13.91
N TRP B 31 -5.44 -0.21 13.42
CA TRP B 31 -5.00 0.17 12.14
C TRP B 31 -5.16 -0.96 11.22
N ARG B 32 -5.58 -2.14 11.69
CA ARG B 32 -5.90 -3.18 10.78
C ARG B 32 -7.21 -2.78 10.26
N ARG B 33 -8.05 -2.17 11.10
CA ARG B 33 -9.30 -1.67 10.67
C ARG B 33 -9.07 -0.57 9.73
N TYR B 34 -8.13 0.33 10.00
CA TYR B 34 -7.82 1.41 9.14
C TYR B 34 -7.55 0.93 7.78
N LEU B 35 -6.64 -0.04 7.59
CA LEU B 35 -6.34 -0.50 6.29
C LEU B 35 -7.48 -1.21 5.70
N SER B 36 -8.12 -2.16 6.39
CA SER B 36 -9.19 -2.88 5.80
C SER B 36 -10.34 -2.03 5.50
N GLN B 37 -10.43 -0.77 5.98
CA GLN B 37 -11.48 0.09 5.65
C GLN B 37 -11.61 0.20 4.20
N ARG B 38 -10.51 0.42 3.46
CA ARG B 38 -10.61 0.54 2.06
C ARG B 38 -9.84 -0.51 1.41
N LEU B 39 -9.17 -1.42 2.13
CA LEU B 39 -8.41 -2.42 1.47
C LEU B 39 -9.36 -3.42 0.96
N GLY B 40 -10.39 -3.82 1.72
CA GLY B 40 -11.38 -4.67 1.18
C GLY B 40 -11.40 -6.01 1.79
N LEU B 41 -10.47 -6.42 2.65
CA LEU B 41 -10.56 -7.73 3.18
C LEU B 41 -10.54 -7.71 4.64
N ASN B 42 -10.74 -8.85 5.31
CA ASN B 42 -10.82 -8.88 6.72
C ASN B 42 -9.52 -8.62 7.34
N GLU B 43 -9.50 -8.03 8.55
CA GLU B 43 -8.30 -7.72 9.22
C GLU B 43 -7.46 -8.90 9.43
N GLU B 44 -8.00 -10.12 9.56
CA GLU B 44 -7.15 -11.23 9.75
C GLU B 44 -6.37 -11.52 8.56
N GLN B 45 -6.70 -11.03 7.35
CA GLN B 45 -5.91 -11.32 6.23
C GLN B 45 -4.83 -10.33 6.17
N ILE B 46 -4.84 -9.29 7.02
CA ILE B 46 -3.76 -8.39 7.07
C ILE B 46 -2.73 -9.07 7.85
N GLU B 47 -3.11 -9.67 8.99
CA GLU B 47 -2.20 -10.35 9.82
C GLU B 47 -1.59 -11.49 9.14
N ARG B 48 -2.28 -12.21 8.23
CA ARG B 48 -1.66 -13.31 7.59
C ARG B 48 -0.65 -12.87 6.64
N TRP B 49 -0.87 -11.92 5.72
CA TRP B 49 0.18 -11.59 4.84
C TRP B 49 1.26 -10.93 5.57
N PHE B 50 0.98 -10.23 6.68
CA PHE B 50 1.98 -9.59 7.45
C PHE B 50 2.95 -10.56 7.97
N ARG B 51 2.54 -11.67 8.60
CA ARG B 51 3.49 -12.56 9.12
C ARG B 51 4.10 -13.35 8.05
N ARG B 52 3.41 -13.63 6.92
CA ARG B 52 4.02 -14.37 5.87
C ARG B 52 5.17 -13.62 5.37
N LYS B 53 5.06 -12.30 5.20
CA LYS B 53 6.13 -11.49 4.76
C LYS B 53 7.33 -11.61 5.60
N GLU B 54 7.35 -12.22 6.80
CA GLU B 54 8.55 -12.28 7.52
C GLU B 54 8.80 -13.62 8.04
N GLN B 55 7.96 -14.64 7.82
CA GLN B 55 8.27 -15.89 8.40
C GLN B 55 8.79 -16.79 7.38
N GLN B 56 8.81 -16.42 6.10
CA GLN B 56 9.30 -17.28 5.07
C GLN B 56 10.68 -17.68 5.28
N ILE B 57 11.67 -16.78 5.42
CA ILE B 57 13.01 -17.22 5.52
C ILE B 57 13.65 -16.87 6.78
N GLY B 58 12.96 -16.39 7.84
CA GLY B 58 13.67 -16.14 9.04
C GLY B 58 13.57 -14.77 9.51
N TRP B 59 12.44 -14.06 9.37
CA TRP B 59 12.26 -12.79 9.97
C TRP B 59 13.05 -11.70 9.39
N SER B 60 13.78 -11.80 8.27
CA SER B 60 14.46 -10.65 7.83
C SER B 60 13.71 -9.96 6.78
N HIS B 61 12.60 -10.51 6.27
CA HIS B 61 11.76 -9.84 5.34
C HIS B 61 12.40 -9.45 4.08
N PRO B 62 13.15 -10.28 3.34
CA PRO B 62 13.72 -9.86 2.11
C PRO B 62 12.89 -10.23 1.00
N GLN B 63 11.74 -10.84 1.18
CA GLN B 63 10.97 -11.29 0.08
C GLN B 63 10.17 -10.24 -0.52
N PHE B 64 10.77 -9.20 -1.13
CA PHE B 64 10.02 -8.16 -1.71
C PHE B 64 9.47 -8.62 -2.99
N GLU B 65 10.25 -9.29 -3.84
CA GLU B 65 9.72 -9.78 -5.06
C GLU B 65 9.86 -11.22 -5.09
N LYS B 66 10.45 -11.88 -4.07
CA LYS B 66 10.60 -13.28 -4.12
C LYS B 66 9.97 -13.87 -2.95
N MET A 1 -14.74 3.68 -7.97
CA MET A 1 -13.44 3.26 -8.49
C MET A 1 -13.16 1.90 -8.06
N GLU A 2 -13.04 0.90 -8.95
CA GLU A 2 -12.82 -0.41 -8.50
C GLU A 2 -11.63 -0.99 -9.15
N LYS A 3 -11.03 -0.35 -10.15
CA LYS A 3 -9.91 -0.94 -10.79
C LYS A 3 -9.14 0.08 -11.50
N ARG A 4 -7.94 -0.23 -11.99
CA ARG A 4 -7.12 0.68 -12.68
C ARG A 4 -7.80 1.33 -13.80
N PRO A 5 -8.14 2.63 -13.76
CA PRO A 5 -8.75 3.29 -14.85
C PRO A 5 -7.82 3.57 -15.90
N ARG A 6 -7.05 4.63 -15.82
CA ARG A 6 -6.10 4.95 -16.82
C ARG A 6 -4.85 5.32 -16.16
N THR A 7 -4.15 4.37 -15.52
CA THR A 7 -2.93 4.61 -14.85
C THR A 7 -2.96 5.80 -13.99
N GLU A 8 -3.93 5.98 -13.09
CA GLU A 8 -3.89 7.12 -12.25
C GLU A 8 -4.24 6.77 -10.87
N PHE A 9 -3.42 5.97 -10.16
CA PHE A 9 -3.65 5.64 -8.80
C PHE A 9 -5.06 5.56 -8.42
N SER A 10 -5.74 4.43 -8.68
CA SER A 10 -7.11 4.28 -8.35
C SER A 10 -7.30 4.18 -6.90
N GLU A 11 -8.54 4.11 -6.40
CA GLU A 11 -8.77 4.06 -5.00
C GLU A 11 -8.10 2.91 -4.38
N GLU A 12 -8.09 1.71 -4.99
CA GLU A 12 -7.42 0.61 -4.40
C GLU A 12 -5.97 0.81 -4.40
N GLN A 13 -5.43 1.83 -5.08
CA GLN A 13 -4.04 2.04 -5.13
C GLN A 13 -3.73 3.22 -4.34
N LYS A 14 -4.71 3.90 -3.71
CA LYS A 14 -4.39 5.03 -2.92
C LYS A 14 -4.04 4.59 -1.57
N LYS A 15 -4.56 3.49 -1.01
CA LYS A 15 -4.12 3.12 0.28
C LYS A 15 -2.81 2.50 0.19
N ALA A 16 -2.28 2.18 -1.00
CA ALA A 16 -0.99 1.63 -1.07
C ALA A 16 -0.04 2.71 -0.84
N LEU A 17 -0.12 3.82 -1.60
CA LEU A 17 0.79 4.90 -1.42
C LEU A 17 0.63 5.46 -0.08
N ASP A 18 -0.58 5.54 0.48
CA ASP A 18 -0.72 6.09 1.77
C ASP A 18 -0.17 5.21 2.81
N LEU A 19 0.15 3.94 2.56
CA LEU A 19 0.64 3.13 3.61
C LEU A 19 2.08 3.33 3.80
N ALA A 20 2.79 4.14 2.99
CA ALA A 20 4.19 4.20 3.11
C ALA A 20 4.70 5.36 3.86
N PHE A 21 3.94 6.20 4.56
CA PHE A 21 4.54 7.30 5.22
C PHE A 21 5.42 6.92 6.32
N TYR A 22 6.67 6.52 6.05
CA TYR A 22 7.58 6.18 7.06
C TYR A 22 8.89 6.78 6.80
N PHE A 23 9.12 8.07 7.09
CA PHE A 23 10.37 8.69 6.85
C PHE A 23 10.79 8.61 5.45
N ASP A 24 11.39 7.55 4.90
CA ASP A 24 11.81 7.59 3.55
C ASP A 24 10.78 7.06 2.66
N ARG A 25 9.68 6.48 3.17
CA ARG A 25 8.64 5.96 2.38
C ARG A 25 9.17 5.13 1.29
N ARG A 26 8.42 4.98 0.19
CA ARG A 26 8.90 4.34 -0.97
C ARG A 26 8.81 5.39 -1.97
N LEU A 27 9.34 6.59 -1.69
CA LEU A 27 9.16 7.67 -2.58
C LEU A 27 10.44 8.04 -3.18
N THR A 28 11.39 7.13 -3.37
CA THR A 28 12.59 7.51 -4.01
C THR A 28 12.57 6.81 -5.30
N PRO A 29 13.33 7.21 -6.34
CA PRO A 29 13.28 6.57 -7.61
C PRO A 29 13.34 5.14 -7.56
N GLU A 30 14.18 4.55 -6.75
CA GLU A 30 14.24 3.14 -6.65
C GLU A 30 12.98 2.59 -6.16
N TRP A 31 12.31 3.18 -5.16
CA TRP A 31 11.14 2.57 -4.67
C TRP A 31 9.94 3.06 -5.34
N ARG A 32 9.99 4.09 -6.19
CA ARG A 32 8.84 4.48 -6.91
C ARG A 32 8.67 3.46 -7.94
N ARG A 33 9.77 3.02 -8.58
CA ARG A 33 9.71 2.01 -9.56
C ARG A 33 9.30 0.75 -8.95
N TYR A 34 9.81 0.42 -7.75
CA TYR A 34 9.51 -0.80 -7.09
C TYR A 34 8.07 -1.10 -7.05
N LEU A 35 7.17 -0.20 -6.63
CA LEU A 35 5.81 -0.60 -6.57
C LEU A 35 5.11 -0.21 -7.79
N SER A 36 5.54 0.79 -8.57
CA SER A 36 4.81 1.15 -9.72
C SER A 36 4.76 0.04 -10.66
N GLN A 37 5.76 -0.86 -10.67
CA GLN A 37 5.77 -1.98 -11.53
C GLN A 37 4.53 -2.76 -11.43
N ARG A 38 4.01 -3.08 -10.24
CA ARG A 38 2.83 -3.85 -10.18
C ARG A 38 1.70 -3.04 -9.77
N LEU A 39 1.85 -1.73 -9.47
CA LEU A 39 0.73 -0.96 -9.09
C LEU A 39 -0.04 -0.64 -10.29
N GLY A 40 0.59 -0.26 -11.41
CA GLY A 40 -0.15 -0.05 -12.61
C GLY A 40 0.05 1.31 -13.15
N LEU A 41 0.71 2.24 -12.47
CA LEU A 41 0.89 3.52 -13.04
C LEU A 41 2.31 3.87 -13.00
N ASN A 42 2.77 4.97 -13.63
CA ASN A 42 4.15 5.28 -13.63
C ASN A 42 4.61 5.86 -12.37
N GLU A 43 5.91 6.13 -12.20
CA GLU A 43 6.39 6.69 -11.00
C GLU A 43 5.86 8.04 -10.83
N GLU A 44 5.50 8.75 -11.90
CA GLU A 44 4.96 10.05 -11.79
C GLU A 44 3.71 10.00 -11.02
N GLN A 45 2.86 8.98 -11.19
CA GLN A 45 1.64 8.97 -10.49
C GLN A 45 1.84 8.61 -9.09
N ILE A 46 3.03 8.16 -8.66
CA ILE A 46 3.26 7.90 -7.30
C ILE A 46 3.50 9.19 -6.67
N GLU A 47 4.36 10.03 -7.25
CA GLU A 47 4.65 11.31 -6.71
C GLU A 47 3.46 12.16 -6.72
N ARG A 48 2.53 12.04 -7.68
CA ARG A 48 1.41 12.89 -7.68
C ARG A 48 0.44 12.53 -6.66
N TRP A 49 0.04 11.28 -6.43
CA TRP A 49 -0.88 11.06 -5.39
C TRP A 49 -0.24 11.27 -4.09
N PHE A 50 1.06 10.99 -3.94
CA PHE A 50 1.71 11.17 -2.70
C PHE A 50 1.59 12.56 -2.27
N ARG A 51 1.93 13.57 -3.07
CA ARG A 51 1.82 14.89 -2.62
C ARG A 51 0.44 15.37 -2.66
N ARG A 52 -0.42 15.03 -3.63
CA ARG A 52 -1.76 15.52 -3.60
C ARG A 52 -2.52 15.00 -2.46
N LYS A 53 -2.07 13.97 -1.73
CA LYS A 53 -2.79 13.52 -0.60
C LYS A 53 -2.53 14.36 0.57
N GLU A 54 -1.33 14.95 0.69
CA GLU A 54 -1.00 15.71 1.84
C GLU A 54 -1.12 17.15 1.56
N GLN A 55 -0.55 17.67 0.45
CA GLN A 55 -0.59 19.06 0.19
C GLN A 55 -1.95 19.54 -0.02
N GLN A 56 -2.95 18.68 -0.30
CA GLN A 56 -4.28 19.16 -0.48
C GLN A 56 -4.82 19.66 0.77
N ILE A 57 -4.48 19.11 1.94
CA ILE A 57 -5.06 19.59 3.13
C ILE A 57 -4.18 20.57 3.75
N GLY A 58 -2.88 20.63 3.42
CA GLY A 58 -2.04 21.54 4.07
C GLY A 58 -0.87 20.85 4.60
N TRP A 59 -0.65 19.57 4.25
CA TRP A 59 0.47 18.83 4.68
C TRP A 59 0.47 18.49 6.09
N SER A 60 -0.59 18.73 6.88
CA SER A 60 -0.51 18.31 8.23
C SER A 60 -0.98 16.93 8.32
N HIS A 61 -2.19 16.60 7.82
CA HIS A 61 -2.63 15.27 7.88
C HIS A 61 -3.03 14.77 6.56
N PRO A 62 -2.41 13.73 6.00
CA PRO A 62 -2.83 13.16 4.78
C PRO A 62 -4.21 12.81 4.80
N GLN A 63 -4.94 12.98 3.72
CA GLN A 63 -6.34 12.73 3.71
C GLN A 63 -6.74 11.41 4.21
N PHE A 64 -5.93 10.35 4.28
CA PHE A 64 -6.43 9.15 4.79
C PHE A 64 -6.35 9.10 6.25
N GLU A 65 -5.51 9.90 6.93
CA GLU A 65 -5.51 9.85 8.34
C GLU A 65 -5.96 11.11 8.90
N LYS A 66 -6.45 12.09 8.12
CA LYS A 66 -6.93 13.28 8.69
C LYS A 66 -8.12 13.01 9.48
N MET B 1 -6.77 -11.02 -11.23
CA MET B 1 -7.35 -10.36 -10.06
C MET B 1 -7.43 -8.93 -10.33
N GLU B 2 -8.61 -8.31 -10.37
CA GLU B 2 -8.66 -6.91 -10.65
C GLU B 2 -9.41 -6.20 -9.61
N LYS B 3 -10.09 -6.87 -8.68
CA LYS B 3 -10.85 -6.16 -7.72
C LYS B 3 -11.11 -7.01 -6.56
N ARG B 4 -11.62 -6.45 -5.46
CA ARG B 4 -11.89 -7.19 -4.28
C ARG B 4 -12.73 -8.37 -4.53
N PRO B 5 -12.24 -9.61 -4.43
CA PRO B 5 -13.04 -10.77 -4.61
C PRO B 5 -13.88 -11.02 -3.48
N ARG B 6 -13.39 -11.65 -2.44
CA ARG B 6 -14.17 -11.92 -1.28
C ARG B 6 -13.36 -11.58 -0.11
N THR B 7 -13.08 -10.29 0.14
CA THR B 7 -12.31 -9.85 1.24
C THR B 7 -11.08 -10.63 1.45
N GLU B 8 -10.21 -10.84 0.45
CA GLU B 8 -9.02 -11.56 0.70
C GLU B 8 -7.89 -10.94 0.03
N PHE B 9 -7.46 -9.72 0.42
CA PHE B 9 -6.33 -9.06 -0.13
C PHE B 9 -6.08 -9.38 -1.53
N SER B 10 -6.75 -8.70 -2.47
CA SER B 10 -6.55 -8.95 -3.85
C SER B 10 -5.25 -8.47 -4.30
N GLU B 11 -4.84 -8.69 -5.56
CA GLU B 11 -3.57 -8.27 -6.02
C GLU B 11 -3.39 -6.83 -5.86
N GLU B 12 -4.38 -5.96 -6.14
CA GLU B 12 -4.19 -4.58 -5.96
C GLU B 12 -4.06 -4.24 -4.55
N GLN B 13 -4.31 -5.14 -3.61
CA GLN B 13 -4.23 -4.85 -2.24
C GLN B 13 -3.05 -5.51 -1.68
N LYS B 14 -2.24 -6.22 -2.47
CA LYS B 14 -1.08 -6.83 -1.94
C LYS B 14 0.03 -5.89 -1.95
N LYS B 15 0.16 -4.93 -2.88
CA LYS B 15 1.25 -4.05 -2.79
C LYS B 15 1.01 -3.07 -1.73
N ALA B 16 -0.21 -2.96 -1.17
CA ALA B 16 -0.42 -2.05 -0.12
C ALA B 16 0.22 -2.57 1.07
N LEU B 17 -0.02 -3.83 1.46
CA LEU B 17 0.58 -4.38 2.60
C LEU B 17 2.03 -4.46 2.43
N ASP B 18 2.56 -4.74 1.22
CA ASP B 18 3.95 -4.79 1.07
C ASP B 18 4.55 -3.46 1.15
N LEU B 19 3.81 -2.35 1.06
CA LEU B 19 4.41 -1.09 1.12
C LEU B 19 4.71 -0.71 2.50
N ALA B 20 4.36 -1.48 3.53
CA ALA B 20 4.58 -1.04 4.86
C ALA B 20 5.71 -1.67 5.53
N PHE B 21 6.62 -2.46 4.91
CA PHE B 21 7.67 -3.04 5.67
C PHE B 21 8.62 -2.06 6.20
N TYR B 22 8.31 -1.38 7.31
CA TYR B 22 9.19 -0.45 7.89
C TYR B 22 9.23 -0.62 9.34
N PHE B 23 9.97 -1.59 9.91
CA PHE B 23 10.01 -1.77 11.31
C PHE B 23 8.69 -2.01 11.92
N ASP B 24 7.84 -1.02 12.23
CA ASP B 24 6.63 -1.34 12.88
C ASP B 24 5.55 -1.54 11.91
N ARG B 25 5.75 -1.25 10.63
CA ARG B 25 4.77 -1.42 9.62
C ARG B 25 3.48 -0.87 10.05
N ARG B 26 2.37 -1.36 9.49
CA ARG B 26 1.08 -1.00 9.94
C ARG B 26 0.52 -2.29 10.31
N LEU B 27 1.21 -3.08 11.13
CA LEU B 27 0.74 -4.37 11.43
C LEU B 27 0.38 -4.44 12.85
N THR B 28 -0.07 -3.33 13.46
CA THR B 28 -0.48 -3.40 14.81
C THR B 28 -1.92 -3.17 14.82
N PRO B 29 -2.69 -3.55 15.85
CA PRO B 29 -4.10 -3.37 15.85
C PRO B 29 -4.53 -2.06 15.44
N GLU B 30 -3.93 -1.00 15.93
CA GLU B 30 -4.32 0.30 15.54
C GLU B 30 -4.13 0.52 14.11
N TRP B 31 -3.12 -0.05 13.45
CA TRP B 31 -2.94 0.24 12.09
C TRP B 31 -3.37 -0.86 11.23
N ARG B 32 -3.90 -1.98 11.75
CA ARG B 32 -4.44 -2.97 10.88
C ARG B 32 -5.75 -2.45 10.52
N ARG B 33 -6.48 -1.88 11.50
CA ARG B 33 -7.74 -1.31 11.27
C ARG B 33 -7.62 -0.15 10.38
N TYR B 34 -6.57 0.66 10.50
CA TYR B 34 -6.39 1.83 9.74
C TYR B 34 -6.56 1.61 8.30
N LEU B 35 -5.91 0.63 7.66
CA LEU B 35 -6.08 0.51 6.27
C LEU B 35 -7.10 -0.47 5.95
N SER B 36 -7.45 -1.45 6.80
CA SER B 36 -8.42 -2.41 6.45
C SER B 36 -9.71 -1.75 6.21
N GLN B 37 -9.99 -0.60 6.87
CA GLN B 37 -11.20 0.11 6.67
C GLN B 37 -11.45 0.37 5.25
N ARG B 38 -10.48 0.84 4.47
CA ARG B 38 -10.76 1.12 3.11
C ARG B 38 -10.13 0.12 2.24
N LEU B 39 -9.38 -0.87 2.75
CA LEU B 39 -8.79 -1.81 1.88
C LEU B 39 -9.82 -2.77 1.47
N GLY B 40 -10.71 -3.23 2.36
CA GLY B 40 -11.76 -4.08 1.94
C GLY B 40 -11.77 -5.36 2.64
N LEU B 41 -10.76 -5.72 3.46
CA LEU B 41 -10.82 -6.95 4.14
C LEU B 41 -10.60 -6.74 5.57
N ASN B 42 -10.78 -7.74 6.44
CA ASN B 42 -10.61 -7.53 7.84
C ASN B 42 -9.21 -7.45 8.23
N GLU B 43 -8.90 -7.17 9.50
CA GLU B 43 -7.55 -7.10 9.93
C GLU B 43 -6.92 -8.41 9.84
N GLU B 44 -7.68 -9.52 9.91
CA GLU B 44 -7.13 -10.80 9.81
C GLU B 44 -6.50 -10.97 8.50
N GLN B 45 -7.06 -10.44 7.40
CA GLN B 45 -6.46 -10.64 6.15
C GLN B 45 -5.28 -9.81 5.98
N ILE B 46 -4.99 -8.84 6.88
CA ILE B 46 -3.80 -8.09 6.77
C ILE B 46 -2.74 -8.94 7.31
N GLU B 47 -2.95 -9.55 8.48
CA GLU B 47 -1.98 -10.39 9.07
C GLU B 47 -1.72 -11.57 8.24
N ARG B 48 -2.70 -12.10 7.49
CA ARG B 48 -2.45 -13.26 6.72
C ARG B 48 -1.68 -12.95 5.52
N TRP B 49 -1.93 -11.91 4.72
CA TRP B 49 -1.07 -11.72 3.61
C TRP B 49 0.24 -11.25 4.06
N PHE B 50 0.34 -10.50 5.16
CA PHE B 50 1.58 -10.02 5.63
C PHE B 50 2.49 -11.13 5.87
N ARG B 51 2.11 -12.17 6.64
CA ARG B 51 3.01 -13.22 6.87
C ARG B 51 3.09 -14.14 5.73
N ARG B 52 2.02 -14.46 4.99
CA ARG B 52 2.17 -15.34 3.88
C ARG B 52 3.01 -14.77 2.82
N LYS B 53 3.34 -13.48 2.81
CA LYS B 53 4.20 -12.96 1.81
C LYS B 53 5.60 -13.24 2.12
N GLU B 54 5.98 -13.31 3.40
CA GLU B 54 7.34 -13.50 3.76
C GLU B 54 7.57 -14.88 4.16
N GLN B 55 6.77 -15.50 5.03
CA GLN B 55 7.02 -16.82 5.48
C GLN B 55 6.93 -17.78 4.37
N GLN B 56 6.32 -17.49 3.23
CA GLN B 56 6.27 -18.42 2.18
C GLN B 56 7.59 -18.67 1.61
N ILE B 57 8.50 -17.68 1.57
CA ILE B 57 9.75 -17.93 0.97
C ILE B 57 10.72 -18.28 2.01
N GLY B 58 10.49 -17.97 3.29
CA GLY B 58 11.46 -18.28 4.27
C GLY B 58 11.76 -17.09 5.05
N TRP B 59 10.99 -15.99 4.91
CA TRP B 59 11.16 -14.81 5.65
C TRP B 59 12.36 -14.06 5.31
N SER B 60 13.15 -14.39 4.26
CA SER B 60 14.25 -13.57 3.97
C SER B 60 13.80 -12.49 3.09
N HIS B 61 13.16 -12.78 1.95
CA HIS B 61 12.73 -11.76 1.09
C HIS B 61 11.30 -11.89 0.79
N PRO B 62 10.42 -10.94 1.15
CA PRO B 62 9.05 -10.99 0.78
C PRO B 62 8.90 -11.17 -0.62
N GLN B 63 7.92 -11.93 -1.06
CA GLN B 63 7.75 -12.20 -2.45
C GLN B 63 7.73 -11.03 -3.32
N PHE B 64 7.45 -9.79 -2.91
CA PHE B 64 7.47 -8.74 -3.85
C PHE B 64 8.82 -8.23 -4.03
N GLU B 65 9.79 -8.42 -3.12
CA GLU B 65 11.08 -7.92 -3.39
C GLU B 65 12.03 -9.03 -3.52
N LYS B 66 11.62 -10.31 -3.52
CA LYS B 66 12.56 -11.35 -3.68
C LYS B 66 13.14 -11.28 -5.01
N MET A 1 -11.92 -3.43 -14.33
CA MET A 1 -12.35 -2.19 -13.67
C MET A 1 -11.76 -2.12 -12.34
N GLU A 2 -11.96 -1.04 -11.58
CA GLU A 2 -11.42 -0.86 -10.27
C GLU A 2 -9.97 -0.65 -10.27
N LYS A 3 -9.15 -1.46 -10.97
CA LYS A 3 -7.76 -1.20 -11.05
C LYS A 3 -7.54 -0.02 -11.88
N ARG A 4 -6.32 0.49 -12.03
CA ARG A 4 -6.16 1.69 -12.76
C ARG A 4 -5.43 1.46 -14.01
N PRO A 5 -6.07 1.34 -15.19
CA PRO A 5 -5.36 1.21 -16.40
C PRO A 5 -5.03 2.50 -16.92
N ARG A 6 -5.42 3.58 -16.27
CA ARG A 6 -5.14 4.87 -16.78
C ARG A 6 -3.91 5.41 -16.23
N THR A 7 -3.14 4.69 -15.40
CA THR A 7 -1.92 5.19 -14.86
C THR A 7 -2.07 6.48 -14.20
N GLU A 8 -2.94 6.58 -13.17
CA GLU A 8 -3.12 7.79 -12.47
C GLU A 8 -3.74 7.52 -11.18
N PHE A 9 -3.51 6.33 -10.61
CA PHE A 9 -4.00 5.87 -9.36
C PHE A 9 -5.45 5.93 -9.20
N SER A 10 -6.07 4.78 -8.85
CA SER A 10 -7.46 4.69 -8.68
C SER A 10 -7.81 4.75 -7.27
N GLU A 11 -9.11 4.77 -6.91
CA GLU A 11 -9.48 4.79 -5.54
C GLU A 11 -9.10 3.53 -4.91
N GLU A 12 -8.89 2.44 -5.66
CA GLU A 12 -8.51 1.24 -5.05
C GLU A 12 -7.06 1.12 -5.02
N GLN A 13 -6.29 2.07 -5.57
CA GLN A 13 -4.88 1.97 -5.50
C GLN A 13 -4.38 2.98 -4.57
N LYS A 14 -5.15 4.03 -4.24
CA LYS A 14 -4.68 5.03 -3.37
C LYS A 14 -4.39 4.51 -2.03
N LYS A 15 -4.78 3.28 -1.65
CA LYS A 15 -4.36 2.75 -0.40
C LYS A 15 -2.92 2.49 -0.49
N ALA A 16 -2.43 1.86 -1.57
CA ALA A 16 -1.04 1.59 -1.68
C ALA A 16 -0.27 2.84 -1.75
N LEU A 17 -0.76 3.93 -2.36
CA LEU A 17 0.00 5.11 -2.39
C LEU A 17 0.03 5.75 -1.07
N ASP A 18 -0.64 5.24 -0.02
CA ASP A 18 -0.53 5.83 1.25
C ASP A 18 0.37 5.03 2.08
N LEU A 19 0.35 3.70 1.99
CA LEU A 19 1.22 2.91 2.79
C LEU A 19 2.60 3.00 2.31
N ALA A 20 2.93 3.66 1.20
CA ALA A 20 4.28 3.75 0.79
C ALA A 20 4.95 4.88 1.43
N PHE A 21 4.28 5.72 2.24
CA PHE A 21 4.90 6.83 2.85
C PHE A 21 5.91 6.40 3.82
N TYR A 22 5.51 5.59 4.80
CA TYR A 22 6.32 5.03 5.83
C TYR A 22 7.36 5.89 6.36
N PHE A 23 7.10 7.16 6.69
CA PHE A 23 8.01 8.04 7.31
C PHE A 23 9.06 8.51 6.41
N ASP A 24 9.70 7.67 5.58
CA ASP A 24 10.70 8.16 4.73
C ASP A 24 10.30 8.06 3.32
N ARG A 25 9.07 8.46 2.96
CA ARG A 25 8.65 8.63 1.62
C ARG A 25 9.17 7.70 0.61
N ARG A 26 8.73 6.43 0.47
CA ARG A 26 9.28 5.64 -0.57
C ARG A 26 9.07 6.36 -1.84
N LEU A 27 10.11 6.97 -2.42
CA LEU A 27 9.93 7.75 -3.58
C LEU A 27 11.20 7.97 -4.25
N THR A 28 12.28 7.25 -3.92
CA THR A 28 13.52 7.45 -4.58
C THR A 28 13.48 6.81 -5.89
N PRO A 29 14.41 7.01 -6.84
CA PRO A 29 14.34 6.39 -8.11
C PRO A 29 14.06 4.99 -8.05
N GLU A 30 14.68 4.22 -7.20
CA GLU A 30 14.42 2.83 -7.12
C GLU A 30 13.11 2.55 -6.55
N TRP A 31 12.79 3.07 -5.35
CA TRP A 31 11.56 2.77 -4.71
C TRP A 31 10.42 3.18 -5.52
N ARG A 32 10.41 4.41 -6.07
CA ARG A 32 9.38 4.89 -6.92
C ARG A 32 9.17 3.97 -8.04
N ARG A 33 10.20 3.64 -8.84
CA ARG A 33 10.05 2.77 -9.94
C ARG A 33 9.85 1.38 -9.53
N TYR A 34 10.07 0.98 -8.27
CA TYR A 34 9.86 -0.37 -7.89
C TYR A 34 8.41 -0.57 -7.74
N LEU A 35 7.73 0.31 -6.99
CA LEU A 35 6.35 0.18 -6.79
C LEU A 35 5.61 0.28 -8.04
N SER A 36 5.98 1.18 -8.97
CA SER A 36 5.23 1.33 -10.16
C SER A 36 5.29 0.15 -11.03
N GLN A 37 6.10 -0.89 -10.77
CA GLN A 37 6.12 -2.01 -11.63
C GLN A 37 4.84 -2.73 -11.61
N ARG A 38 4.22 -2.98 -10.45
CA ARG A 38 2.99 -3.68 -10.47
C ARG A 38 1.94 -2.88 -9.86
N LEU A 39 2.20 -1.66 -9.38
CA LEU A 39 1.17 -0.89 -8.78
C LEU A 39 0.20 -0.47 -9.79
N GLY A 40 0.60 0.04 -10.95
CA GLY A 40 -0.35 0.35 -11.95
C GLY A 40 -0.24 1.72 -12.43
N LEU A 41 0.54 2.62 -11.82
CA LEU A 41 0.64 3.91 -12.37
C LEU A 41 2.05 4.25 -12.58
N ASN A 42 2.37 5.36 -13.26
CA ASN A 42 3.72 5.67 -13.54
C ASN A 42 4.40 6.24 -12.38
N GLU A 43 5.74 6.33 -12.40
CA GLU A 43 6.46 6.87 -11.32
C GLU A 43 6.06 8.26 -11.09
N GLU A 44 5.62 9.00 -12.11
CA GLU A 44 5.21 10.34 -11.92
C GLU A 44 4.02 10.38 -11.08
N GLN A 45 3.12 9.38 -11.11
CA GLN A 45 1.95 9.46 -10.34
C GLN A 45 2.23 9.13 -8.94
N ILE A 46 3.42 8.62 -8.59
CA ILE A 46 3.71 8.39 -7.23
C ILE A 46 3.90 9.71 -6.64
N GLU A 47 4.66 10.60 -7.30
CA GLU A 47 4.88 11.90 -6.79
C GLU A 47 3.63 12.66 -6.70
N ARG A 48 2.63 12.49 -7.58
CA ARG A 48 1.45 13.27 -7.47
C ARG A 48 0.66 12.93 -6.29
N TRP A 49 0.31 11.67 -5.99
CA TRP A 49 -0.46 11.47 -4.83
C TRP A 49 0.38 11.66 -3.63
N PHE A 50 1.70 11.43 -3.70
CA PHE A 50 2.55 11.64 -2.60
C PHE A 50 2.47 13.01 -2.10
N ARG A 51 2.58 14.05 -2.93
CA ARG A 51 2.54 15.35 -2.40
C ARG A 51 1.16 15.71 -2.11
N ARG A 52 0.14 15.30 -2.89
CA ARG A 52 -1.20 15.61 -2.55
C ARG A 52 -1.60 14.97 -1.29
N LYS A 53 -0.83 14.01 -0.75
CA LYS A 53 -1.13 13.40 0.48
C LYS A 53 -1.24 14.36 1.56
N GLU A 54 -0.19 15.15 1.84
CA GLU A 54 -0.22 16.02 2.94
C GLU A 54 -0.49 17.39 2.52
N GLN A 55 -0.45 17.74 1.23
CA GLN A 55 -0.71 19.08 0.87
C GLN A 55 -2.15 19.29 0.73
N GLN A 56 -2.99 18.25 0.80
CA GLN A 56 -4.38 18.45 0.71
C GLN A 56 -4.91 19.14 1.88
N ILE A 57 -4.54 18.76 3.12
CA ILE A 57 -5.13 19.39 4.24
C ILE A 57 -4.17 19.99 5.15
N GLY A 58 -2.84 19.84 5.00
CA GLY A 58 -1.99 20.40 5.96
C GLY A 58 -1.27 19.36 6.70
N TRP A 59 -1.05 18.16 6.13
CA TRP A 59 -0.29 17.15 6.75
C TRP A 59 -0.95 16.49 7.89
N SER A 60 -2.25 16.61 8.16
CA SER A 60 -2.78 15.88 9.25
C SER A 60 -3.09 14.50 8.87
N HIS A 61 -3.04 14.15 7.57
CA HIS A 61 -3.22 12.81 7.12
C HIS A 61 -4.56 12.22 7.35
N PRO A 62 -5.71 12.86 7.10
CA PRO A 62 -6.96 12.22 7.27
C PRO A 62 -7.46 11.73 6.02
N GLN A 63 -6.77 11.85 4.91
CA GLN A 63 -7.35 11.48 3.67
C GLN A 63 -7.38 10.03 3.48
N PHE A 64 -6.82 9.20 4.38
CA PHE A 64 -6.95 7.81 4.22
C PHE A 64 -8.37 7.49 4.33
N GLU A 65 -9.13 8.13 5.24
CA GLU A 65 -10.50 7.85 5.35
C GLU A 65 -11.28 8.95 4.80
N LYS A 66 -10.69 10.08 4.39
CA LYS A 66 -11.45 11.13 3.84
C LYS A 66 -11.01 11.37 2.47
N MET B 1 -15.24 -5.91 -10.01
CA MET B 1 -14.24 -6.98 -10.03
C MET B 1 -12.94 -6.41 -9.70
N GLU B 2 -11.85 -7.21 -9.67
CA GLU B 2 -10.54 -6.78 -9.33
C GLU B 2 -10.39 -6.39 -7.93
N LYS B 3 -11.29 -5.61 -7.31
CA LYS B 3 -11.17 -5.32 -5.93
C LYS B 3 -11.51 -6.52 -5.16
N ARG B 4 -11.39 -6.55 -3.83
CA ARG B 4 -11.66 -7.75 -3.15
C ARG B 4 -12.87 -7.65 -2.33
N PRO B 5 -14.02 -8.23 -2.70
CA PRO B 5 -15.15 -8.21 -1.87
C PRO B 5 -15.16 -9.38 -1.05
N ARG B 6 -14.19 -10.27 -1.17
CA ARG B 6 -14.19 -11.46 -0.42
C ARG B 6 -13.43 -11.34 0.83
N THR B 7 -12.86 -10.17 1.17
CA THR B 7 -12.12 -9.98 2.36
C THR B 7 -11.04 -10.97 2.49
N GLU B 8 -10.10 -11.04 1.54
CA GLU B 8 -9.03 -11.96 1.63
C GLU B 8 -7.96 -11.53 0.73
N PHE B 9 -7.85 -10.22 0.45
CA PHE B 9 -6.88 -9.60 -0.38
C PHE B 9 -6.77 -10.14 -1.74
N SER B 10 -6.90 -9.26 -2.75
CA SER B 10 -6.84 -9.64 -4.11
C SER B 10 -5.52 -9.37 -4.65
N GLU B 11 -5.23 -9.72 -5.90
CA GLU B 11 -3.96 -9.44 -6.47
C GLU B 11 -3.82 -7.99 -6.63
N GLU B 12 -4.91 -7.21 -6.65
CA GLU B 12 -4.77 -5.81 -6.78
C GLU B 12 -4.70 -5.20 -5.46
N GLN B 13 -4.84 -5.93 -4.34
CA GLN B 13 -4.73 -5.34 -3.07
C GLN B 13 -3.48 -5.78 -2.47
N LYS B 14 -2.84 -6.86 -2.94
CA LYS B 14 -1.62 -7.28 -2.35
C LYS B 14 -0.57 -6.28 -2.49
N LYS B 15 -0.69 -5.23 -3.32
CA LYS B 15 0.28 -4.21 -3.31
C LYS B 15 0.16 -3.51 -2.03
N ALA B 16 -1.05 -3.18 -1.56
CA ALA B 16 -1.19 -2.53 -0.32
C ALA B 16 -0.80 -3.41 0.78
N LEU B 17 -1.00 -4.74 0.73
CA LEU B 17 -0.57 -5.53 1.81
C LEU B 17 0.87 -5.74 1.72
N ASP B 18 1.55 -5.37 0.62
CA ASP B 18 2.95 -5.43 0.65
C ASP B 18 3.42 -4.25 1.37
N LEU B 19 2.89 -3.06 1.03
CA LEU B 19 3.29 -1.87 1.67
C LEU B 19 2.74 -1.79 3.02
N ALA B 20 1.89 -2.70 3.53
CA ALA B 20 1.46 -2.56 4.86
C ALA B 20 2.53 -3.02 5.76
N PHE B 21 3.58 -3.70 5.27
CA PHE B 21 4.65 -4.09 6.10
C PHE B 21 5.41 -2.89 6.44
N TYR B 22 5.84 -2.13 5.42
CA TYR B 22 6.53 -0.89 5.47
C TYR B 22 7.51 -0.77 6.56
N PHE B 23 8.40 -1.75 6.80
CA PHE B 23 9.40 -1.66 7.81
C PHE B 23 8.87 -1.83 9.17
N ASP B 24 7.85 -1.11 9.64
CA ASP B 24 7.43 -1.32 10.96
C ASP B 24 6.11 -1.96 11.02
N ARG B 25 5.87 -3.02 10.23
CA ARG B 25 4.73 -3.85 10.35
C ARG B 25 3.46 -3.21 10.68
N ARG B 26 2.75 -2.47 9.79
CA ARG B 26 1.51 -1.95 10.24
C ARG B 26 0.66 -3.09 10.60
N LEU B 27 0.44 -3.34 11.90
CA LEU B 27 -0.27 -4.48 12.30
C LEU B 27 -0.53 -4.38 13.74
N THR B 28 -0.92 -3.20 14.25
CA THR B 28 -1.18 -3.05 15.62
C THR B 28 -2.63 -2.97 15.78
N PRO B 29 -3.24 -2.95 16.98
CA PRO B 29 -4.65 -2.83 17.07
C PRO B 29 -5.16 -1.72 16.33
N GLU B 30 -4.52 -0.58 16.32
CA GLU B 30 -5.01 0.52 15.59
C GLU B 30 -4.67 0.44 14.18
N TRP B 31 -3.39 0.27 13.80
CA TRP B 31 -3.02 0.28 12.44
C TRP B 31 -3.65 -0.78 11.67
N ARG B 32 -3.72 -2.03 12.17
CA ARG B 32 -4.33 -3.09 11.46
C ARG B 32 -5.73 -2.78 11.19
N ARG B 33 -6.50 -2.29 12.17
CA ARG B 33 -7.86 -1.96 11.96
C ARG B 33 -8.01 -0.69 11.24
N TYR B 34 -6.98 0.14 11.09
CA TYR B 34 -7.12 1.37 10.39
C TYR B 34 -7.13 1.06 8.96
N LEU B 35 -6.17 0.25 8.49
CA LEU B 35 -6.09 -0.09 7.13
C LEU B 35 -7.28 -0.83 6.70
N SER B 36 -7.80 -1.78 7.48
CA SER B 36 -8.90 -2.55 7.04
C SER B 36 -10.12 -1.76 6.86
N GLN B 37 -10.20 -0.47 7.24
CA GLN B 37 -11.40 0.25 7.04
C GLN B 37 -11.66 0.44 5.61
N ARG B 38 -10.69 0.81 4.78
CA ARG B 38 -10.98 0.99 3.41
C ARG B 38 -10.16 0.11 2.58
N LEU B 39 -9.30 -0.75 3.13
CA LEU B 39 -8.51 -1.60 2.31
C LEU B 39 -9.35 -2.64 1.71
N GLY B 40 -10.24 -3.32 2.44
CA GLY B 40 -11.11 -4.24 1.80
C GLY B 40 -11.05 -5.56 2.41
N LEU B 41 -10.13 -5.88 3.32
CA LEU B 41 -10.17 -7.15 3.93
C LEU B 41 -10.15 -7.01 5.37
N ASN B 42 -10.37 -8.09 6.15
CA ASN B 42 -10.43 -7.96 7.55
C ASN B 42 -9.11 -7.84 8.16
N GLU B 43 -9.01 -7.46 9.45
CA GLU B 43 -7.76 -7.34 10.08
C GLU B 43 -7.08 -8.62 10.10
N GLU B 44 -7.80 -9.76 10.12
CA GLU B 44 -7.16 -11.01 10.13
C GLU B 44 -6.43 -11.23 8.88
N GLN B 45 -6.85 -10.66 7.74
CA GLN B 45 -6.16 -10.90 6.53
C GLN B 45 -4.95 -10.08 6.45
N ILE B 46 -4.74 -9.11 7.34
CA ILE B 46 -3.53 -8.39 7.33
C ILE B 46 -2.53 -9.31 7.86
N GLU B 47 -2.83 -10.04 8.94
CA GLU B 47 -1.89 -10.93 9.49
C GLU B 47 -1.57 -12.03 8.57
N ARG B 48 -2.43 -12.42 7.61
CA ARG B 48 -2.07 -13.50 6.76
C ARG B 48 -1.14 -13.08 5.72
N TRP B 49 -1.32 -11.99 4.97
CA TRP B 49 -0.33 -11.70 4.00
C TRP B 49 0.87 -11.22 4.68
N PHE B 50 0.77 -10.61 5.88
CA PHE B 50 1.88 -10.15 6.60
C PHE B 50 2.83 -11.22 6.88
N ARG B 51 2.41 -12.38 7.42
CA ARG B 51 3.37 -13.37 7.71
C ARG B 51 3.74 -14.06 6.48
N ARG B 52 2.85 -14.29 5.51
CA ARG B 52 3.24 -14.90 4.29
C ARG B 52 4.18 -14.04 3.55
N LYS B 53 4.37 -12.76 3.91
CA LYS B 53 5.29 -11.90 3.28
C LYS B 53 6.63 -12.46 3.30
N GLU B 54 7.20 -12.77 4.48
CA GLU B 54 8.53 -13.22 4.53
C GLU B 54 8.61 -14.65 4.75
N GLN B 55 7.53 -15.36 5.10
CA GLN B 55 7.66 -16.75 5.31
C GLN B 55 7.54 -17.47 4.05
N GLN B 56 7.20 -16.82 2.92
CA GLN B 56 7.13 -17.50 1.69
C GLN B 56 8.45 -17.92 1.23
N ILE B 57 9.48 -17.05 1.23
CA ILE B 57 10.71 -17.47 0.69
C ILE B 57 11.82 -17.33 1.62
N GLY B 58 11.68 -16.77 2.83
CA GLY B 58 12.82 -16.65 3.66
C GLY B 58 13.16 -15.24 3.85
N TRP B 59 12.19 -14.31 3.83
CA TRP B 59 12.42 -12.95 4.11
C TRP B 59 13.18 -12.21 3.09
N SER B 60 13.39 -12.66 1.85
CA SER B 60 14.10 -11.84 0.94
C SER B 60 13.20 -10.90 0.27
N HIS B 61 11.87 -11.03 0.40
CA HIS B 61 10.94 -10.10 -0.13
C HIS B 61 10.90 -9.99 -1.59
N PRO B 62 10.89 -11.04 -2.43
CA PRO B 62 10.79 -10.88 -3.83
C PRO B 62 9.43 -11.05 -4.26
N GLN B 63 8.46 -11.29 -3.42
CA GLN B 63 7.17 -11.58 -3.90
C GLN B 63 6.46 -10.39 -4.35
N PHE B 64 7.00 -9.17 -4.22
CA PHE B 64 6.35 -8.04 -4.77
C PHE B 64 6.30 -8.23 -6.21
N GLU B 65 7.36 -8.75 -6.85
CA GLU B 65 7.32 -8.95 -8.25
C GLU B 65 7.19 -10.37 -8.55
N LYS B 66 7.23 -11.28 -7.57
CA LYS B 66 7.07 -12.65 -7.86
C LYS B 66 5.89 -13.15 -7.17
N MET A 1 -14.82 2.61 -8.82
CA MET A 1 -14.32 1.25 -9.03
C MET A 1 -13.43 0.92 -7.91
N GLU A 2 -12.12 0.70 -8.16
CA GLU A 2 -11.21 0.37 -7.13
C GLU A 2 -9.90 0.39 -7.77
N LYS A 3 -9.64 -0.50 -8.73
CA LYS A 3 -8.43 -0.41 -9.45
C LYS A 3 -8.54 0.78 -10.29
N ARG A 4 -7.54 1.68 -10.34
CA ARG A 4 -7.68 2.86 -11.09
C ARG A 4 -7.83 2.60 -12.52
N PRO A 5 -8.92 3.03 -13.19
CA PRO A 5 -9.09 2.85 -14.58
C PRO A 5 -7.97 3.28 -15.37
N ARG A 6 -7.39 4.45 -15.25
CA ARG A 6 -6.27 4.71 -16.06
C ARG A 6 -5.11 5.11 -15.26
N THR A 7 -4.89 6.38 -14.89
CA THR A 7 -3.73 6.70 -14.14
C THR A 7 -3.93 7.75 -13.15
N GLU A 8 -5.00 7.85 -12.34
CA GLU A 8 -5.05 8.92 -11.42
C GLU A 8 -5.32 8.44 -10.06
N PHE A 9 -4.47 7.60 -9.45
CA PHE A 9 -4.57 7.20 -8.09
C PHE A 9 -5.90 7.25 -7.50
N SER A 10 -6.76 6.22 -7.59
CA SER A 10 -8.01 6.29 -6.94
C SER A 10 -7.86 5.85 -5.56
N GLU A 11 -8.90 5.93 -4.72
CA GLU A 11 -8.86 5.59 -3.35
C GLU A 11 -8.02 4.44 -3.02
N GLU A 12 -8.09 3.30 -3.72
CA GLU A 12 -7.26 2.20 -3.37
C GLU A 12 -5.85 2.49 -3.62
N GLN A 13 -5.48 3.22 -4.69
CA GLN A 13 -4.12 3.50 -4.89
C GLN A 13 -3.71 4.61 -4.02
N LYS A 14 -4.62 5.44 -3.50
CA LYS A 14 -4.24 6.48 -2.62
C LYS A 14 -3.80 5.85 -1.37
N LYS A 15 -4.53 4.84 -0.86
CA LYS A 15 -4.12 4.19 0.33
C LYS A 15 -2.89 3.44 0.09
N ALA A 16 -2.70 2.80 -1.07
CA ALA A 16 -1.49 2.10 -1.32
C ALA A 16 -0.34 3.00 -1.17
N LEU A 17 -0.38 4.24 -1.71
CA LEU A 17 0.72 5.11 -1.56
C LEU A 17 0.75 5.71 -0.22
N ASP A 18 -0.33 5.70 0.57
CA ASP A 18 -0.25 6.17 1.91
C ASP A 18 0.68 5.35 2.67
N LEU A 19 0.78 4.04 2.42
CA LEU A 19 1.70 3.26 3.13
C LEU A 19 3.07 3.47 2.65
N ALA A 20 3.35 4.26 1.59
CA ALA A 20 4.68 4.45 1.17
C ALA A 20 5.35 5.50 1.95
N PHE A 21 4.72 6.11 2.97
CA PHE A 21 5.40 7.10 3.70
C PHE A 21 6.37 6.48 4.59
N TYR A 22 7.27 7.28 5.18
CA TYR A 22 8.37 6.83 5.97
C TYR A 22 9.52 6.53 5.14
N PHE A 23 9.40 6.39 3.81
CA PHE A 23 10.52 6.11 2.99
C PHE A 23 11.20 4.88 3.38
N ASP A 24 10.53 3.72 3.42
CA ASP A 24 11.23 2.52 3.69
C ASP A 24 11.89 2.11 2.44
N ARG A 25 12.90 2.85 1.95
CA ARG A 25 13.47 2.60 0.69
C ARG A 25 12.47 2.77 -0.38
N ARG A 26 11.25 3.27 -0.11
CA ARG A 26 10.27 3.38 -1.11
C ARG A 26 10.37 4.69 -1.72
N LEU A 27 9.59 5.02 -2.76
CA LEU A 27 9.58 6.34 -3.30
C LEU A 27 10.87 6.72 -3.88
N THR A 28 11.83 5.82 -4.15
CA THR A 28 13.04 6.23 -4.76
C THR A 28 12.98 5.79 -6.15
N PRO A 29 13.88 6.17 -7.07
CA PRO A 29 13.80 5.76 -8.43
C PRO A 29 13.67 4.36 -8.65
N GLU A 30 14.29 3.49 -7.88
CA GLU A 30 14.16 2.11 -8.16
C GLU A 30 13.04 1.53 -7.43
N TRP A 31 12.37 2.25 -6.52
CA TRP A 31 11.22 1.71 -5.90
C TRP A 31 10.05 2.42 -6.41
N ARG A 32 10.23 3.44 -7.28
CA ARG A 32 9.14 4.08 -7.88
C ARG A 32 8.72 3.23 -9.00
N ARG A 33 9.66 2.71 -9.79
CA ARG A 33 9.32 1.82 -10.83
C ARG A 33 8.86 0.55 -10.24
N TYR A 34 9.17 0.24 -8.99
CA TYR A 34 8.68 -0.93 -8.34
C TYR A 34 7.25 -0.80 -8.11
N LEU A 35 6.77 0.28 -7.49
CA LEU A 35 5.39 0.42 -7.23
C LEU A 35 4.65 0.51 -8.49
N SER A 36 5.07 1.32 -9.46
CA SER A 36 4.35 1.45 -10.67
C SER A 36 4.43 0.24 -11.50
N GLN A 37 5.21 -0.80 -11.17
CA GLN A 37 5.25 -1.96 -11.98
C GLN A 37 3.96 -2.65 -11.94
N ARG A 38 3.35 -2.89 -10.76
CA ARG A 38 2.14 -3.60 -10.74
C ARG A 38 1.07 -2.80 -10.16
N LEU A 39 1.29 -1.53 -9.77
CA LEU A 39 0.24 -0.74 -9.24
C LEU A 39 -0.69 -0.39 -10.32
N GLY A 40 -0.21 0.17 -11.43
CA GLY A 40 -1.10 0.54 -12.48
C GLY A 40 -0.99 1.98 -12.69
N LEU A 41 -0.16 2.72 -11.93
CA LEU A 41 -0.03 4.10 -12.16
C LEU A 41 1.27 4.36 -12.75
N ASN A 42 1.61 5.60 -13.13
CA ASN A 42 2.88 5.86 -13.67
C ASN A 42 3.75 6.36 -12.62
N GLU A 43 5.08 6.38 -12.80
CA GLU A 43 5.95 6.85 -11.80
C GLU A 43 5.64 8.22 -11.42
N GLU A 44 5.24 9.08 -12.36
CA GLU A 44 4.88 10.41 -12.05
C GLU A 44 3.74 10.42 -11.14
N GLN A 45 2.76 9.51 -11.26
CA GLN A 45 1.64 9.54 -10.40
C GLN A 45 1.98 9.03 -9.08
N ILE A 46 3.16 8.43 -8.85
CA ILE A 46 3.50 7.99 -7.56
C ILE A 46 3.96 9.18 -6.83
N GLU A 47 4.86 9.98 -7.43
CA GLU A 47 5.36 11.14 -6.80
C GLU A 47 4.29 12.10 -6.56
N ARG A 48 3.36 12.30 -7.50
CA ARG A 48 2.32 13.24 -7.33
C ARG A 48 1.47 12.97 -6.18
N TRP A 49 0.76 11.83 -6.07
CA TRP A 49 -0.09 11.65 -4.94
C TRP A 49 0.65 11.72 -3.69
N PHE A 50 1.85 11.13 -3.60
CA PHE A 50 2.61 11.13 -2.41
C PHE A 50 2.90 12.49 -1.97
N ARG A 51 3.42 13.39 -2.82
CA ARG A 51 3.77 14.68 -2.38
C ARG A 51 2.59 15.54 -2.24
N ARG A 52 1.48 15.34 -2.97
CA ARG A 52 0.36 16.20 -2.88
C ARG A 52 -0.19 16.20 -1.52
N LYS A 53 -0.30 15.07 -0.82
CA LYS A 53 -0.84 15.13 0.49
C LYS A 53 0.00 15.92 1.38
N GLU A 54 1.28 16.21 1.09
CA GLU A 54 2.05 16.94 2.02
C GLU A 54 2.09 18.35 1.64
N GLN A 55 2.19 18.71 0.35
CA GLN A 55 2.25 20.07 0.00
C GLN A 55 0.94 20.71 0.13
N GLN A 56 -0.15 20.00 0.48
CA GLN A 56 -1.41 20.64 0.59
C GLN A 56 -1.53 21.40 1.83
N ILE A 57 -1.26 20.85 3.02
CA ILE A 57 -1.47 21.61 4.20
C ILE A 57 -0.22 22.10 4.78
N GLY A 58 0.97 21.62 4.41
CA GLY A 58 2.13 22.10 5.07
C GLY A 58 2.89 21.00 5.66
N TRP A 59 3.07 19.89 4.93
CA TRP A 59 3.85 18.78 5.33
C TRP A 59 3.36 18.08 6.51
N SER A 60 2.08 17.69 6.59
CA SER A 60 1.63 16.93 7.70
C SER A 60 0.79 15.83 7.23
N HIS A 61 0.69 15.61 5.90
CA HIS A 61 -0.11 14.60 5.31
C HIS A 61 -1.27 14.13 6.10
N PRO A 62 -2.28 14.97 6.39
CA PRO A 62 -3.46 14.53 7.04
C PRO A 62 -4.42 14.11 6.06
N GLN A 63 -4.08 14.02 4.81
CA GLN A 63 -5.00 13.67 3.80
C GLN A 63 -5.04 12.23 3.57
N PHE A 64 -4.49 11.36 4.43
CA PHE A 64 -4.47 9.96 4.22
C PHE A 64 -5.72 9.41 3.70
N GLU A 65 -6.93 9.70 4.21
CA GLU A 65 -8.10 9.20 3.57
C GLU A 65 -8.92 10.31 3.13
N LYS A 66 -8.34 11.40 2.60
CA LYS A 66 -9.13 12.49 2.18
C LYS A 66 -8.80 12.82 0.80
N MET B 1 -7.94 -10.40 -11.52
CA MET B 1 -8.60 -9.11 -11.44
C MET B 1 -7.65 -8.13 -10.89
N GLU B 2 -7.89 -7.56 -9.71
CA GLU B 2 -7.01 -6.61 -9.14
C GLU B 2 -7.53 -6.37 -7.80
N LYS B 3 -8.74 -5.81 -7.67
CA LYS B 3 -9.33 -5.68 -6.40
C LYS B 3 -9.69 -7.03 -5.97
N ARG B 4 -9.37 -7.47 -4.75
CA ARG B 4 -9.65 -8.81 -4.37
C ARG B 4 -11.08 -9.08 -4.36
N PRO B 5 -11.60 -10.07 -5.12
CA PRO B 5 -12.97 -10.40 -5.11
C PRO B 5 -13.51 -10.64 -3.80
N ARG B 6 -12.94 -11.42 -2.91
CA ARG B 6 -13.57 -11.51 -1.64
C ARG B 6 -12.63 -11.19 -0.56
N THR B 7 -11.82 -12.11 -0.01
CA THR B 7 -10.95 -11.74 1.04
C THR B 7 -9.66 -12.41 1.03
N GLU B 8 -8.92 -12.62 -0.07
CA GLU B 8 -7.68 -13.29 0.06
C GLU B 8 -6.59 -12.53 -0.56
N PHE B 9 -6.29 -11.30 -0.14
CA PHE B 9 -5.17 -10.55 -0.59
C PHE B 9 -4.66 -10.87 -1.92
N SER B 10 -5.15 -10.31 -3.03
CA SER B 10 -4.59 -10.61 -4.29
C SER B 10 -3.43 -9.73 -4.52
N GLU B 11 -2.67 -9.93 -5.60
CA GLU B 11 -1.50 -9.16 -5.89
C GLU B 11 -1.57 -7.75 -5.55
N GLU B 12 -2.62 -6.99 -5.86
CA GLU B 12 -2.65 -5.63 -5.51
C GLU B 12 -2.72 -5.45 -4.06
N GLN B 13 -3.44 -6.29 -3.29
CA GLN B 13 -3.48 -6.11 -1.90
C GLN B 13 -2.25 -6.65 -1.31
N LYS B 14 -1.52 -7.56 -1.97
CA LYS B 14 -0.30 -8.04 -1.43
C LYS B 14 0.66 -6.94 -1.45
N LYS B 15 0.75 -6.16 -2.53
CA LYS B 15 1.63 -5.06 -2.57
C LYS B 15 1.20 -4.04 -1.62
N ALA B 16 -0.10 -3.76 -1.46
CA ALA B 16 -0.52 -2.80 -0.51
C ALA B 16 -0.01 -3.13 0.82
N LEU B 17 -0.07 -4.39 1.27
CA LEU B 17 0.44 -4.71 2.56
C LEU B 17 1.90 -4.80 2.55
N ASP B 18 2.60 -4.93 1.41
CA ASP B 18 4.00 -4.89 1.40
C ASP B 18 4.46 -3.59 1.88
N LEU B 19 3.75 -2.49 1.60
CA LEU B 19 4.19 -1.25 2.09
C LEU B 19 3.88 -1.09 3.52
N ALA B 20 3.19 -2.03 4.21
CA ALA B 20 2.93 -1.85 5.58
C ALA B 20 4.06 -2.29 6.40
N PHE B 21 5.19 -2.74 5.83
CA PHE B 21 6.27 -3.15 6.65
C PHE B 21 6.93 -1.98 7.21
N TYR B 22 7.78 -2.17 8.23
CA TYR B 22 8.40 -1.14 8.97
C TYR B 22 7.56 -0.74 10.08
N PHE B 23 6.26 -1.09 10.15
CA PHE B 23 5.44 -0.71 11.23
C PHE B 23 5.41 0.74 11.39
N ASP B 24 5.00 1.54 10.40
CA ASP B 24 4.86 2.93 10.61
C ASP B 24 3.60 3.14 11.31
N ARG B 25 3.46 2.71 12.57
CA ARG B 25 2.22 2.76 13.25
C ARG B 25 1.21 1.94 12.56
N ARG B 26 1.55 1.14 11.53
CA ARG B 26 0.57 0.42 10.83
C ARG B 26 0.42 -0.89 11.44
N LEU B 27 -0.55 -1.73 11.03
CA LEU B 27 -0.65 -3.07 11.49
C LEU B 27 -1.15 -3.19 12.86
N THR B 28 -1.24 -2.13 13.69
CA THR B 28 -1.71 -2.31 15.01
C THR B 28 -3.17 -2.27 14.98
N PRO B 29 -3.93 -2.66 16.00
CA PRO B 29 -5.34 -2.70 15.95
C PRO B 29 -5.99 -1.53 15.43
N GLU B 30 -5.57 -0.32 15.70
CA GLU B 30 -6.28 0.79 15.18
C GLU B 30 -5.82 1.12 13.83
N TRP B 31 -4.73 0.55 13.32
CA TRP B 31 -4.34 0.78 11.99
C TRP B 31 -4.57 -0.45 11.22
N ARG B 32 -5.08 -1.50 11.87
CA ARG B 32 -5.38 -2.71 11.20
C ARG B 32 -6.75 -2.55 10.72
N ARG B 33 -7.67 -2.02 11.56
CA ARG B 33 -8.96 -1.74 11.10
C ARG B 33 -8.92 -0.63 10.14
N TYR B 34 -7.87 0.19 10.12
CA TYR B 34 -7.73 1.24 9.18
C TYR B 34 -7.52 0.68 7.85
N LEU B 35 -6.56 -0.22 7.65
CA LEU B 35 -6.33 -0.76 6.37
C LEU B 35 -7.51 -1.51 5.93
N SER B 36 -8.09 -2.38 6.75
CA SER B 36 -9.21 -3.13 6.33
C SER B 36 -10.41 -2.32 6.16
N GLN B 37 -10.44 -1.01 6.49
CA GLN B 37 -11.60 -0.24 6.29
C GLN B 37 -11.88 -0.08 4.86
N ARG B 38 -10.91 0.29 4.02
CA ARG B 38 -11.20 0.49 2.66
C ARG B 38 -10.42 -0.42 1.82
N LEU B 39 -9.60 -1.33 2.37
CA LEU B 39 -8.88 -2.23 1.55
C LEU B 39 -9.80 -3.23 0.99
N GLY B 40 -10.60 -3.91 1.81
CA GLY B 40 -11.49 -4.88 1.31
C GLY B 40 -11.17 -6.17 1.91
N LEU B 41 -10.14 -6.26 2.77
CA LEU B 41 -9.84 -7.50 3.38
C LEU B 41 -10.20 -7.42 4.79
N ASN B 42 -10.08 -8.49 5.57
CA ASN B 42 -10.42 -8.41 6.94
C ASN B 42 -9.19 -8.22 7.71
N GLU B 43 -9.25 -7.79 8.99
CA GLU B 43 -8.08 -7.57 9.74
C GLU B 43 -7.30 -8.81 9.83
N GLU B 44 -7.93 -9.98 9.89
CA GLU B 44 -7.23 -11.21 9.92
C GLU B 44 -6.43 -11.36 8.70
N GLN B 45 -6.92 -10.95 7.52
CA GLN B 45 -6.17 -11.12 6.33
C GLN B 45 -5.09 -10.13 6.26
N ILE B 46 -5.05 -9.10 7.10
CA ILE B 46 -3.97 -8.19 7.07
C ILE B 46 -2.86 -8.83 7.77
N GLU B 47 -3.13 -9.41 8.95
CA GLU B 47 -2.14 -10.06 9.71
C GLU B 47 -1.59 -11.20 8.98
N ARG B 48 -2.42 -12.01 8.32
CA ARG B 48 -1.96 -13.16 7.62
C ARG B 48 -1.03 -12.84 6.54
N TRP B 49 -1.36 -12.06 5.51
CA TRP B 49 -0.42 -11.85 4.47
C TRP B 49 0.81 -11.25 4.98
N PHE B 50 0.73 -10.26 5.88
CA PHE B 50 1.88 -9.61 6.39
C PHE B 50 2.78 -10.55 7.03
N ARG B 51 2.32 -11.43 7.93
CA ARG B 51 3.21 -12.30 8.61
C ARG B 51 3.60 -13.43 7.77
N ARG B 52 2.79 -13.88 6.80
CA ARG B 52 3.14 -15.01 6.01
C ARG B 52 4.38 -14.78 5.28
N LYS B 53 4.63 -13.61 4.69
CA LYS B 53 5.84 -13.43 3.99
C LYS B 53 7.00 -13.53 4.88
N GLU B 54 6.88 -13.42 6.21
CA GLU B 54 8.04 -13.49 7.01
C GLU B 54 8.19 -14.83 7.56
N GLN B 55 7.13 -15.51 8.00
CA GLN B 55 7.29 -16.80 8.54
C GLN B 55 7.57 -17.80 7.51
N GLN B 56 7.60 -17.46 6.21
CA GLN B 56 7.87 -18.43 5.23
C GLN B 56 9.29 -18.76 5.14
N ILE B 57 10.23 -17.79 5.01
CA ILE B 57 11.58 -18.17 4.87
C ILE B 57 12.36 -17.96 6.09
N GLY B 58 11.89 -17.23 7.12
CA GLY B 58 12.73 -17.02 8.24
C GLY B 58 12.92 -15.59 8.51
N TRP B 59 11.85 -14.79 8.43
CA TRP B 59 11.85 -13.41 8.74
C TRP B 59 12.68 -12.60 7.86
N SER B 60 12.57 -12.69 6.53
CA SER B 60 13.31 -11.84 5.68
C SER B 60 12.44 -11.31 4.64
N HIS B 61 11.12 -11.58 4.67
CA HIS B 61 10.18 -11.17 3.69
C HIS B 61 10.69 -10.92 2.35
N PRO B 62 11.23 -11.92 1.63
CA PRO B 62 11.63 -11.76 0.27
C PRO B 62 10.53 -12.04 -0.59
N GLN B 63 9.33 -12.24 -0.09
CA GLN B 63 8.22 -12.58 -0.89
C GLN B 63 7.50 -11.40 -1.36
N PHE B 64 8.04 -10.17 -1.28
CA PHE B 64 7.34 -9.00 -1.67
C PHE B 64 6.58 -9.13 -2.93
N GLU B 65 7.10 -9.66 -4.04
CA GLU B 65 6.26 -9.84 -5.18
C GLU B 65 6.19 -11.26 -5.51
N LYS B 66 6.14 -12.17 -4.53
CA LYS B 66 6.10 -13.55 -4.83
C LYS B 66 4.93 -14.15 -4.20
N MET A 1 -14.95 5.69 -9.24
CA MET A 1 -13.50 5.70 -9.43
C MET A 1 -12.85 4.81 -8.47
N GLU A 2 -13.14 3.51 -8.48
CA GLU A 2 -12.55 2.62 -7.56
C GLU A 2 -11.89 1.53 -8.26
N LYS A 3 -11.96 1.42 -9.60
CA LYS A 3 -11.24 0.41 -10.28
C LYS A 3 -10.17 1.06 -11.02
N ARG A 4 -8.89 0.76 -10.79
CA ARG A 4 -7.84 1.39 -11.49
C ARG A 4 -8.04 1.28 -12.93
N PRO A 5 -8.30 2.38 -13.66
CA PRO A 5 -8.60 2.30 -15.04
C PRO A 5 -7.43 2.46 -15.88
N ARG A 6 -7.13 3.63 -16.40
CA ARG A 6 -6.01 3.75 -17.26
C ARG A 6 -4.86 4.29 -16.54
N THR A 7 -4.23 3.47 -15.69
CA THR A 7 -3.06 3.81 -14.96
C THR A 7 -3.04 5.20 -14.47
N GLU A 8 -4.08 5.66 -13.76
CA GLU A 8 -4.05 6.97 -13.24
C GLU A 8 -4.30 6.92 -11.80
N PHE A 9 -3.98 5.79 -11.14
CA PHE A 9 -4.17 5.53 -9.75
C PHE A 9 -5.55 5.74 -9.31
N SER A 10 -6.19 4.74 -8.70
CA SER A 10 -7.52 4.90 -8.27
C SER A 10 -7.62 4.70 -6.83
N GLU A 11 -8.80 4.78 -6.22
CA GLU A 11 -8.94 4.68 -4.82
C GLU A 11 -8.28 3.51 -4.24
N GLU A 12 -8.53 2.27 -4.67
CA GLU A 12 -7.90 1.17 -4.05
C GLU A 12 -6.47 1.08 -4.33
N GLN A 13 -5.84 1.95 -5.14
CA GLN A 13 -4.45 1.86 -5.29
C GLN A 13 -3.84 2.94 -4.53
N LYS A 14 -4.63 3.83 -3.91
CA LYS A 14 -4.06 4.84 -3.10
C LYS A 14 -3.67 4.28 -1.80
N LYS A 15 -3.96 3.02 -1.44
CA LYS A 15 -3.53 2.55 -0.19
C LYS A 15 -2.16 2.05 -0.31
N ALA A 16 -1.51 2.13 -1.48
CA ALA A 16 -0.15 1.76 -1.53
C ALA A 16 0.59 2.97 -1.25
N LEU A 17 0.23 4.12 -1.85
CA LEU A 17 0.93 5.29 -1.56
C LEU A 17 0.54 5.80 -0.25
N ASP A 18 -0.54 5.34 0.39
CA ASP A 18 -0.84 5.80 1.70
C ASP A 18 0.14 5.26 2.63
N LEU A 19 0.47 3.96 2.57
CA LEU A 19 1.40 3.40 3.48
C LEU A 19 2.76 3.74 3.07
N ALA A 20 3.02 4.34 1.90
CA ALA A 20 4.34 4.69 1.53
C ALA A 20 4.87 5.72 2.43
N PHE A 21 4.08 6.71 2.87
CA PHE A 21 4.59 7.75 3.68
C PHE A 21 5.34 7.33 4.87
N TYR A 22 6.40 8.07 5.20
CA TYR A 22 7.21 7.87 6.34
C TYR A 22 7.98 6.63 6.32
N PHE A 23 9.32 6.73 6.43
CA PHE A 23 10.19 5.62 6.47
C PHE A 23 10.24 4.89 5.21
N ASP A 24 9.19 4.16 4.79
CA ASP A 24 9.23 3.43 3.59
C ASP A 24 9.36 4.36 2.47
N ARG A 25 8.56 5.44 2.46
CA ARG A 25 8.63 6.50 1.53
C ARG A 25 8.97 6.13 0.16
N ARG A 26 8.09 5.45 -0.60
CA ARG A 26 8.36 5.12 -1.95
C ARG A 26 8.25 6.31 -2.81
N LEU A 27 9.10 7.34 -2.68
CA LEU A 27 8.99 8.48 -3.50
C LEU A 27 10.32 8.87 -3.94
N THR A 28 11.35 8.05 -3.69
CA THR A 28 12.67 8.35 -4.14
C THR A 28 12.79 7.67 -5.43
N PRO A 29 13.50 8.15 -6.48
CA PRO A 29 13.50 7.54 -7.76
C PRO A 29 13.63 6.11 -7.82
N GLU A 30 14.46 5.42 -7.08
CA GLU A 30 14.50 4.00 -7.24
C GLU A 30 13.48 3.35 -6.42
N TRP A 31 12.71 4.11 -5.63
CA TRP A 31 11.66 3.57 -4.86
C TRP A 31 10.40 3.85 -5.57
N ARG A 32 10.38 4.83 -6.50
CA ARG A 32 9.22 5.08 -7.26
C ARG A 32 9.02 3.98 -8.19
N ARG A 33 10.07 3.53 -8.91
CA ARG A 33 9.89 2.46 -9.81
C ARG A 33 9.61 1.22 -9.10
N TYR A 34 9.95 1.08 -7.80
CA TYR A 34 9.63 -0.09 -7.08
C TYR A 34 8.19 -0.21 -6.95
N LEU A 35 7.48 0.87 -6.58
CA LEU A 35 6.09 0.81 -6.38
C LEU A 35 5.42 0.73 -7.68
N SER A 36 5.71 1.64 -8.62
CA SER A 36 5.11 1.66 -9.90
C SER A 36 5.14 0.36 -10.58
N GLN A 37 6.25 -0.39 -10.55
CA GLN A 37 6.34 -1.60 -11.25
C GLN A 37 5.21 -2.50 -11.00
N ARG A 38 4.72 -2.67 -9.76
CA ARG A 38 3.65 -3.56 -9.56
C ARG A 38 2.43 -2.83 -9.23
N LEU A 39 2.46 -1.50 -9.06
CA LEU A 39 1.28 -0.79 -8.78
C LEU A 39 0.49 -0.69 -10.00
N GLY A 40 1.06 -0.25 -11.13
CA GLY A 40 0.33 -0.22 -12.34
C GLY A 40 0.46 1.07 -13.02
N LEU A 41 0.98 2.14 -12.42
CA LEU A 41 1.12 3.35 -13.15
C LEU A 41 2.51 3.80 -13.07
N ASN A 42 2.92 4.82 -13.85
CA ASN A 42 4.28 5.21 -13.88
C ASN A 42 4.72 5.95 -12.69
N GLU A 43 6.02 6.28 -12.61
CA GLU A 43 6.55 6.99 -11.51
C GLU A 43 5.95 8.33 -11.45
N GLU A 44 5.56 8.93 -12.58
CA GLU A 44 4.93 10.19 -12.56
C GLU A 44 3.69 10.13 -11.79
N GLN A 45 2.88 9.07 -11.87
CA GLN A 45 1.68 9.05 -11.15
C GLN A 45 1.94 8.79 -9.72
N ILE A 46 3.15 8.38 -9.31
CA ILE A 46 3.42 8.22 -7.94
C ILE A 46 3.65 9.56 -7.41
N GLU A 47 4.44 10.40 -8.11
CA GLU A 47 4.71 11.71 -7.67
C GLU A 47 3.49 12.50 -7.62
N ARG A 48 2.51 12.34 -8.52
CA ARG A 48 1.35 13.14 -8.48
C ARG A 48 0.49 12.81 -7.35
N TRP A 49 0.17 11.55 -7.04
CA TRP A 49 -0.69 11.32 -5.93
C TRP A 49 0.01 11.56 -4.67
N PHE A 50 1.26 11.12 -4.49
CA PHE A 50 1.96 11.30 -3.29
C PHE A 50 2.06 12.73 -2.94
N ARG A 51 2.50 13.61 -3.86
CA ARG A 51 2.61 14.99 -3.59
C ARG A 51 1.30 15.61 -3.38
N ARG A 52 0.27 15.31 -4.19
CA ARG A 52 -1.00 15.90 -4.02
C ARG A 52 -1.54 15.61 -2.69
N LYS A 53 -1.34 14.40 -2.17
CA LYS A 53 -1.85 14.01 -0.92
C LYS A 53 -1.37 14.86 0.18
N GLU A 54 -0.32 15.69 0.04
CA GLU A 54 0.08 16.54 1.10
C GLU A 54 -0.18 17.94 0.78
N GLN A 55 -0.71 18.29 -0.41
CA GLN A 55 -0.87 19.65 -0.73
C GLN A 55 -2.22 20.11 -0.44
N GLN A 56 -3.14 19.25 0.03
CA GLN A 56 -4.41 19.73 0.39
C GLN A 56 -4.32 20.38 1.69
N ILE A 57 -3.24 20.20 2.46
CA ILE A 57 -3.18 20.78 3.75
C ILE A 57 -1.97 21.58 3.95
N GLY A 58 -0.75 21.13 3.60
CA GLY A 58 0.37 21.92 3.95
C GLY A 58 1.47 21.05 4.38
N TRP A 59 1.53 19.77 3.96
CA TRP A 59 2.55 18.87 4.35
C TRP A 59 2.48 18.50 5.78
N SER A 60 1.46 18.84 6.57
CA SER A 60 1.49 18.43 7.93
C SER A 60 0.47 17.40 8.19
N HIS A 61 -0.43 17.09 7.26
CA HIS A 61 -1.40 16.09 7.50
C HIS A 61 -1.68 15.40 6.24
N PRO A 62 -0.89 14.42 5.77
CA PRO A 62 -1.09 13.83 4.50
C PRO A 62 -2.24 12.98 4.38
N GLN A 63 -3.45 13.47 4.55
CA GLN A 63 -4.64 12.74 4.33
C GLN A 63 -4.56 11.34 4.74
N PHE A 64 -4.57 10.99 6.03
CA PHE A 64 -4.50 9.63 6.39
C PHE A 64 -5.77 8.95 6.14
N GLU A 65 -6.86 9.61 5.72
CA GLU A 65 -8.05 8.91 5.45
C GLU A 65 -8.48 9.14 4.07
N LYS A 66 -7.80 9.98 3.27
CA LYS A 66 -8.24 10.21 1.95
C LYS A 66 -7.18 9.81 1.02
N MET B 1 -7.27 -13.34 -10.54
CA MET B 1 -7.39 -12.88 -9.15
C MET B 1 -6.76 -11.57 -9.00
N GLU B 2 -7.25 -10.54 -9.70
CA GLU B 2 -6.69 -9.25 -9.59
C GLU B 2 -7.70 -8.27 -9.20
N LYS B 3 -8.98 -8.62 -9.07
CA LYS B 3 -9.94 -7.70 -8.61
C LYS B 3 -10.35 -8.12 -7.28
N ARG B 4 -10.19 -7.31 -6.22
CA ARG B 4 -10.57 -7.72 -4.92
C ARG B 4 -11.96 -8.15 -4.90
N PRO B 5 -12.27 -9.44 -4.67
CA PRO B 5 -13.60 -9.91 -4.74
C PRO B 5 -14.27 -9.91 -3.47
N ARG B 6 -14.32 -10.98 -2.72
CA ARG B 6 -15.03 -10.97 -1.50
C ARG B 6 -14.12 -10.79 -0.37
N THR B 7 -13.58 -9.57 -0.18
CA THR B 7 -12.73 -9.22 0.89
C THR B 7 -11.78 -10.27 1.26
N GLU B 8 -11.00 -10.84 0.33
CA GLU B 8 -10.04 -11.81 0.69
C GLU B 8 -8.73 -11.38 0.21
N PHE B 9 -8.51 -10.07 0.03
CA PHE B 9 -7.31 -9.47 -0.47
C PHE B 9 -6.89 -10.01 -1.76
N SER B 10 -6.70 -9.17 -2.79
CA SER B 10 -6.31 -9.66 -4.06
C SER B 10 -5.03 -9.07 -4.44
N GLU B 11 -4.49 -9.38 -5.63
CA GLU B 11 -3.22 -8.91 -6.02
C GLU B 11 -3.06 -7.46 -5.88
N GLU B 12 -3.91 -6.60 -6.45
CA GLU B 12 -3.68 -5.21 -6.32
C GLU B 12 -3.91 -4.70 -4.96
N GLN B 13 -4.33 -5.50 -3.97
CA GLN B 13 -4.45 -4.95 -2.66
C GLN B 13 -3.31 -5.44 -1.88
N LYS B 14 -2.45 -6.30 -2.44
CA LYS B 14 -1.31 -6.73 -1.72
C LYS B 14 -0.29 -5.68 -1.76
N LYS B 15 -0.43 -4.57 -2.49
CA LYS B 15 0.60 -3.60 -2.45
C LYS B 15 0.36 -2.70 -1.32
N ALA B 16 -0.67 -2.91 -0.50
CA ALA B 16 -0.80 -2.11 0.66
C ALA B 16 -0.06 -2.81 1.69
N LEU B 17 -0.24 -4.13 1.83
CA LEU B 17 0.50 -4.81 2.82
C LEU B 17 1.88 -4.98 2.39
N ASP B 18 2.27 -4.76 1.12
CA ASP B 18 3.64 -4.87 0.77
C ASP B 18 4.37 -3.74 1.35
N LEU B 19 3.86 -2.50 1.26
CA LEU B 19 4.54 -1.39 1.80
C LEU B 19 4.35 -1.33 3.25
N ALA B 20 3.48 -2.13 3.87
CA ALA B 20 3.33 -2.09 5.28
C ALA B 20 4.54 -2.52 5.96
N PHE B 21 5.29 -3.51 5.47
CA PHE B 21 6.43 -4.00 6.15
C PHE B 21 7.41 -2.97 6.50
N TYR B 22 8.04 -3.15 7.68
CA TYR B 22 9.07 -2.32 8.18
C TYR B 22 8.64 -0.96 8.49
N PHE B 23 8.84 -0.52 9.74
CA PHE B 23 8.53 0.79 10.19
C PHE B 23 7.09 1.05 10.21
N ASP B 24 6.40 1.17 9.08
CA ASP B 24 5.01 1.45 9.08
C ASP B 24 4.30 0.32 9.69
N ARG B 25 4.64 -0.92 9.30
CA ARG B 25 4.15 -2.13 9.86
C ARG B 25 2.75 -2.11 10.29
N ARG B 26 1.77 -2.08 9.38
CA ARG B 26 0.41 -2.11 9.75
C ARG B 26 0.02 -3.46 10.18
N LEU B 27 0.54 -4.02 11.28
CA LEU B 27 0.19 -5.32 11.69
C LEU B 27 -0.04 -5.32 13.14
N THR B 28 -0.04 -4.15 13.79
CA THR B 28 -0.30 -4.08 15.18
C THR B 28 -1.73 -3.86 15.30
N PRO B 29 -2.51 -4.35 16.29
CA PRO B 29 -3.92 -4.22 16.31
C PRO B 29 -4.48 -2.94 15.98
N GLU B 30 -4.00 -1.79 16.40
CA GLU B 30 -4.65 -0.60 16.01
C GLU B 30 -4.16 -0.15 14.70
N TRP B 31 -3.20 -0.83 14.09
CA TRP B 31 -2.71 -0.49 12.81
C TRP B 31 -3.33 -1.42 11.86
N ARG B 32 -3.86 -2.57 12.31
CA ARG B 32 -4.53 -3.46 11.43
C ARG B 32 -5.80 -2.85 11.06
N ARG B 33 -6.58 -2.32 12.00
CA ARG B 33 -7.81 -1.72 11.64
C ARG B 33 -7.60 -0.51 10.86
N TYR B 34 -6.42 0.14 10.91
CA TYR B 34 -6.18 1.28 10.13
C TYR B 34 -6.17 0.91 8.71
N LEU B 35 -5.48 -0.18 8.34
CA LEU B 35 -5.38 -0.56 7.00
C LEU B 35 -6.65 -1.15 6.57
N SER B 36 -7.19 -2.14 7.29
CA SER B 36 -8.40 -2.78 6.96
C SER B 36 -9.50 -1.85 6.67
N GLN B 37 -9.69 -0.79 7.47
CA GLN B 37 -10.77 0.10 7.28
C GLN B 37 -10.89 0.55 5.89
N ARG B 38 -9.82 0.92 5.17
CA ARG B 38 -10.00 1.37 3.85
C ARG B 38 -9.48 0.40 2.90
N LEU B 39 -8.86 -0.71 3.32
CA LEU B 39 -8.39 -1.67 2.42
C LEU B 39 -9.53 -2.44 1.92
N GLY B 40 -10.41 -2.97 2.78
CA GLY B 40 -11.55 -3.64 2.31
C GLY B 40 -11.73 -4.94 2.95
N LEU B 41 -10.76 -5.50 3.69
CA LEU B 41 -11.01 -6.73 4.33
C LEU B 41 -10.71 -6.61 5.76
N ASN B 42 -11.06 -7.59 6.61
CA ASN B 42 -10.88 -7.46 8.00
C ASN B 42 -9.49 -7.57 8.45
N GLU B 43 -9.25 -7.37 9.75
CA GLU B 43 -7.94 -7.46 10.29
C GLU B 43 -7.42 -8.82 10.15
N GLU B 44 -8.28 -9.84 10.17
CA GLU B 44 -7.85 -11.17 9.99
C GLU B 44 -7.19 -11.32 8.69
N GLN B 45 -7.69 -10.72 7.61
CA GLN B 45 -7.08 -10.90 6.35
C GLN B 45 -5.84 -10.12 6.27
N ILE B 46 -5.54 -9.19 7.20
CA ILE B 46 -4.31 -8.52 7.18
C ILE B 46 -3.33 -9.44 7.73
N GLU B 47 -3.64 -10.11 8.85
CA GLU B 47 -2.75 -11.02 9.45
C GLU B 47 -2.47 -12.15 8.57
N ARG B 48 -3.42 -12.63 7.75
CA ARG B 48 -3.14 -13.75 6.92
C ARG B 48 -2.26 -13.41 5.81
N TRP B 49 -2.43 -12.31 5.06
CA TRP B 49 -1.52 -12.07 4.01
C TRP B 49 -0.23 -11.63 4.52
N PHE B 50 -0.16 -10.74 5.51
CA PHE B 50 1.08 -10.27 6.02
C PHE B 50 1.90 -11.37 6.51
N ARG B 51 1.37 -12.27 7.35
CA ARG B 51 2.13 -13.36 7.86
C ARG B 51 2.48 -14.31 6.80
N ARG B 52 1.57 -14.68 5.88
CA ARG B 52 1.89 -15.60 4.85
C ARG B 52 3.00 -15.12 4.04
N LYS B 53 3.06 -13.81 3.74
CA LYS B 53 4.07 -13.25 2.93
C LYS B 53 5.42 -13.48 3.48
N GLU B 54 5.63 -13.88 4.75
CA GLU B 54 6.94 -14.13 5.21
C GLU B 54 7.13 -15.55 5.47
N GLN B 55 6.12 -16.42 5.30
CA GLN B 55 6.29 -17.79 5.65
C GLN B 55 6.67 -18.57 4.48
N GLN B 56 6.75 -18.01 3.27
CA GLN B 56 7.20 -18.78 2.18
C GLN B 56 8.65 -18.90 2.24
N ILE B 57 9.35 -18.11 3.06
CA ILE B 57 10.76 -18.19 3.09
C ILE B 57 11.30 -18.40 4.43
N GLY B 58 10.87 -17.68 5.48
CA GLY B 58 11.53 -17.85 6.72
C GLY B 58 11.67 -16.56 7.40
N TRP B 59 10.83 -15.55 7.12
CA TRP B 59 10.92 -14.27 7.71
C TRP B 59 12.11 -13.52 7.28
N SER B 60 12.93 -13.94 6.30
CA SER B 60 14.05 -13.14 5.97
C SER B 60 13.88 -12.52 4.65
N HIS B 61 12.85 -12.86 3.87
CA HIS B 61 12.68 -12.25 2.60
C HIS B 61 11.25 -12.14 2.33
N PRO B 62 10.50 -11.15 2.84
CA PRO B 62 9.09 -11.09 2.67
C PRO B 62 8.63 -10.80 1.35
N GLN B 63 8.90 -11.61 0.35
CA GLN B 63 8.37 -11.47 -0.96
C GLN B 63 8.27 -10.08 -1.41
N PHE B 64 9.36 -9.38 -1.74
CA PHE B 64 9.23 -8.04 -2.18
C PHE B 64 8.69 -7.99 -3.54
N GLU B 65 8.48 -9.10 -4.26
CA GLU B 65 7.94 -8.99 -5.56
C GLU B 65 6.70 -9.78 -5.65
N LYS B 66 6.29 -10.51 -4.62
CA LYS B 66 5.11 -11.28 -4.73
C LYS B 66 4.14 -10.85 -3.73
N MET A 1 -15.33 0.50 -12.68
CA MET A 1 -13.88 0.69 -12.67
C MET A 1 -13.41 0.83 -11.30
N GLU A 2 -12.36 0.10 -10.89
CA GLU A 2 -11.87 0.21 -9.57
C GLU A 2 -10.43 0.47 -9.63
N LYS A 3 -9.68 -0.36 -10.36
CA LYS A 3 -8.28 -0.18 -10.52
C LYS A 3 -7.99 0.99 -11.35
N ARG A 4 -6.72 1.37 -11.52
CA ARG A 4 -6.41 2.55 -12.24
C ARG A 4 -5.78 2.31 -13.53
N PRO A 5 -6.50 2.29 -14.68
CA PRO A 5 -5.87 2.17 -15.94
C PRO A 5 -5.56 3.46 -16.48
N ARG A 6 -5.72 4.56 -15.78
CA ARG A 6 -5.50 5.83 -16.36
C ARG A 6 -4.26 6.48 -15.90
N THR A 7 -3.35 5.85 -15.15
CA THR A 7 -2.15 6.46 -14.69
C THR A 7 -2.42 7.68 -13.93
N GLU A 8 -3.21 7.58 -12.85
CA GLU A 8 -3.60 8.68 -12.05
C GLU A 8 -4.30 8.12 -10.90
N PHE A 9 -3.63 7.22 -10.17
CA PHE A 9 -4.13 6.45 -9.09
C PHE A 9 -5.51 6.67 -8.69
N SER A 10 -6.29 5.57 -8.66
CA SER A 10 -7.65 5.60 -8.30
C SER A 10 -7.79 5.57 -6.86
N GLU A 11 -9.01 5.65 -6.31
CA GLU A 11 -9.19 5.63 -4.91
C GLU A 11 -8.69 4.38 -4.37
N GLU A 12 -8.86 3.24 -5.06
CA GLU A 12 -8.40 2.00 -4.58
C GLU A 12 -6.93 1.94 -4.54
N GLN A 13 -6.16 2.76 -5.28
CA GLN A 13 -4.76 2.62 -5.25
C GLN A 13 -4.21 3.56 -4.28
N LYS A 14 -4.87 4.68 -3.98
CA LYS A 14 -4.35 5.64 -3.06
C LYS A 14 -4.08 5.09 -1.74
N LYS A 15 -4.69 3.98 -1.28
CA LYS A 15 -4.39 3.55 0.03
C LYS A 15 -3.08 2.89 0.03
N ALA A 16 -2.63 2.27 -1.06
CA ALA A 16 -1.34 1.68 -1.06
C ALA A 16 -0.34 2.72 -0.92
N LEU A 17 -0.51 3.89 -1.57
CA LEU A 17 0.46 4.91 -1.47
C LEU A 17 0.45 5.48 -0.12
N ASP A 18 -0.69 5.50 0.58
CA ASP A 18 -0.75 5.97 1.90
C ASP A 18 0.00 5.09 2.80
N LEU A 19 -0.14 3.76 2.69
CA LEU A 19 0.52 2.88 3.58
C LEU A 19 1.96 3.10 3.61
N ALA A 20 2.67 3.27 2.49
CA ALA A 20 4.06 3.49 2.56
C ALA A 20 4.35 4.85 3.03
N PHE A 21 3.97 5.89 2.29
CA PHE A 21 4.21 7.24 2.67
C PHE A 21 5.50 7.43 3.32
N TYR A 22 6.63 6.98 2.77
CA TYR A 22 7.86 7.13 3.47
C TYR A 22 8.99 6.95 2.55
N PHE A 23 10.02 7.79 2.59
CA PHE A 23 11.11 7.68 1.69
C PHE A 23 11.96 6.52 1.98
N ASP A 24 11.50 5.29 1.75
CA ASP A 24 12.27 4.12 1.95
C ASP A 24 11.45 3.01 1.45
N ARG A 25 10.11 3.12 1.51
CA ARG A 25 9.28 2.12 0.96
C ARG A 25 8.75 2.63 -0.29
N ARG A 26 9.06 3.88 -0.68
CA ARG A 26 8.55 4.40 -1.89
C ARG A 26 9.27 5.61 -2.26
N LEU A 27 8.98 6.19 -3.44
CA LEU A 27 9.50 7.45 -3.82
C LEU A 27 10.94 7.44 -4.09
N THR A 28 11.71 6.34 -4.00
CA THR A 28 13.08 6.47 -4.32
C THR A 28 13.21 6.22 -5.75
N PRO A 29 14.31 6.57 -6.44
CA PRO A 29 14.43 6.33 -7.84
C PRO A 29 14.13 4.98 -8.20
N GLU A 30 14.51 3.98 -7.45
CA GLU A 30 14.20 2.66 -7.79
C GLU A 30 12.82 2.33 -7.44
N TRP A 31 12.34 2.63 -6.23
CA TRP A 31 11.02 2.27 -5.87
C TRP A 31 10.00 2.87 -6.72
N ARG A 32 10.18 4.04 -7.36
CA ARG A 32 9.16 4.56 -8.18
C ARG A 32 8.86 3.62 -9.25
N ARG A 33 9.85 3.02 -9.92
CA ARG A 33 9.59 2.08 -10.95
C ARG A 33 9.02 0.85 -10.40
N TYR A 34 9.52 0.37 -9.24
CA TYR A 34 8.99 -0.80 -8.62
C TYR A 34 7.55 -0.67 -8.40
N LEU A 35 7.06 0.48 -7.93
CA LEU A 35 5.68 0.64 -7.70
C LEU A 35 4.95 0.70 -8.94
N SER A 36 5.33 1.56 -9.90
CA SER A 36 4.60 1.74 -11.10
C SER A 36 4.28 0.49 -11.78
N GLN A 37 5.17 -0.50 -11.83
CA GLN A 37 4.92 -1.69 -12.56
C GLN A 37 3.74 -2.41 -12.07
N ARG A 38 3.41 -2.44 -10.77
CA ARG A 38 2.30 -3.21 -10.34
C ARG A 38 1.29 -2.35 -9.73
N LEU A 39 1.55 -1.04 -9.57
CA LEU A 39 0.63 -0.17 -8.95
C LEU A 39 -0.33 0.31 -9.95
N GLY A 40 0.08 0.79 -11.13
CA GLY A 40 -0.85 1.17 -12.12
C GLY A 40 -0.60 2.51 -12.63
N LEU A 41 0.23 3.36 -12.01
CA LEU A 41 0.48 4.63 -12.56
C LEU A 41 1.93 4.82 -12.68
N ASN A 42 2.44 5.89 -13.31
CA ASN A 42 3.84 6.02 -13.48
C ASN A 42 4.50 6.73 -12.40
N GLU A 43 5.83 6.80 -12.45
CA GLU A 43 6.61 7.41 -11.45
C GLU A 43 6.22 8.80 -11.22
N GLU A 44 5.66 9.50 -12.22
CA GLU A 44 5.21 10.82 -12.01
C GLU A 44 4.15 10.84 -11.02
N GLN A 45 3.20 9.90 -11.02
CA GLN A 45 2.15 9.94 -10.08
C GLN A 45 2.62 9.51 -8.76
N ILE A 46 3.83 8.97 -8.60
CA ILE A 46 4.31 8.63 -7.32
C ILE A 46 4.76 9.87 -6.69
N GLU A 47 5.56 10.68 -7.39
CA GLU A 47 6.03 11.90 -6.87
C GLU A 47 4.94 12.86 -6.68
N ARG A 48 3.91 12.88 -7.55
CA ARG A 48 2.88 13.81 -7.39
C ARG A 48 1.96 13.38 -6.33
N TRP A 49 1.53 12.12 -6.20
CA TRP A 49 0.67 11.79 -5.13
C TRP A 49 1.33 12.13 -3.86
N PHE A 50 2.63 11.85 -3.71
CA PHE A 50 3.30 12.09 -2.50
C PHE A 50 3.25 13.50 -2.09
N ARG A 51 3.77 14.45 -2.87
CA ARG A 51 3.75 15.79 -2.42
C ARG A 51 2.44 16.41 -2.57
N ARG A 52 1.66 16.19 -3.64
CA ARG A 52 0.38 16.80 -3.74
C ARG A 52 -0.56 16.32 -2.71
N LYS A 53 -0.25 15.36 -1.82
CA LYS A 53 -1.19 14.98 -0.86
C LYS A 53 -0.89 15.70 0.38
N GLU A 54 0.32 15.59 0.95
CA GLU A 54 0.63 16.30 2.13
C GLU A 54 0.69 17.74 1.90
N GLN A 55 0.81 18.25 0.66
CA GLN A 55 0.86 19.65 0.47
C GLN A 55 -0.49 20.15 0.19
N GLN A 56 -1.54 19.32 0.14
CA GLN A 56 -2.83 19.82 -0.10
C GLN A 56 -3.25 20.62 1.04
N ILE A 57 -3.03 20.19 2.30
CA ILE A 57 -3.48 20.97 3.38
C ILE A 57 -2.41 21.78 3.97
N GLY A 58 -1.11 21.52 3.78
CA GLY A 58 -0.17 22.35 4.45
C GLY A 58 0.87 21.60 5.16
N TRP A 59 1.18 20.34 4.80
CA TRP A 59 2.23 19.59 5.38
C TRP A 59 1.96 19.08 6.73
N SER A 60 0.72 19.03 7.24
CA SER A 60 0.51 18.41 8.50
C SER A 60 -0.03 17.07 8.26
N HIS A 61 -0.08 16.64 6.99
CA HIS A 61 -0.50 15.36 6.55
C HIS A 61 -1.63 14.72 7.22
N PRO A 62 -2.83 15.31 7.37
CA PRO A 62 -3.95 14.58 7.83
C PRO A 62 -4.48 13.93 6.67
N GLN A 63 -3.79 13.01 6.05
CA GLN A 63 -4.20 12.49 4.79
C GLN A 63 -5.37 11.61 4.88
N PHE A 64 -5.33 10.49 5.60
CA PHE A 64 -6.47 9.63 5.62
C PHE A 64 -7.07 9.59 6.95
N GLU A 65 -8.23 8.91 7.09
CA GLU A 65 -8.92 8.83 8.31
C GLU A 65 -8.26 7.91 9.24
N LYS A 66 -7.06 8.20 9.76
CA LYS A 66 -6.43 7.33 10.66
C LYS A 66 -7.23 7.25 11.89
N MET B 1 -12.32 -9.99 -12.00
CA MET B 1 -12.17 -9.64 -10.59
C MET B 1 -10.82 -9.14 -10.34
N GLU B 2 -10.65 -8.01 -9.66
CA GLU B 2 -9.36 -7.50 -9.38
C GLU B 2 -9.27 -7.23 -7.95
N LYS B 3 -10.22 -6.46 -7.40
CA LYS B 3 -10.25 -6.17 -6.01
C LYS B 3 -10.57 -7.35 -5.22
N ARG B 4 -10.53 -7.29 -3.89
CA ARG B 4 -10.77 -8.43 -3.10
C ARG B 4 -12.04 -8.41 -2.39
N PRO B 5 -13.14 -9.02 -2.86
CA PRO B 5 -14.33 -9.09 -2.10
C PRO B 5 -14.36 -10.28 -1.30
N ARG B 6 -13.33 -11.07 -1.22
CA ARG B 6 -13.40 -12.29 -0.52
C ARG B 6 -12.69 -12.28 0.77
N THR B 7 -12.18 -11.16 1.30
CA THR B 7 -11.47 -11.13 2.54
C THR B 7 -10.33 -12.05 2.54
N GLU B 8 -9.40 -11.90 1.59
CA GLU B 8 -8.28 -12.75 1.45
C GLU B 8 -7.43 -12.14 0.42
N PHE B 9 -7.04 -10.87 0.64
CA PHE B 9 -6.33 -10.03 -0.25
C PHE B 9 -5.93 -10.59 -1.54
N SER B 10 -6.33 -9.90 -2.62
CA SER B 10 -6.05 -10.29 -3.94
C SER B 10 -4.71 -9.85 -4.32
N GLU B 11 -4.22 -10.18 -5.52
CA GLU B 11 -2.93 -9.77 -5.92
C GLU B 11 -2.85 -8.31 -5.94
N GLU B 12 -3.91 -7.61 -6.36
CA GLU B 12 -3.89 -6.20 -6.39
C GLU B 12 -3.81 -5.60 -5.06
N GLN B 13 -4.18 -6.28 -3.96
CA GLN B 13 -4.13 -5.64 -2.71
C GLN B 13 -2.86 -5.95 -2.06
N LYS B 14 -2.21 -7.09 -2.36
CA LYS B 14 -1.00 -7.43 -1.71
C LYS B 14 0.06 -6.43 -1.86
N LYS B 15 0.08 -5.53 -2.87
CA LYS B 15 1.16 -4.64 -2.94
C LYS B 15 0.98 -3.58 -1.94
N ALA B 16 -0.25 -3.25 -1.50
CA ALA B 16 -0.40 -2.27 -0.51
C ALA B 16 0.15 -2.78 0.75
N LEU B 17 -0.04 -4.07 1.06
CA LEU B 17 0.44 -4.60 2.28
C LEU B 17 1.89 -4.66 2.24
N ASP B 18 2.51 -4.88 1.07
CA ASP B 18 3.93 -4.90 0.98
C ASP B 18 4.48 -3.58 1.24
N LEU B 19 3.90 -2.51 0.68
CA LEU B 19 4.43 -1.21 0.87
C LEU B 19 4.59 -0.87 2.27
N ALA B 20 3.62 -1.12 3.17
CA ALA B 20 3.83 -0.79 4.52
C ALA B 20 4.76 -1.72 5.15
N PHE B 21 4.43 -3.02 5.26
CA PHE B 21 5.27 -4.00 5.85
C PHE B 21 6.02 -3.48 7.00
N TYR B 22 5.39 -2.87 8.01
CA TYR B 22 6.15 -2.34 9.08
C TYR B 22 5.27 -2.05 10.22
N PHE B 23 5.65 -2.41 11.45
CA PHE B 23 4.82 -2.20 12.58
C PHE B 23 4.73 -0.79 12.95
N ASP B 24 4.05 0.04 12.16
CA ASP B 24 3.86 1.41 12.46
C ASP B 24 2.97 1.93 11.43
N ARG B 25 2.99 1.36 10.21
CA ARG B 25 2.10 1.77 9.20
C ARG B 25 1.09 0.72 9.08
N ARG B 26 1.19 -0.39 9.81
CA ARG B 26 0.22 -1.40 9.71
C ARG B 26 0.34 -2.33 10.83
N LEU B 27 -0.57 -3.31 10.95
CA LEU B 27 -0.46 -4.34 11.91
C LEU B 27 -0.64 -3.91 13.29
N THR B 28 -0.92 -2.63 13.64
CA THR B 28 -1.09 -2.34 15.01
C THR B 28 -2.51 -2.54 15.30
N PRO B 29 -2.97 -2.69 16.55
CA PRO B 29 -4.35 -2.87 16.84
C PRO B 29 -5.20 -1.93 16.19
N GLU B 30 -4.84 -0.67 16.09
CA GLU B 30 -5.66 0.27 15.44
C GLU B 30 -5.51 0.17 13.99
N TRP B 31 -4.30 0.14 13.43
CA TRP B 31 -4.16 0.10 12.02
C TRP B 31 -4.77 -1.06 11.41
N ARG B 32 -4.93 -2.23 12.04
CA ARG B 32 -5.53 -3.33 11.39
C ARG B 32 -6.89 -2.97 10.98
N ARG B 33 -7.70 -2.32 11.82
CA ARG B 33 -9.01 -1.94 11.46
C ARG B 33 -8.97 -0.87 10.45
N TYR B 34 -8.07 0.10 10.57
CA TYR B 34 -7.96 1.15 9.62
C TYR B 34 -7.76 0.62 8.28
N LEU B 35 -6.89 -0.40 8.10
CA LEU B 35 -6.65 -0.93 6.82
C LEU B 35 -7.82 -1.67 6.34
N SER B 36 -8.37 -2.60 7.13
CA SER B 36 -9.45 -3.41 6.70
C SER B 36 -10.55 -2.64 6.13
N GLN B 37 -10.91 -1.47 6.66
CA GLN B 37 -12.01 -0.75 6.15
C GLN B 37 -11.85 -0.36 4.75
N ARG B 38 -10.67 0.00 4.25
CA ARG B 38 -10.57 0.39 2.90
C ARG B 38 -9.70 -0.50 2.16
N LEU B 39 -9.23 -1.61 2.75
CA LEU B 39 -8.37 -2.50 2.08
C LEU B 39 -9.16 -3.57 1.48
N GLY B 40 -10.08 -4.23 2.21
CA GLY B 40 -10.91 -5.21 1.61
C GLY B 40 -10.88 -6.47 2.36
N LEU B 41 -9.97 -6.70 3.31
CA LEU B 41 -10.02 -7.90 4.05
C LEU B 41 -9.99 -7.58 5.47
N ASN B 42 -10.18 -8.53 6.40
CA ASN B 42 -10.24 -8.19 7.76
C ASN B 42 -8.94 -8.23 8.43
N GLU B 43 -8.91 -7.83 9.71
CA GLU B 43 -7.72 -7.77 10.46
C GLU B 43 -7.04 -9.06 10.51
N GLU B 44 -7.74 -10.19 10.37
CA GLU B 44 -7.10 -11.44 10.35
C GLU B 44 -6.21 -11.53 9.20
N GLN B 45 -6.58 -11.03 8.01
CA GLN B 45 -5.74 -11.15 6.89
C GLN B 45 -4.64 -10.18 6.96
N ILE B 46 -4.63 -9.22 7.91
CA ILE B 46 -3.53 -8.35 8.03
C ILE B 46 -2.48 -9.06 8.74
N GLU B 47 -2.82 -9.71 9.86
CA GLU B 47 -1.87 -10.45 10.60
C GLU B 47 -1.41 -11.62 9.86
N ARG B 48 -2.25 -12.29 9.05
CA ARG B 48 -1.81 -13.42 8.35
C ARG B 48 -1.02 -13.05 7.19
N TRP B 49 -1.37 -12.05 6.36
CA TRP B 49 -0.53 -11.73 5.27
C TRP B 49 0.80 -11.40 5.78
N PHE B 50 0.90 -10.62 6.87
CA PHE B 50 2.16 -10.22 7.38
C PHE B 50 3.02 -11.34 7.72
N ARG B 51 2.66 -12.25 8.63
CA ARG B 51 3.58 -13.26 8.96
C ARG B 51 3.61 -14.34 7.96
N ARG B 52 2.50 -14.77 7.34
CA ARG B 52 2.58 -15.78 6.35
C ARG B 52 3.31 -15.36 5.16
N LYS B 53 3.80 -14.12 5.00
CA LYS B 53 4.49 -13.81 3.82
C LYS B 53 5.92 -13.96 4.11
N GLU B 54 6.46 -13.24 5.11
CA GLU B 54 7.84 -13.39 5.41
C GLU B 54 8.15 -14.71 5.95
N GLN B 55 7.20 -15.49 6.49
CA GLN B 55 7.54 -16.76 7.01
C GLN B 55 7.40 -17.77 5.97
N GLN B 56 7.01 -17.43 4.74
CA GLN B 56 6.91 -18.42 3.72
C GLN B 56 8.25 -18.90 3.39
N ILE B 57 9.27 -18.05 3.25
CA ILE B 57 10.54 -18.55 2.91
C ILE B 57 11.43 -18.68 4.05
N GLY B 58 11.21 -18.04 5.22
CA GLY B 58 12.18 -18.21 6.24
C GLY B 58 12.60 -16.94 6.85
N TRP B 59 11.82 -15.85 6.82
CA TRP B 59 12.15 -14.63 7.47
C TRP B 59 13.21 -13.85 6.81
N SER B 60 13.59 -14.07 5.54
CA SER B 60 14.52 -13.19 4.94
C SER B 60 13.78 -12.30 4.05
N HIS B 61 12.44 -12.36 4.08
CA HIS B 61 11.54 -11.54 3.35
C HIS B 61 11.88 -11.18 1.98
N PRO B 62 12.18 -12.09 1.03
CA PRO B 62 12.31 -11.73 -0.34
C PRO B 62 10.97 -11.76 -0.86
N GLN B 63 10.07 -10.93 -0.40
CA GLN B 63 8.71 -11.03 -0.74
C GLN B 63 8.41 -10.64 -2.13
N PHE B 64 8.72 -9.41 -2.56
CA PHE B 64 8.39 -9.03 -3.88
C PHE B 64 9.59 -8.83 -4.70
N GLU B 65 9.39 -8.57 -6.00
CA GLU B 65 10.42 -8.36 -6.95
C GLU B 65 11.17 -7.12 -6.77
N LYS B 66 11.65 -6.74 -5.57
CA LYS B 66 12.38 -5.53 -5.42
C LYS B 66 13.47 -5.48 -6.38
N MET A 1 -15.10 2.70 -9.11
CA MET A 1 -14.03 3.37 -8.39
C MET A 1 -13.36 2.42 -7.50
N GLU A 2 -12.78 1.33 -8.01
CA GLU A 2 -12.13 0.41 -7.14
C GLU A 2 -10.89 -0.06 -7.75
N LYS A 3 -10.55 0.31 -9.00
CA LYS A 3 -9.36 -0.17 -9.57
C LYS A 3 -8.74 0.89 -10.35
N ARG A 4 -7.54 0.68 -10.93
CA ARG A 4 -6.88 1.65 -11.71
C ARG A 4 -7.49 1.80 -13.03
N PRO A 5 -8.14 2.93 -13.39
CA PRO A 5 -8.71 3.07 -14.67
C PRO A 5 -7.76 3.46 -15.67
N ARG A 6 -7.15 4.62 -15.59
CA ARG A 6 -6.27 5.08 -16.59
C ARG A 6 -5.06 5.63 -15.99
N THR A 7 -4.18 4.85 -15.36
CA THR A 7 -2.99 5.33 -14.73
C THR A 7 -3.20 6.59 -14.03
N GLU A 8 -4.22 6.77 -13.19
CA GLU A 8 -4.39 7.98 -12.50
C GLU A 8 -4.57 7.71 -11.08
N PHE A 9 -4.23 6.51 -10.60
CA PHE A 9 -4.36 6.05 -9.26
C PHE A 9 -5.73 6.18 -8.75
N SER A 10 -6.34 5.08 -8.28
CA SER A 10 -7.66 5.16 -7.76
C SER A 10 -7.62 5.18 -6.30
N GLU A 11 -8.76 5.13 -5.60
CA GLU A 11 -8.72 5.17 -4.18
C GLU A 11 -8.09 3.97 -3.65
N GLU A 12 -8.00 2.87 -4.41
CA GLU A 12 -7.34 1.72 -3.94
C GLU A 12 -5.92 2.02 -3.79
N GLN A 13 -5.33 2.74 -4.76
CA GLN A 13 -3.95 3.01 -4.75
C GLN A 13 -3.67 4.24 -4.00
N LYS A 14 -4.66 5.07 -3.66
CA LYS A 14 -4.42 6.19 -2.82
C LYS A 14 -4.09 5.66 -1.51
N LYS A 15 -4.86 4.69 -0.99
CA LYS A 15 -4.57 4.09 0.24
C LYS A 15 -3.28 3.42 0.19
N ALA A 16 -2.98 2.62 -0.84
CA ALA A 16 -1.75 1.89 -0.90
C ALA A 16 -0.58 2.74 -0.67
N LEU A 17 -0.44 3.90 -1.31
CA LEU A 17 0.72 4.68 -1.08
C LEU A 17 0.73 5.23 0.27
N ASP A 18 -0.40 5.33 1.01
CA ASP A 18 -0.34 5.86 2.32
C ASP A 18 0.33 4.94 3.24
N LEU A 19 0.66 3.69 2.88
CA LEU A 19 1.30 2.85 3.79
C LEU A 19 2.74 3.08 3.77
N ALA A 20 3.32 3.88 2.86
CA ALA A 20 4.72 3.99 2.86
C ALA A 20 5.19 5.24 3.45
N PHE A 21 4.94 6.41 2.84
CA PHE A 21 5.42 7.65 3.33
C PHE A 21 6.62 7.55 4.16
N TYR A 22 6.57 7.81 5.47
CA TYR A 22 7.75 7.75 6.26
C TYR A 22 8.65 8.75 5.71
N PHE A 23 9.90 8.44 5.33
CA PHE A 23 10.72 9.45 4.76
C PHE A 23 11.13 8.97 3.45
N ASP A 24 11.84 7.84 3.34
CA ASP A 24 12.16 7.34 2.06
C ASP A 24 11.73 5.94 2.01
N ARG A 25 10.48 5.59 2.37
CA ARG A 25 10.07 4.24 2.31
C ARG A 25 9.90 3.82 0.92
N ARG A 26 8.98 4.42 0.16
CA ARG A 26 8.84 4.06 -1.20
C ARG A 26 8.80 5.27 -2.01
N LEU A 27 9.83 6.13 -2.06
CA LEU A 27 9.66 7.32 -2.80
C LEU A 27 10.83 7.62 -3.62
N THR A 28 11.86 6.76 -3.75
CA THR A 28 12.95 7.13 -4.55
C THR A 28 12.80 6.44 -5.84
N PRO A 29 13.57 6.72 -6.90
CA PRO A 29 13.41 6.08 -8.15
C PRO A 29 13.34 4.64 -8.09
N GLU A 30 14.09 3.96 -7.25
CA GLU A 30 14.01 2.55 -7.25
C GLU A 30 12.83 2.08 -6.52
N TRP A 31 12.06 2.94 -5.84
CA TRP A 31 10.87 2.49 -5.22
C TRP A 31 9.72 3.04 -5.93
N ARG A 32 9.92 3.92 -6.92
CA ARG A 32 8.82 4.40 -7.69
C ARG A 32 8.60 3.38 -8.71
N ARG A 33 9.66 2.92 -9.39
CA ARG A 33 9.56 1.90 -10.35
C ARG A 33 9.04 0.68 -9.73
N TYR A 34 9.49 0.33 -8.51
CA TYR A 34 9.03 -0.81 -7.82
C TYR A 34 7.58 -0.83 -7.73
N LEU A 35 6.90 0.28 -7.41
CA LEU A 35 5.49 0.25 -7.32
C LEU A 35 4.90 0.26 -8.66
N SER A 36 5.28 1.18 -9.56
CA SER A 36 4.65 1.29 -10.81
C SER A 36 4.78 0.10 -11.64
N GLN A 37 5.65 -0.88 -11.35
CA GLN A 37 5.74 -2.04 -12.15
C GLN A 37 4.46 -2.75 -12.17
N ARG A 38 3.80 -2.98 -11.02
CA ARG A 38 2.59 -3.70 -11.05
C ARG A 38 1.50 -2.92 -10.46
N LEU A 39 1.72 -1.70 -9.94
CA LEU A 39 0.68 -0.96 -9.33
C LEU A 39 -0.31 -0.54 -10.33
N GLY A 40 0.08 -0.02 -11.50
CA GLY A 40 -0.87 0.32 -12.49
C GLY A 40 -0.71 1.68 -12.98
N LEU A 41 0.11 2.55 -12.37
CA LEU A 41 0.29 3.84 -12.89
C LEU A 41 1.71 4.12 -13.04
N ASN A 42 2.14 5.22 -13.67
CA ASN A 42 3.51 5.47 -13.87
C ASN A 42 4.15 6.08 -12.71
N GLU A 43 5.49 6.21 -12.68
CA GLU A 43 6.14 6.78 -11.55
C GLU A 43 5.72 8.16 -11.36
N GLU A 44 5.26 8.87 -12.40
CA GLU A 44 4.80 10.19 -12.23
C GLU A 44 3.65 10.20 -11.32
N GLN A 45 2.75 9.22 -11.37
CA GLN A 45 1.63 9.24 -10.52
C GLN A 45 1.99 8.85 -9.16
N ILE A 46 3.19 8.31 -8.91
CA ILE A 46 3.59 8.02 -7.58
C ILE A 46 3.96 9.29 -6.98
N GLU A 47 4.74 10.13 -7.69
CA GLU A 47 5.13 11.38 -7.18
C GLU A 47 3.98 12.25 -6.95
N ARG A 48 3.00 12.29 -7.85
CA ARG A 48 1.87 13.14 -7.68
C ARG A 48 1.09 12.78 -6.50
N TRP A 49 0.55 11.56 -6.34
CA TRP A 49 -0.23 11.30 -5.18
C TRP A 49 0.56 11.45 -3.97
N PHE A 50 1.84 11.07 -3.95
CA PHE A 50 2.66 11.20 -2.80
C PHE A 50 2.69 12.57 -2.30
N ARG A 51 2.93 13.60 -3.12
CA ARG A 51 3.04 14.90 -2.58
C ARG A 51 1.78 15.61 -2.56
N ARG A 52 0.72 15.19 -3.26
CA ARG A 52 -0.53 15.85 -3.17
C ARG A 52 -1.10 15.62 -1.85
N LYS A 53 -1.06 14.39 -1.35
CA LYS A 53 -1.58 14.08 -0.07
C LYS A 53 -1.00 14.91 0.98
N GLU A 54 0.18 15.55 0.82
CA GLU A 54 0.72 16.29 1.89
C GLU A 54 0.57 17.74 1.68
N GLN A 55 0.84 18.29 0.49
CA GLN A 55 0.78 19.70 0.34
C GLN A 55 -0.57 20.23 0.43
N GLN A 56 -1.65 19.46 0.31
CA GLN A 56 -2.94 20.03 0.41
C GLN A 56 -3.27 20.33 1.81
N ILE A 57 -2.52 19.82 2.80
CA ILE A 57 -2.85 20.06 4.14
C ILE A 57 -1.84 20.90 4.80
N GLY A 58 -0.56 20.82 4.43
CA GLY A 58 0.42 21.54 5.15
C GLY A 58 1.51 20.65 5.52
N TRP A 59 1.67 19.52 4.81
CA TRP A 59 2.67 18.56 5.06
C TRP A 59 2.47 17.89 6.33
N SER A 60 1.23 17.48 6.66
CA SER A 60 1.01 16.67 7.79
C SER A 60 0.28 15.48 7.33
N HIS A 61 -0.17 15.48 6.06
CA HIS A 61 -0.80 14.41 5.40
C HIS A 61 -1.69 13.54 6.17
N PRO A 62 -2.72 14.00 6.89
CA PRO A 62 -3.62 13.15 7.57
C PRO A 62 -4.79 12.89 6.80
N GLN A 63 -4.82 13.04 5.49
CA GLN A 63 -6.03 12.97 4.77
C GLN A 63 -6.76 11.69 4.83
N PHE A 64 -6.32 10.61 5.48
CA PHE A 64 -7.16 9.47 5.55
C PHE A 64 -7.83 9.43 6.84
N GLU A 65 -7.31 8.71 7.84
CA GLU A 65 -7.95 8.70 9.11
C GLU A 65 -6.98 9.04 10.13
N LYS A 66 -6.32 10.20 10.10
CA LYS A 66 -5.38 10.51 11.10
C LYS A 66 -5.76 11.75 11.75
N MET B 1 -8.21 -10.70 -11.69
CA MET B 1 -7.26 -10.68 -10.58
C MET B 1 -6.74 -9.32 -10.42
N GLU B 2 -7.58 -8.31 -10.14
CA GLU B 2 -7.07 -7.00 -9.98
C GLU B 2 -7.75 -6.34 -8.86
N LYS B 3 -8.76 -6.95 -8.22
CA LYS B 3 -9.41 -6.28 -7.16
C LYS B 3 -9.73 -7.23 -6.11
N ARG B 4 -10.29 -6.80 -4.97
CA ARG B 4 -10.64 -7.66 -3.90
C ARG B 4 -11.84 -8.44 -4.21
N PRO B 5 -11.80 -9.77 -4.40
CA PRO B 5 -12.97 -10.51 -4.67
C PRO B 5 -13.72 -10.83 -3.49
N ARG B 6 -13.20 -11.60 -2.55
CA ARG B 6 -13.94 -12.00 -1.42
C ARG B 6 -13.11 -11.88 -0.22
N THR B 7 -12.77 -10.66 0.25
CA THR B 7 -11.96 -10.45 1.39
C THR B 7 -10.87 -11.42 1.50
N GLU B 8 -10.06 -11.67 0.46
CA GLU B 8 -8.99 -12.57 0.58
C GLU B 8 -7.76 -11.95 0.08
N PHE B 9 -7.74 -10.61 -0.07
CA PHE B 9 -6.67 -9.84 -0.57
C PHE B 9 -6.20 -10.27 -1.89
N SER B 10 -6.18 -9.39 -2.89
CA SER B 10 -5.73 -9.76 -4.17
C SER B 10 -4.37 -9.29 -4.39
N GLU B 11 -3.77 -9.44 -5.59
CA GLU B 11 -2.45 -9.00 -5.77
C GLU B 11 -2.35 -7.55 -5.66
N GLU B 12 -3.45 -6.80 -5.80
CA GLU B 12 -3.40 -5.40 -5.64
C GLU B 12 -3.09 -5.10 -4.23
N GLN B 13 -3.69 -5.84 -3.30
CA GLN B 13 -3.53 -5.57 -1.92
C GLN B 13 -2.37 -6.30 -1.38
N LYS B 14 -1.81 -7.29 -2.10
CA LYS B 14 -0.62 -7.91 -1.66
C LYS B 14 0.44 -6.91 -1.74
N LYS B 15 0.53 -6.18 -2.87
CA LYS B 15 1.48 -5.14 -2.99
C LYS B 15 1.26 -4.12 -1.99
N ALA B 16 0.03 -3.62 -1.80
CA ALA B 16 -0.24 -2.58 -0.88
C ALA B 16 0.33 -2.83 0.44
N LEU B 17 0.15 -4.01 1.06
CA LEU B 17 0.70 -4.19 2.35
C LEU B 17 2.17 -4.24 2.30
N ASP B 18 2.84 -4.49 1.17
CA ASP B 18 4.25 -4.51 1.16
C ASP B 18 4.81 -3.17 1.34
N LEU B 19 4.03 -2.08 1.31
CA LEU B 19 4.61 -0.81 1.48
C LEU B 19 4.74 -0.51 2.91
N ALA B 20 4.21 -1.29 3.86
CA ALA B 20 4.32 -0.88 5.20
C ALA B 20 5.33 -1.62 5.94
N PHE B 21 5.18 -2.93 6.18
CA PHE B 21 6.10 -3.70 6.94
C PHE B 21 6.89 -2.90 7.88
N TYR B 22 8.21 -2.74 7.71
CA TYR B 22 8.96 -2.01 8.65
C TYR B 22 8.85 -2.74 9.91
N PHE B 23 8.45 -2.14 11.03
CA PHE B 23 8.31 -2.91 12.21
C PHE B 23 6.95 -2.76 12.66
N ASP B 24 6.47 -1.55 12.99
CA ASP B 24 5.11 -1.40 13.33
C ASP B 24 4.54 -0.36 12.49
N ARG B 25 4.70 -0.38 11.16
CA ARG B 25 4.13 0.64 10.36
C ARG B 25 2.68 0.50 10.31
N ARG B 26 2.13 -0.59 9.76
CA ARG B 26 0.73 -0.76 9.74
C ARG B 26 0.42 -2.10 10.23
N LEU B 27 0.72 -2.50 11.48
CA LEU B 27 0.46 -3.84 11.82
C LEU B 27 -0.15 -3.95 13.15
N THR B 28 -0.53 -2.87 13.84
CA THR B 28 -1.10 -3.05 15.12
C THR B 28 -2.55 -2.92 14.97
N PRO B 29 -3.41 -3.22 15.96
CA PRO B 29 -4.81 -3.13 15.82
C PRO B 29 -5.28 -1.88 15.28
N GLU B 30 -4.71 -0.74 15.62
CA GLU B 30 -5.20 0.47 15.10
C GLU B 30 -4.76 0.68 13.72
N TRP B 31 -3.85 -0.11 13.16
CA TRP B 31 -3.48 0.06 11.81
C TRP B 31 -4.00 -1.08 11.04
N ARG B 32 -4.60 -2.09 11.67
CA ARG B 32 -5.19 -3.15 10.93
C ARG B 32 -6.52 -2.66 10.57
N ARG B 33 -7.27 -2.10 11.53
CA ARG B 33 -8.54 -1.54 11.26
C ARG B 33 -8.41 -0.46 10.28
N TYR B 34 -7.40 0.39 10.39
CA TYR B 34 -7.17 1.45 9.48
C TYR B 34 -7.17 0.98 8.10
N LEU B 35 -6.50 -0.14 7.77
CA LEU B 35 -6.49 -0.60 6.43
C LEU B 35 -7.75 -1.24 6.10
N SER B 36 -8.24 -2.19 6.91
CA SER B 36 -9.41 -2.92 6.57
C SER B 36 -10.60 -2.09 6.44
N GLN B 37 -10.64 -0.83 6.89
CA GLN B 37 -11.80 -0.04 6.74
C GLN B 37 -12.13 0.12 5.33
N ARG B 38 -11.17 0.46 4.44
CA ARG B 38 -11.51 0.64 3.09
C ARG B 38 -10.73 -0.25 2.22
N LEU B 39 -9.80 -1.08 2.73
CA LEU B 39 -9.02 -1.90 1.89
C LEU B 39 -9.84 -2.94 1.27
N GLY B 40 -10.72 -3.64 2.01
CA GLY B 40 -11.58 -4.59 1.39
C GLY B 40 -11.54 -5.88 2.06
N LEU B 41 -10.62 -6.16 3.00
CA LEU B 41 -10.63 -7.40 3.66
C LEU B 41 -10.60 -7.17 5.12
N ASN B 42 -10.77 -8.19 5.97
CA ASN B 42 -10.81 -7.97 7.36
C ASN B 42 -9.47 -7.90 7.96
N GLU B 43 -9.35 -7.53 9.24
CA GLU B 43 -8.07 -7.43 9.85
C GLU B 43 -7.41 -8.73 9.86
N GLU B 44 -8.13 -9.85 9.83
CA GLU B 44 -7.52 -11.13 9.80
C GLU B 44 -6.73 -11.25 8.58
N GLN B 45 -7.18 -10.73 7.43
CA GLN B 45 -6.42 -10.89 6.25
C GLN B 45 -5.27 -9.98 6.23
N ILE B 46 -5.18 -8.99 7.13
CA ILE B 46 -4.03 -8.18 7.19
C ILE B 46 -2.99 -8.96 7.84
N GLU B 47 -3.32 -9.64 8.95
CA GLU B 47 -2.38 -10.42 9.64
C GLU B 47 -1.90 -11.53 8.80
N ARG B 48 -2.78 -12.22 8.05
CA ARG B 48 -2.36 -13.30 7.24
C ARG B 48 -1.42 -12.89 6.21
N TRP B 49 -1.74 -11.97 5.28
CA TRP B 49 -0.80 -11.64 4.28
C TRP B 49 0.43 -11.11 4.86
N PHE B 50 0.37 -10.30 5.93
CA PHE B 50 1.53 -9.75 6.53
C PHE B 50 2.48 -10.79 6.92
N ARG B 51 2.10 -11.87 7.60
CA ARG B 51 3.08 -12.78 8.04
C ARG B 51 3.30 -13.86 7.08
N ARG B 52 2.43 -14.10 6.07
CA ARG B 52 2.71 -15.10 5.11
C ARG B 52 3.84 -14.68 4.29
N LYS B 53 3.86 -13.42 3.84
CA LYS B 53 4.91 -12.93 3.04
C LYS B 53 6.22 -13.12 3.67
N GLU B 54 6.35 -13.30 5.00
CA GLU B 54 7.65 -13.42 5.56
C GLU B 54 7.97 -14.80 5.92
N GLN B 55 7.06 -15.58 6.55
CA GLN B 55 7.42 -16.87 6.97
C GLN B 55 7.63 -17.80 5.87
N GLN B 56 7.20 -17.54 4.62
CA GLN B 56 7.44 -18.48 3.60
C GLN B 56 8.83 -18.42 3.16
N ILE B 57 9.61 -17.39 3.53
CA ILE B 57 10.94 -17.28 3.06
C ILE B 57 11.88 -17.44 4.15
N GLY B 58 11.58 -17.02 5.40
CA GLY B 58 12.55 -17.09 6.42
C GLY B 58 12.63 -15.79 7.08
N TRP B 59 11.56 -14.97 6.99
CA TRP B 59 11.50 -13.69 7.58
C TRP B 59 12.44 -12.76 6.96
N SER B 60 12.53 -12.74 5.62
CA SER B 60 13.30 -11.76 4.96
C SER B 60 12.40 -11.12 3.99
N HIS B 61 11.20 -11.69 3.78
CA HIS B 61 10.16 -11.18 2.96
C HIS B 61 10.53 -10.50 1.72
N PRO B 62 11.32 -11.04 0.78
CA PRO B 62 11.61 -10.39 -0.44
C PRO B 62 10.74 -10.85 -1.49
N GLN B 63 9.58 -11.40 -1.24
CA GLN B 63 8.83 -12.01 -2.28
C GLN B 63 8.40 -11.13 -3.37
N PHE B 64 8.63 -9.81 -3.43
CA PHE B 64 8.24 -9.10 -4.58
C PHE B 64 9.40 -8.89 -5.43
N GLU B 65 10.11 -7.75 -5.35
CA GLU B 65 11.24 -7.57 -6.17
C GLU B 65 12.37 -7.18 -5.33
N LYS B 66 12.77 -7.98 -4.34
CA LYS B 66 13.87 -7.59 -3.53
C LYS B 66 14.91 -8.60 -3.60
N MET A 1 -16.26 7.47 -7.78
CA MET A 1 -14.90 6.95 -7.95
C MET A 1 -14.63 6.00 -6.87
N GLU A 2 -14.51 4.69 -7.15
CA GLU A 2 -14.26 3.77 -6.11
C GLU A 2 -12.97 3.12 -6.29
N LYS A 3 -12.66 2.58 -7.49
CA LYS A 3 -11.44 1.88 -7.65
C LYS A 3 -10.52 2.69 -8.44
N ARG A 4 -9.31 2.20 -8.73
CA ARG A 4 -8.34 2.94 -9.44
C ARG A 4 -8.84 3.35 -10.75
N PRO A 5 -9.10 4.64 -11.02
CA PRO A 5 -9.55 5.08 -12.28
C PRO A 5 -8.48 5.02 -13.23
N ARG A 6 -8.66 5.41 -14.47
CA ARG A 6 -7.61 5.31 -15.40
C ARG A 6 -6.42 6.02 -14.94
N THR A 7 -5.34 5.28 -14.61
CA THR A 7 -4.10 5.82 -14.21
C THR A 7 -4.16 7.01 -13.37
N GLU A 8 -4.87 7.03 -12.23
CA GLU A 8 -4.84 8.21 -11.44
C GLU A 8 -5.05 7.92 -10.02
N PHE A 9 -4.90 6.67 -9.58
CA PHE A 9 -4.95 6.25 -8.22
C PHE A 9 -6.12 6.63 -7.43
N SER A 10 -6.79 5.63 -6.81
CA SER A 10 -7.86 5.89 -5.92
C SER A 10 -7.35 5.76 -4.56
N GLU A 11 -8.16 5.83 -3.50
CA GLU A 11 -7.63 5.71 -2.19
C GLU A 11 -7.05 4.38 -1.97
N GLU A 12 -7.43 3.35 -2.73
CA GLU A 12 -6.87 2.07 -2.59
C GLU A 12 -5.45 2.12 -2.94
N GLN A 13 -5.09 2.88 -3.99
CA GLN A 13 -3.77 2.95 -4.44
C GLN A 13 -3.01 3.90 -3.61
N LYS A 14 -3.62 4.99 -3.16
CA LYS A 14 -2.97 5.99 -2.39
C LYS A 14 -2.41 5.45 -1.14
N LYS A 15 -3.04 4.50 -0.46
CA LYS A 15 -2.48 3.97 0.73
C LYS A 15 -1.14 3.40 0.51
N ALA A 16 -0.81 2.81 -0.66
CA ALA A 16 0.49 2.26 -0.82
C ALA A 16 1.47 3.30 -1.10
N LEU A 17 1.08 4.57 -1.32
CA LEU A 17 2.00 5.60 -1.57
C LEU A 17 2.09 6.39 -0.35
N ASP A 18 1.29 6.10 0.69
CA ASP A 18 1.34 6.80 1.91
C ASP A 18 2.36 6.19 2.75
N LEU A 19 2.35 4.85 2.92
CA LEU A 19 3.31 4.18 3.70
C LEU A 19 4.62 4.05 3.04
N ALA A 20 5.04 4.88 2.07
CA ALA A 20 6.27 4.60 1.40
C ALA A 20 7.31 5.61 1.60
N PHE A 21 7.16 6.64 2.45
CA PHE A 21 8.18 7.62 2.60
C PHE A 21 9.39 7.11 3.23
N TYR A 22 10.29 6.41 2.52
CA TYR A 22 11.52 5.96 3.06
C TYR A 22 11.31 5.00 4.13
N PHE A 23 10.49 3.95 3.96
CA PHE A 23 10.33 3.02 5.01
C PHE A 23 10.73 1.69 4.57
N ASP A 24 10.45 1.30 3.32
CA ASP A 24 10.87 0.04 2.86
C ASP A 24 11.98 0.25 1.95
N ARG A 25 12.00 1.38 1.22
CA ARG A 25 13.07 1.69 0.36
C ARG A 25 13.20 3.15 0.37
N ARG A 26 12.76 3.87 -0.67
CA ARG A 26 12.76 5.27 -0.65
C ARG A 26 12.08 5.67 -1.88
N LEU A 27 11.23 6.70 -1.94
CA LEU A 27 10.62 6.99 -3.17
C LEU A 27 11.59 7.53 -4.12
N THR A 28 12.10 6.70 -5.03
CA THR A 28 13.01 7.12 -6.02
C THR A 28 12.46 6.65 -7.29
N PRO A 29 13.01 6.97 -8.48
CA PRO A 29 12.49 6.45 -9.69
C PRO A 29 12.41 5.02 -9.70
N GLU A 30 13.22 4.30 -8.98
CA GLU A 30 13.13 2.89 -8.96
C GLU A 30 11.94 2.49 -8.21
N TRP A 31 11.60 3.13 -7.09
CA TRP A 31 10.44 2.74 -6.39
C TRP A 31 9.26 3.13 -7.15
N ARG A 32 9.31 4.22 -7.95
CA ARG A 32 8.19 4.59 -8.73
C ARG A 32 7.89 3.57 -9.72
N ARG A 33 8.89 3.04 -10.45
CA ARG A 33 8.56 2.07 -11.43
C ARG A 33 8.31 0.78 -10.80
N TYR A 34 8.75 0.51 -9.56
CA TYR A 34 8.44 -0.71 -8.93
C TYR A 34 7.00 -0.77 -8.73
N LEU A 35 6.39 0.30 -8.23
CA LEU A 35 5.01 0.31 -8.00
C LEU A 35 4.26 0.33 -9.26
N SER A 36 4.54 1.24 -10.20
CA SER A 36 3.78 1.37 -11.39
C SER A 36 3.44 0.09 -12.01
N GLN A 37 4.41 -0.81 -12.23
CA GLN A 37 4.14 -2.03 -12.90
C GLN A 37 3.17 -2.83 -12.18
N ARG A 38 3.12 -2.82 -10.85
CA ARG A 38 2.23 -3.67 -10.16
C ARG A 38 1.19 -2.89 -9.49
N LEU A 39 1.11 -1.57 -9.67
CA LEU A 39 0.15 -0.80 -8.97
C LEU A 39 -0.90 -0.43 -9.93
N GLY A 40 -0.58 0.05 -11.14
CA GLY A 40 -1.60 0.31 -12.09
C GLY A 40 -1.55 1.67 -12.62
N LEU A 41 -0.68 2.56 -12.11
CA LEU A 41 -0.61 3.87 -12.66
C LEU A 41 0.78 4.14 -13.01
N ASN A 42 1.12 5.28 -13.63
CA ASN A 42 2.46 5.48 -14.07
C ASN A 42 3.28 6.10 -13.04
N GLU A 43 4.61 6.18 -13.22
CA GLU A 43 5.47 6.76 -12.25
C GLU A 43 5.09 8.13 -11.96
N GLU A 44 4.53 8.88 -12.93
CA GLU A 44 4.13 10.21 -12.68
C GLU A 44 3.08 10.23 -11.66
N GLN A 45 2.18 9.23 -11.63
CA GLN A 45 1.14 9.25 -10.67
C GLN A 45 1.63 8.83 -9.37
N ILE A 46 2.86 8.31 -9.24
CA ILE A 46 3.36 7.98 -7.96
C ILE A 46 3.72 9.25 -7.33
N GLU A 47 4.41 10.14 -8.06
CA GLU A 47 4.81 11.39 -7.53
C GLU A 47 3.66 12.19 -7.13
N ARG A 48 2.52 12.20 -7.84
CA ARG A 48 1.42 12.99 -7.45
C ARG A 48 0.94 12.68 -6.10
N TRP A 49 0.47 11.47 -5.76
CA TRP A 49 0.01 11.29 -4.44
C TRP A 49 1.11 11.34 -3.49
N PHE A 50 2.34 10.95 -3.84
CA PHE A 50 3.41 10.97 -2.91
C PHE A 50 3.61 12.32 -2.39
N ARG A 51 3.68 13.38 -3.22
CA ARG A 51 3.88 14.67 -2.68
C ARG A 51 2.63 15.19 -2.12
N ARG A 52 1.44 14.94 -2.68
CA ARG A 52 0.26 15.45 -2.08
C ARG A 52 -0.01 14.82 -0.79
N LYS A 53 0.59 13.67 -0.43
CA LYS A 53 0.36 13.10 0.84
C LYS A 53 0.95 13.96 1.87
N GLU A 54 2.07 14.65 1.61
CA GLU A 54 2.65 15.47 2.60
C GLU A 54 2.30 16.89 2.39
N GLN A 55 2.54 17.50 1.22
CA GLN A 55 2.33 18.89 1.08
C GLN A 55 0.92 19.26 1.03
N GLN A 56 -0.08 18.36 0.94
CA GLN A 56 -1.41 18.82 0.94
C GLN A 56 -1.77 19.25 2.29
N ILE A 57 -1.26 18.62 3.35
CA ILE A 57 -1.65 19.00 4.65
C ILE A 57 -0.69 19.96 5.21
N GLY A 58 0.57 20.03 4.75
CA GLY A 58 1.46 20.95 5.36
C GLY A 58 2.60 20.24 5.90
N TRP A 59 2.87 18.98 5.49
CA TRP A 59 3.97 18.22 5.95
C TRP A 59 3.66 17.49 7.18
N SER A 60 2.51 17.65 7.86
CA SER A 60 2.26 16.85 8.99
C SER A 60 1.82 15.53 8.53
N HIS A 61 1.45 15.40 7.24
CA HIS A 61 1.14 14.18 6.60
C HIS A 61 0.42 13.14 7.33
N PRO A 62 -0.76 13.32 7.96
CA PRO A 62 -1.44 12.26 8.59
C PRO A 62 -2.40 11.64 7.72
N GLN A 63 -2.33 11.76 6.42
CA GLN A 63 -3.34 11.29 5.53
C GLN A 63 -3.90 9.96 5.77
N PHE A 64 -3.16 8.84 5.61
CA PHE A 64 -3.77 7.59 5.86
C PHE A 64 -3.24 7.02 7.10
N GLU A 65 -2.29 7.67 7.78
CA GLU A 65 -1.79 7.10 8.97
C GLU A 65 -2.53 7.60 10.13
N LYS A 66 -3.44 8.57 9.96
CA LYS A 66 -4.21 9.02 11.06
C LYS A 66 -4.88 7.90 11.70
N MET B 1 -5.38 -14.94 -11.40
CA MET B 1 -5.65 -14.04 -10.28
C MET B 1 -4.97 -12.78 -10.51
N GLU B 2 -5.66 -11.67 -10.78
CA GLU B 2 -4.99 -10.46 -11.02
C GLU B 2 -5.34 -9.46 -10.01
N LYS B 3 -6.62 -9.25 -9.70
CA LYS B 3 -6.95 -8.24 -8.77
C LYS B 3 -7.37 -8.85 -7.51
N ARG B 4 -7.78 -8.06 -6.50
CA ARG B 4 -8.12 -8.59 -5.24
C ARG B 4 -9.22 -9.55 -5.35
N PRO B 5 -9.02 -10.86 -5.13
CA PRO B 5 -10.07 -11.81 -5.20
C PRO B 5 -10.92 -11.68 -4.06
N ARG B 6 -11.94 -12.48 -3.90
CA ARG B 6 -12.79 -12.33 -2.79
C ARG B 6 -12.05 -12.36 -1.53
N THR B 7 -11.96 -11.23 -0.82
CA THR B 7 -11.34 -11.14 0.45
C THR B 7 -10.13 -11.94 0.62
N GLU B 8 -9.09 -11.85 -0.22
CA GLU B 8 -7.94 -12.62 0.05
C GLU B 8 -6.72 -12.00 -0.48
N PHE B 9 -6.75 -10.70 -0.82
CA PHE B 9 -5.63 -9.92 -1.22
C PHE B 9 -4.82 -10.41 -2.33
N SER B 10 -4.63 -9.59 -3.38
CA SER B 10 -3.76 -9.93 -4.45
C SER B 10 -2.51 -9.21 -4.27
N GLU B 11 -1.54 -9.25 -5.20
CA GLU B 11 -0.32 -8.57 -5.02
C GLU B 11 -0.52 -7.12 -4.92
N GLU B 12 -1.62 -6.57 -5.45
CA GLU B 12 -1.92 -5.20 -5.32
C GLU B 12 -2.15 -4.86 -3.92
N GLN B 13 -2.89 -5.70 -3.19
CA GLN B 13 -3.22 -5.42 -1.85
C GLN B 13 -2.09 -5.73 -0.99
N LYS B 14 -1.28 -6.76 -1.29
CA LYS B 14 -0.19 -7.15 -0.49
C LYS B 14 0.78 -6.07 -0.36
N LYS B 15 1.08 -5.28 -1.39
CA LYS B 15 2.00 -4.21 -1.25
C LYS B 15 1.66 -3.32 -0.13
N ALA B 16 0.40 -2.95 0.11
CA ALA B 16 0.12 -2.06 1.17
C ALA B 16 0.31 -2.67 2.48
N LEU B 17 0.47 -3.98 2.62
CA LEU B 17 0.68 -4.54 3.91
C LEU B 17 2.11 -4.77 4.05
N ASP B 18 2.91 -4.76 2.97
CA ASP B 18 4.31 -4.96 3.08
C ASP B 18 4.93 -3.76 3.63
N LEU B 19 4.30 -2.58 3.57
CA LEU B 19 4.89 -1.40 4.05
C LEU B 19 4.27 -1.03 5.33
N ALA B 20 3.57 -1.92 6.06
CA ALA B 20 2.92 -1.51 7.24
C ALA B 20 3.62 -1.92 8.47
N PHE B 21 4.82 -2.51 8.43
CA PHE B 21 5.48 -2.93 9.61
C PHE B 21 5.96 -1.82 10.44
N TYR B 22 5.09 -1.12 11.20
CA TYR B 22 5.51 -0.11 12.09
C TYR B 22 6.18 1.00 11.40
N PHE B 23 5.63 1.56 10.32
CA PHE B 23 6.27 2.65 9.71
C PHE B 23 5.39 3.81 9.72
N ASP B 24 4.08 3.66 9.49
CA ASP B 24 3.21 4.76 9.54
C ASP B 24 2.53 4.71 10.83
N ARG B 25 2.22 3.52 11.33
CA ARG B 25 1.58 3.38 12.58
C ARG B 25 2.08 2.15 13.17
N ARG B 26 1.35 1.04 13.19
CA ARG B 26 1.85 -0.18 13.67
C ARG B 26 0.82 -1.17 13.37
N LEU B 27 1.10 -2.40 12.92
CA LEU B 27 0.03 -3.28 12.65
C LEU B 27 -0.60 -3.71 13.90
N THR B 28 -1.74 -3.11 14.27
CA THR B 28 -2.46 -3.47 15.42
C THR B 28 -3.84 -3.66 14.97
N PRO B 29 -4.80 -4.11 15.79
CA PRO B 29 -6.14 -4.24 15.35
C PRO B 29 -6.67 -3.02 14.81
N GLU B 30 -6.22 -1.86 15.22
CA GLU B 30 -6.71 -0.65 14.68
C GLU B 30 -6.22 -0.50 13.31
N TRP B 31 -4.96 -0.83 13.01
CA TRP B 31 -4.50 -0.69 11.69
C TRP B 31 -5.12 -1.70 10.84
N ARG B 32 -5.48 -2.88 11.37
CA ARG B 32 -6.10 -3.88 10.59
C ARG B 32 -7.42 -3.40 10.15
N ARG B 33 -8.25 -2.82 11.03
CA ARG B 33 -9.52 -2.40 10.58
C ARG B 33 -9.40 -1.16 9.81
N TYR B 34 -8.32 -0.39 9.92
CA TYR B 34 -8.19 0.78 9.15
C TYR B 34 -8.10 0.39 7.75
N LEU B 35 -7.25 -0.60 7.43
CA LEU B 35 -7.12 -1.03 6.10
C LEU B 35 -8.33 -1.72 5.65
N SER B 36 -8.87 -2.72 6.37
CA SER B 36 -9.97 -3.49 5.91
C SER B 36 -11.02 -2.69 5.30
N GLN B 37 -11.51 -1.62 5.96
CA GLN B 37 -12.57 -0.86 5.44
C GLN B 37 -12.24 -0.26 4.14
N ARG B 38 -11.00 0.13 3.86
CA ARG B 38 -10.72 0.78 2.64
C ARG B 38 -9.85 -0.06 1.81
N LEU B 39 -9.53 -1.30 2.18
CA LEU B 39 -8.66 -2.09 1.40
C LEU B 39 -9.46 -3.09 0.70
N GLY B 40 -10.41 -3.79 1.35
CA GLY B 40 -11.24 -4.68 0.64
C GLY B 40 -11.24 -6.02 1.22
N LEU B 41 -10.41 -6.34 2.22
CA LEU B 41 -10.45 -7.63 2.80
C LEU B 41 -10.62 -7.49 4.24
N ASN B 42 -10.77 -8.57 5.03
CA ASN B 42 -11.05 -8.41 6.41
C ASN B 42 -9.82 -8.33 7.20
N GLU B 43 -9.90 -7.98 8.50
CA GLU B 43 -8.75 -7.87 9.31
C GLU B 43 -8.01 -9.12 9.35
N GLU B 44 -8.67 -10.28 9.23
CA GLU B 44 -7.98 -11.51 9.25
C GLU B 44 -7.08 -11.58 8.10
N GLN B 45 -7.43 -11.02 6.93
CA GLN B 45 -6.58 -11.12 5.81
C GLN B 45 -5.48 -10.15 5.91
N ILE B 46 -5.50 -9.20 6.86
CA ILE B 46 -4.41 -8.33 7.01
C ILE B 46 -3.36 -9.11 7.66
N GLU B 47 -3.70 -9.87 8.71
CA GLU B 47 -2.74 -10.65 9.39
C GLU B 47 -2.13 -11.66 8.52
N ARG B 48 -2.85 -12.29 7.58
CA ARG B 48 -2.25 -13.28 6.75
C ARG B 48 -1.14 -12.74 5.97
N TRP B 49 -1.28 -11.73 5.10
CA TRP B 49 -0.13 -11.32 4.38
C TRP B 49 0.84 -10.67 5.26
N PHE B 50 0.44 -9.98 6.32
CA PHE B 50 1.36 -9.33 7.18
C PHE B 50 2.33 -10.28 7.70
N ARG B 51 1.93 -11.44 8.24
CA ARG B 51 2.90 -12.34 8.76
C ARG B 51 3.55 -13.08 7.67
N ARG B 52 2.90 -13.46 6.57
CA ARG B 52 3.58 -14.15 5.53
C ARG B 52 4.54 -13.28 4.86
N LYS B 53 4.51 -11.94 5.00
CA LYS B 53 5.48 -11.12 4.41
C LYS B 53 6.76 -11.34 5.07
N GLU B 54 6.81 -11.61 6.38
CA GLU B 54 8.04 -11.81 7.03
C GLU B 54 8.35 -13.23 7.19
N GLN B 55 7.50 -14.07 7.80
CA GLN B 55 7.88 -15.41 8.06
C GLN B 55 7.90 -16.26 6.86
N GLN B 56 7.44 -15.86 5.67
CA GLN B 56 7.54 -16.74 4.56
C GLN B 56 8.95 -16.86 4.17
N ILE B 57 9.74 -15.78 4.23
CA ILE B 57 11.08 -15.84 3.78
C ILE B 57 11.97 -16.13 4.89
N GLY B 58 11.62 -15.89 6.17
CA GLY B 58 12.55 -16.17 7.18
C GLY B 58 12.86 -14.96 7.93
N TRP B 59 12.06 -13.89 7.82
CA TRP B 59 12.26 -12.67 8.50
C TRP B 59 13.16 -11.78 7.76
N SER B 60 13.79 -12.15 6.63
CA SER B 60 14.55 -11.19 5.92
C SER B 60 13.63 -10.34 5.17
N HIS B 61 12.37 -10.77 5.00
CA HIS B 61 11.30 -10.02 4.44
C HIS B 61 11.58 -9.13 3.30
N PRO B 62 12.17 -9.53 2.16
CA PRO B 62 12.34 -8.65 1.06
C PRO B 62 11.21 -8.68 0.16
N GLN B 63 10.10 -9.30 0.48
CA GLN B 63 9.04 -9.52 -0.43
C GLN B 63 8.78 -8.45 -1.40
N PHE B 64 8.28 -7.25 -1.03
CA PHE B 64 8.05 -6.27 -2.02
C PHE B 64 9.01 -5.17 -1.90
N GLU B 65 9.96 -5.20 -0.95
CA GLU B 65 10.88 -4.14 -0.83
C GLU B 65 12.13 -4.50 -1.48
N LYS B 66 12.27 -5.73 -2.03
CA LYS B 66 13.44 -6.10 -2.71
C LYS B 66 13.73 -5.15 -3.79
N MET A 1 -14.37 -0.33 -12.61
CA MET A 1 -15.06 -0.22 -11.32
C MET A 1 -14.15 -0.58 -10.23
N GLU A 2 -12.83 -0.59 -10.43
CA GLU A 2 -11.94 -0.91 -9.37
C GLU A 2 -11.37 0.31 -8.80
N LYS A 3 -11.95 1.51 -9.02
CA LYS A 3 -11.42 2.72 -8.53
C LYS A 3 -10.09 2.96 -9.07
N ARG A 4 -9.86 2.71 -10.36
CA ARG A 4 -8.62 2.98 -10.99
C ARG A 4 -8.89 3.23 -12.41
N PRO A 5 -9.62 4.30 -12.78
CA PRO A 5 -9.98 4.56 -14.11
C PRO A 5 -8.89 5.02 -14.94
N ARG A 6 -8.23 6.13 -14.71
CA ARG A 6 -7.23 6.53 -15.63
C ARG A 6 -5.91 6.57 -15.01
N THR A 7 -5.35 5.47 -14.50
CA THR A 7 -4.03 5.43 -13.99
C THR A 7 -3.64 6.65 -13.27
N GLU A 8 -4.39 7.14 -12.27
CA GLU A 8 -3.99 8.33 -11.63
C GLU A 8 -4.09 8.22 -10.18
N PHE A 9 -3.30 7.37 -9.51
CA PHE A 9 -3.32 7.23 -8.10
C PHE A 9 -4.68 7.37 -7.55
N SER A 10 -5.68 6.64 -8.05
CA SER A 10 -7.01 6.79 -7.59
C SER A 10 -7.20 6.13 -6.31
N GLU A 11 -8.37 6.21 -5.69
CA GLU A 11 -8.60 5.65 -4.40
C GLU A 11 -8.05 4.31 -4.22
N GLU A 12 -8.22 3.34 -5.14
CA GLU A 12 -7.71 2.04 -4.91
C GLU A 12 -6.25 2.04 -4.83
N GLN A 13 -5.57 3.05 -5.41
CA GLN A 13 -4.17 3.09 -5.46
C GLN A 13 -3.62 4.06 -4.50
N LYS A 14 -4.43 4.81 -3.74
CA LYS A 14 -3.90 5.72 -2.80
C LYS A 14 -3.49 4.99 -1.61
N LYS A 15 -4.30 4.04 -1.13
CA LYS A 15 -4.04 3.27 0.02
C LYS A 15 -2.66 2.84 0.14
N ALA A 16 -2.03 2.27 -0.91
CA ALA A 16 -0.70 1.81 -0.81
C ALA A 16 0.23 2.90 -0.53
N LEU A 17 0.08 4.09 -1.14
CA LEU A 17 0.99 5.14 -0.92
C LEU A 17 0.61 5.88 0.28
N ASP A 18 -0.54 5.62 0.90
CA ASP A 18 -0.89 6.30 2.09
C ASP A 18 -0.25 5.61 3.19
N LEU A 19 -0.38 4.28 3.27
CA LEU A 19 0.29 3.53 4.25
C LEU A 19 1.71 3.81 4.19
N ALA A 20 2.31 3.77 3.00
CA ALA A 20 3.70 4.01 2.85
C ALA A 20 4.10 5.39 3.16
N PHE A 21 3.74 6.37 2.31
CA PHE A 21 4.08 7.73 2.50
C PHE A 21 5.40 7.95 3.08
N TYR A 22 6.50 7.37 2.56
CA TYR A 22 7.78 7.60 3.13
C TYR A 22 8.77 6.91 2.31
N PHE A 23 10.06 7.31 2.34
CA PHE A 23 11.04 6.74 1.51
C PHE A 23 11.57 5.48 2.06
N ASP A 24 10.76 4.43 2.30
CA ASP A 24 11.27 3.24 2.83
C ASP A 24 10.90 2.10 1.99
N ARG A 25 11.59 1.88 0.86
CA ARG A 25 11.29 0.88 -0.10
C ARG A 25 10.20 1.33 -0.96
N ARG A 26 10.08 2.64 -1.25
CA ARG A 26 9.07 3.12 -2.11
C ARG A 26 9.34 4.53 -2.39
N LEU A 27 8.93 5.06 -3.56
CA LEU A 27 9.13 6.43 -3.90
C LEU A 27 10.51 6.72 -4.29
N THR A 28 11.53 5.87 -4.07
CA THR A 28 12.82 6.24 -4.48
C THR A 28 13.04 5.64 -5.79
N PRO A 29 14.05 6.02 -6.59
CA PRO A 29 14.23 5.49 -7.89
C PRO A 29 14.21 4.06 -7.95
N GLU A 30 14.86 3.34 -7.06
CA GLU A 30 14.87 1.93 -7.16
C GLU A 30 13.54 1.36 -6.96
N TRP A 31 12.66 1.89 -6.09
CA TRP A 31 11.39 1.28 -5.93
C TRP A 31 10.32 2.14 -6.42
N ARG A 32 10.56 3.21 -7.19
CA ARG A 32 9.47 3.95 -7.69
C ARG A 32 8.85 3.16 -8.75
N ARG A 33 9.64 2.53 -9.64
CA ARG A 33 9.07 1.70 -10.63
C ARG A 33 8.53 0.49 -10.04
N TYR A 34 8.96 0.08 -8.83
CA TYR A 34 8.41 -1.03 -8.18
C TYR A 34 7.01 -0.74 -7.88
N LEU A 35 6.68 0.45 -7.36
CA LEU A 35 5.33 0.77 -7.13
C LEU A 35 4.59 0.82 -8.39
N SER A 36 5.07 1.47 -9.45
CA SER A 36 4.32 1.55 -10.65
C SER A 36 4.22 0.26 -11.33
N GLN A 37 4.96 -0.80 -10.95
CA GLN A 37 4.84 -2.04 -11.63
C GLN A 37 3.53 -2.63 -11.41
N ARG A 38 3.02 -2.68 -10.17
CA ARG A 38 1.77 -3.30 -9.95
C ARG A 38 0.77 -2.35 -9.46
N LEU A 39 1.05 -1.05 -9.29
CA LEU A 39 0.04 -0.18 -8.81
C LEU A 39 -0.84 0.21 -9.90
N GLY A 40 -0.33 0.63 -11.07
CA GLY A 40 -1.21 0.94 -12.15
C GLY A 40 -0.96 2.27 -12.69
N LEU A 41 -0.12 3.13 -12.09
CA LEU A 41 0.14 4.40 -12.67
C LEU A 41 1.58 4.56 -12.82
N ASN A 42 2.10 5.61 -13.48
CA ASN A 42 3.49 5.72 -13.70
C ASN A 42 4.22 6.24 -12.55
N GLU A 43 5.56 6.21 -12.59
CA GLU A 43 6.37 6.67 -11.52
C GLU A 43 6.02 8.05 -11.15
N GLU A 44 5.83 8.98 -12.09
CA GLU A 44 5.54 10.31 -11.72
C GLU A 44 4.25 10.40 -11.01
N GLN A 45 3.32 9.45 -11.09
CA GLN A 45 2.11 9.59 -10.39
C GLN A 45 2.28 9.18 -9.00
N ILE A 46 3.43 8.59 -8.64
CA ILE A 46 3.68 8.22 -7.29
C ILE A 46 4.04 9.46 -6.61
N GLU A 47 4.96 10.25 -7.20
CA GLU A 47 5.37 11.46 -6.60
C GLU A 47 4.26 12.42 -6.54
N ARG A 48 3.20 12.33 -7.34
CA ARG A 48 2.15 13.27 -7.21
C ARG A 48 1.32 12.94 -6.05
N TRP A 49 0.98 11.68 -5.74
CA TRP A 49 0.18 11.47 -4.59
C TRP A 49 0.92 11.88 -3.40
N PHE A 50 2.24 11.67 -3.30
CA PHE A 50 2.97 12.13 -2.19
C PHE A 50 2.91 13.59 -2.10
N ARG A 51 3.04 14.32 -3.22
CA ARG A 51 3.01 15.73 -3.16
C ARG A 51 1.70 16.21 -2.73
N ARG A 52 0.57 15.57 -3.06
CA ARG A 52 -0.68 16.07 -2.64
C ARG A 52 -0.87 15.79 -1.23
N LYS A 53 -0.33 14.68 -0.69
CA LYS A 53 -0.50 14.39 0.68
C LYS A 53 0.12 15.41 1.52
N GLU A 54 1.23 16.05 1.11
CA GLU A 54 1.83 17.00 1.97
C GLU A 54 1.45 18.38 1.68
N GLN A 55 1.62 18.96 0.49
CA GLN A 55 1.38 20.35 0.35
C GLN A 55 -0.04 20.70 0.33
N GLN A 56 -1.00 19.77 0.36
CA GLN A 56 -2.36 20.17 0.34
C GLN A 56 -2.71 20.89 1.57
N ILE A 57 -2.30 20.45 2.77
CA ILE A 57 -2.69 21.17 3.92
C ILE A 57 -1.60 21.99 4.42
N GLY A 58 -0.33 21.80 4.03
CA GLY A 58 0.69 22.57 4.62
C GLY A 58 1.74 21.72 5.17
N TRP A 59 1.88 20.46 4.71
CA TRP A 59 2.92 19.57 5.10
C TRP A 59 2.65 18.78 6.30
N SER A 60 1.60 18.99 7.12
CA SER A 60 1.46 18.13 8.23
C SER A 60 0.86 16.85 7.82
N HIS A 61 0.42 16.69 6.55
CA HIS A 61 -0.08 15.47 6.02
C HIS A 61 -0.89 14.65 6.92
N PRO A 62 -1.98 15.13 7.53
CA PRO A 62 -2.78 14.33 8.38
C PRO A 62 -3.79 13.63 7.62
N GLN A 63 -3.81 13.69 6.31
CA GLN A 63 -4.82 13.06 5.57
C GLN A 63 -4.66 11.60 5.50
N PHE A 64 -4.76 10.83 6.59
CA PHE A 64 -4.69 9.43 6.47
C PHE A 64 -6.03 8.97 6.12
N GLU A 65 -7.07 9.41 6.85
CA GLU A 65 -8.38 9.01 6.54
C GLU A 65 -9.16 10.19 6.16
N LYS A 66 -8.56 11.39 6.11
CA LYS A 66 -9.30 12.54 5.76
C LYS A 66 -8.84 13.03 4.47
N MET B 1 -12.55 -8.88 -11.39
CA MET B 1 -11.34 -8.82 -12.20
C MET B 1 -10.42 -7.81 -11.66
N GLU B 2 -10.56 -7.39 -10.40
CA GLU B 2 -9.65 -6.45 -9.86
C GLU B 2 -8.66 -7.14 -9.02
N LYS B 3 -8.48 -8.47 -9.14
CA LYS B 3 -7.59 -9.20 -8.32
C LYS B 3 -7.98 -9.10 -6.92
N ARG B 4 -9.27 -9.23 -6.59
CA ARG B 4 -9.70 -9.24 -5.24
C ARG B 4 -10.93 -10.02 -5.17
N PRO B 5 -10.90 -11.34 -5.44
CA PRO B 5 -12.05 -12.16 -5.46
C PRO B 5 -12.60 -12.44 -4.16
N ARG B 6 -11.93 -13.08 -3.24
CA ARG B 6 -12.57 -13.36 -2.01
C ARG B 6 -11.89 -12.73 -0.89
N THR B 7 -11.80 -11.39 -0.81
CA THR B 7 -11.26 -10.71 0.31
C THR B 7 -10.11 -11.40 0.90
N GLU B 8 -9.04 -11.76 0.17
CA GLU B 8 -7.99 -12.45 0.79
C GLU B 8 -6.68 -11.92 0.41
N PHE B 9 -6.33 -10.67 0.77
CA PHE B 9 -5.06 -10.10 0.48
C PHE B 9 -4.52 -10.54 -0.81
N SER B 10 -5.26 -10.42 -1.92
CA SER B 10 -4.78 -10.86 -3.17
C SER B 10 -3.85 -9.89 -3.73
N GLU B 11 -3.24 -10.14 -4.89
CA GLU B 11 -2.26 -9.27 -5.45
C GLU B 11 -2.60 -7.86 -5.31
N GLU B 12 -3.74 -7.40 -5.85
CA GLU B 12 -4.15 -6.05 -5.73
C GLU B 12 -3.99 -5.50 -4.38
N GLN B 13 -4.17 -6.29 -3.32
CA GLN B 13 -4.13 -5.83 -1.99
C GLN B 13 -2.87 -6.16 -1.32
N LYS B 14 -1.98 -6.97 -1.91
CA LYS B 14 -0.75 -7.28 -1.26
C LYS B 14 0.13 -6.12 -1.33
N LYS B 15 0.21 -5.45 -2.49
CA LYS B 15 1.03 -4.32 -2.70
C LYS B 15 1.03 -3.38 -1.58
N ALA B 16 -0.12 -2.98 -1.02
CA ALA B 16 -0.13 -2.05 0.04
C ALA B 16 0.55 -2.58 1.22
N LEU B 17 0.40 -3.86 1.57
CA LEU B 17 1.03 -4.39 2.71
C LEU B 17 2.40 -4.79 2.41
N ASP B 18 2.85 -4.77 1.14
CA ASP B 18 4.17 -5.12 0.83
C ASP B 18 4.98 -3.92 1.03
N LEU B 19 4.57 -2.77 0.46
CA LEU B 19 5.25 -1.56 0.68
C LEU B 19 5.36 -1.32 2.10
N ALA B 20 4.26 -1.46 2.86
CA ALA B 20 4.26 -1.22 4.25
C ALA B 20 5.06 -2.19 4.99
N PHE B 21 4.61 -3.44 5.12
CA PHE B 21 5.27 -4.47 5.84
C PHE B 21 5.96 -4.00 7.05
N TYR B 22 5.32 -3.27 7.97
CA TYR B 22 5.99 -2.83 9.13
C TYR B 22 5.02 -2.15 9.99
N PHE B 23 5.26 -2.03 11.31
CA PHE B 23 4.32 -1.44 12.19
C PHE B 23 4.40 0.01 12.19
N ASP B 24 4.20 0.72 11.07
CA ASP B 24 4.29 2.13 11.07
C ASP B 24 3.08 2.71 10.51
N ARG B 25 1.97 2.78 11.27
CA ARG B 25 0.71 3.25 10.84
C ARG B 25 0.02 2.18 10.11
N ARG B 26 0.22 0.90 10.47
CA ARG B 26 -0.46 -0.15 9.82
C ARG B 26 -0.20 -1.40 10.56
N LEU B 27 -1.11 -2.38 10.55
CA LEU B 27 -0.93 -3.62 11.23
C LEU B 27 -1.11 -3.51 12.68
N THR B 28 -1.16 -2.33 13.33
CA THR B 28 -1.35 -2.32 14.73
C THR B 28 -2.78 -2.15 14.96
N PRO B 29 -3.34 -2.39 16.15
CA PRO B 29 -4.73 -2.26 16.39
C PRO B 29 -5.30 -1.04 15.93
N GLU B 30 -4.70 0.11 16.15
CA GLU B 30 -5.30 1.32 15.74
C GLU B 30 -5.38 1.41 14.28
N TRP B 31 -4.41 0.92 13.49
CA TRP B 31 -4.54 1.06 12.09
C TRP B 31 -4.72 -0.23 11.43
N ARG B 32 -5.07 -1.33 12.12
CA ARG B 32 -5.30 -2.53 11.41
C ARG B 32 -6.60 -2.39 10.74
N ARG B 33 -7.63 -1.87 11.42
CA ARG B 33 -8.87 -1.66 10.78
C ARG B 33 -8.77 -0.58 9.79
N TYR B 34 -7.76 0.31 9.87
CA TYR B 34 -7.58 1.31 8.90
C TYR B 34 -7.26 0.69 7.63
N LEU B 35 -6.45 -0.38 7.60
CA LEU B 35 -6.17 -1.05 6.39
C LEU B 35 -7.37 -1.75 5.92
N SER B 36 -8.06 -2.54 6.75
CA SER B 36 -9.18 -3.26 6.28
C SER B 36 -10.29 -2.38 5.90
N GLN B 37 -10.31 -1.08 6.23
CA GLN B 37 -11.37 -0.24 5.85
C GLN B 37 -11.41 -0.10 4.39
N ARG B 38 -10.28 0.14 3.70
CA ARG B 38 -10.34 0.33 2.31
C ARG B 38 -9.60 -0.71 1.59
N LEU B 39 -9.01 -1.72 2.23
CA LEU B 39 -8.29 -2.68 1.49
C LEU B 39 -9.20 -3.70 0.96
N GLY B 40 -10.14 -4.25 1.75
CA GLY B 40 -11.06 -5.17 1.22
C GLY B 40 -11.07 -6.43 1.97
N LEU B 41 -10.17 -6.69 2.92
CA LEU B 41 -10.24 -7.89 3.66
C LEU B 41 -10.25 -7.55 5.08
N ASN B 42 -10.44 -8.50 6.01
CA ASN B 42 -10.55 -8.17 7.38
C ASN B 42 -9.26 -7.99 8.03
N GLU B 43 -9.24 -7.50 9.28
CA GLU B 43 -8.05 -7.27 10.00
C GLU B 43 -7.21 -8.48 10.06
N GLU B 44 -7.76 -9.67 10.33
CA GLU B 44 -6.94 -10.81 10.41
C GLU B 44 -6.31 -11.13 9.13
N GLN B 45 -6.78 -10.65 7.96
CA GLN B 45 -6.13 -11.00 6.75
C GLN B 45 -4.98 -10.11 6.56
N ILE B 46 -4.80 -9.06 7.37
CA ILE B 46 -3.67 -8.23 7.27
C ILE B 46 -2.58 -8.96 7.90
N GLU B 47 -2.81 -9.51 9.10
CA GLU B 47 -1.81 -10.24 9.78
C GLU B 47 -1.43 -11.44 9.03
N ARG B 48 -2.26 -12.02 8.16
CA ARG B 48 -1.85 -13.18 7.46
C ARG B 48 -0.93 -12.81 6.38
N TRP B 49 -1.11 -11.73 5.61
CA TRP B 49 -0.16 -11.44 4.61
C TRP B 49 1.14 -11.16 5.21
N PHE B 50 1.22 -10.47 6.36
CA PHE B 50 2.45 -10.25 7.01
C PHE B 50 3.05 -11.53 7.39
N ARG B 51 2.29 -12.48 7.94
CA ARG B 51 2.85 -13.71 8.34
C ARG B 51 3.37 -14.46 7.20
N ARG B 52 2.78 -14.40 6.00
CA ARG B 52 3.29 -15.17 4.93
C ARG B 52 4.50 -14.53 4.42
N LYS B 53 4.62 -13.19 4.48
CA LYS B 53 5.78 -12.55 4.00
C LYS B 53 6.96 -12.96 4.76
N GLU B 54 6.87 -13.25 6.07
CA GLU B 54 8.02 -13.59 6.79
C GLU B 54 8.25 -15.03 6.93
N GLN B 55 7.35 -15.86 7.47
CA GLN B 55 7.72 -17.20 7.71
C GLN B 55 7.76 -18.03 6.50
N GLN B 56 7.41 -17.55 5.30
CA GLN B 56 7.49 -18.39 4.17
C GLN B 56 8.86 -18.75 3.87
N ILE B 57 9.84 -17.84 3.90
CA ILE B 57 11.16 -18.24 3.58
C ILE B 57 11.96 -18.40 4.78
N GLY B 58 11.59 -17.90 5.96
CA GLY B 58 12.47 -18.02 7.05
C GLY B 58 12.72 -16.72 7.67
N TRP B 59 11.84 -15.72 7.48
CA TRP B 59 11.93 -14.44 8.10
C TRP B 59 12.76 -13.46 7.39
N SER B 60 13.54 -13.76 6.34
CA SER B 60 14.26 -12.69 5.74
C SER B 60 13.39 -11.92 4.86
N HIS B 61 12.13 -12.35 4.61
CA HIS B 61 11.16 -11.64 3.84
C HIS B 61 11.66 -10.93 2.67
N PRO B 62 12.37 -11.54 1.70
CA PRO B 62 12.81 -10.85 0.55
C PRO B 62 11.82 -10.84 -0.48
N GLN B 63 10.62 -11.32 -0.25
CA GLN B 63 9.65 -11.38 -1.28
C GLN B 63 9.07 -10.07 -1.58
N PHE B 64 9.79 -9.07 -2.10
CA PHE B 64 9.16 -7.87 -2.47
C PHE B 64 8.63 -8.07 -3.81
N GLU B 65 9.43 -8.58 -4.76
CA GLU B 65 8.95 -8.81 -6.07
C GLU B 65 9.00 -10.23 -6.34
N LYS B 66 9.42 -11.09 -5.40
CA LYS B 66 9.49 -12.46 -5.66
C LYS B 66 8.48 -13.16 -4.85
#